data_8E5P
#
_entry.id   8E5P
#
loop_
_entity.id
_entity.type
_entity.pdbx_description
1 polymer 'RNA with 24 nt long spacer'
2 polymer 'Transcription termination factor Rho'
3 non-polymer "ADENOSINE-5'-DIPHOSPHATE"
4 non-polymer 'MAGNESIUM ION'
5 non-polymer 'BERYLLIUM TRIFLUORIDE ION'
#
loop_
_entity_poly.entity_id
_entity_poly.type
_entity_poly.pdbx_seq_one_letter_code
_entity_poly.pdbx_strand_id
1 'polyribonucleotide' AUGUUUUUUUUUUUUUUUUUUUUUUUUGAUUUGGUGAGAGG 7
2 'polypeptide(L)'
;MNLTELKNTPVSELITLGENMGLENLARMRKQDIIFAILKQHAKSGEDIFGDGVLEILQDGFGFLRSADSSYLAGPDDIY
VSPSQIRRFNLRTGDTISGKIRPPKEGERYFALLKVNEVNFDKPENARNKILFENLTPLHANSRLRMERGNGSTEDLTAR
VLDLASPIGRGQRGLIVAPPKAGKTMLLQNIAQSIAYNHPDCVLMVLLIDERPEEVTEMQRLVKGEVVASTFDEPASRHV
QVAEMVIEKAKRLVEHKKDVIILLDSITRLARAYNTVVPASGKVLTGGVDANALHRPKRFFGAARNVEEGGSLTIIATAL
IDTGSKMDEVIYEEFKGTGNMELHLSRKIAEKRVFPAIDYNRSGTRKEELLTTQEELQKMWILRKIIHPMGEIDAMEFLI
NKLAMTKTNDDFFEMMKRS
;
e,f,c,b,a,d
#
loop_
_chem_comp.id
_chem_comp.type
_chem_comp.name
_chem_comp.formula
A RNA linking ADENOSINE-5'-MONOPHOSPHATE 'C10 H14 N5 O7 P'
ADP non-polymer ADENOSINE-5'-DIPHOSPHATE 'C10 H15 N5 O10 P2'
BEF non-polymer 'BERYLLIUM TRIFLUORIDE ION' 'Be F3 -1'
G RNA linking GUANOSINE-5'-MONOPHOSPHATE 'C10 H14 N5 O8 P'
MG non-polymer 'MAGNESIUM ION' 'Mg 2'
U RNA linking URIDINE-5'-MONOPHOSPHATE 'C9 H13 N2 O9 P'
#
# COMPACT_ATOMS: atom_id res chain seq x y z
N MET B 1 -57.14 -23.76 14.05
CA MET B 1 -56.52 -23.51 12.75
C MET B 1 -55.39 -22.50 12.86
N ASN B 2 -54.18 -23.00 13.14
CA ASN B 2 -52.99 -22.17 13.27
C ASN B 2 -51.97 -22.55 12.21
N LEU B 3 -51.20 -21.57 11.76
CA LEU B 3 -50.23 -21.81 10.70
C LEU B 3 -49.08 -22.68 11.21
N THR B 4 -48.55 -22.35 12.39
CA THR B 4 -47.42 -23.11 12.93
C THR B 4 -47.80 -24.54 13.25
N GLU B 5 -49.06 -24.77 13.66
CA GLU B 5 -49.51 -26.13 13.93
C GLU B 5 -49.50 -26.99 12.66
N LEU B 6 -49.93 -26.41 11.53
CA LEU B 6 -49.89 -27.14 10.27
C LEU B 6 -48.46 -27.25 9.75
N LYS B 7 -47.60 -26.30 10.09
CA LYS B 7 -46.20 -26.39 9.69
C LYS B 7 -45.44 -27.47 10.46
N ASN B 8 -45.83 -27.73 11.71
CA ASN B 8 -45.16 -28.76 12.50
C ASN B 8 -45.63 -30.16 12.14
N THR B 9 -46.80 -30.29 11.53
CA THR B 9 -47.31 -31.59 11.15
C THR B 9 -46.44 -32.20 10.04
N PRO B 10 -46.32 -33.53 10.01
CA PRO B 10 -45.52 -34.16 8.96
C PRO B 10 -46.21 -34.11 7.61
N VAL B 11 -45.48 -34.57 6.59
CA VAL B 11 -45.98 -34.50 5.22
C VAL B 11 -47.06 -35.56 4.99
N SER B 12 -46.87 -36.75 5.57
CA SER B 12 -47.80 -37.85 5.33
C SER B 12 -49.18 -37.54 5.86
N GLU B 13 -49.26 -37.02 7.10
CA GLU B 13 -50.56 -36.69 7.68
C GLU B 13 -51.25 -35.56 6.91
N LEU B 14 -50.48 -34.59 6.43
CA LEU B 14 -51.07 -33.51 5.64
C LEU B 14 -51.60 -34.03 4.31
N ILE B 15 -50.86 -34.93 3.67
CA ILE B 15 -51.34 -35.54 2.42
C ILE B 15 -52.61 -36.32 2.67
N THR B 16 -52.65 -37.09 3.77
CA THR B 16 -53.84 -37.86 4.09
C THR B 16 -55.03 -36.95 4.35
N LEU B 17 -54.82 -35.86 5.10
CA LEU B 17 -55.91 -34.92 5.38
C LEU B 17 -56.42 -34.27 4.10
N GLY B 18 -55.49 -33.88 3.22
CA GLY B 18 -55.90 -33.27 1.96
C GLY B 18 -56.65 -34.23 1.07
N GLU B 19 -56.24 -35.50 1.04
CA GLU B 19 -56.98 -36.49 0.26
C GLU B 19 -58.35 -36.75 0.86
N ASN B 20 -58.48 -36.71 2.19
CA ASN B 20 -59.79 -36.85 2.81
C ASN B 20 -60.68 -35.65 2.54
N MET B 21 -60.09 -34.45 2.41
CA MET B 21 -60.89 -33.27 2.13
C MET B 21 -61.40 -33.25 0.69
N GLY B 22 -60.86 -34.11 -0.18
CA GLY B 22 -61.31 -34.19 -1.54
C GLY B 22 -60.79 -33.07 -2.43
N LEU B 23 -59.47 -33.02 -2.61
CA LEU B 23 -58.82 -32.03 -3.44
C LEU B 23 -57.95 -32.74 -4.48
N GLU B 24 -57.17 -31.95 -5.21
CA GLU B 24 -56.25 -32.50 -6.20
C GLU B 24 -55.18 -33.34 -5.51
N ASN B 25 -54.58 -34.26 -6.28
CA ASN B 25 -53.55 -35.15 -5.77
C ASN B 25 -52.41 -34.37 -5.11
N LEU B 26 -52.23 -34.60 -3.81
CA LEU B 26 -51.24 -33.87 -3.03
C LEU B 26 -49.90 -34.60 -2.91
N ALA B 27 -49.81 -35.81 -3.44
CA ALA B 27 -48.54 -36.54 -3.39
C ALA B 27 -47.46 -35.82 -4.21
N ARG B 28 -47.81 -35.36 -5.40
CA ARG B 28 -46.91 -34.56 -6.23
C ARG B 28 -47.12 -33.07 -5.99
N MET B 29 -47.07 -32.66 -4.73
CA MET B 29 -47.27 -31.26 -4.37
C MET B 29 -46.37 -30.91 -3.20
N ARG B 30 -46.01 -29.62 -3.12
CA ARG B 30 -45.20 -29.14 -2.02
C ARG B 30 -46.02 -29.07 -0.74
N LYS B 31 -45.32 -29.17 0.40
CA LYS B 31 -46.00 -29.11 1.69
C LYS B 31 -46.68 -27.77 1.90
N GLN B 32 -46.03 -26.69 1.47
CA GLN B 32 -46.63 -25.36 1.60
C GLN B 32 -47.89 -25.24 0.75
N ASP B 33 -47.85 -25.80 -0.47
CA ASP B 33 -49.04 -25.78 -1.32
C ASP B 33 -50.14 -26.65 -0.72
N ILE B 34 -49.78 -27.76 -0.08
CA ILE B 34 -50.76 -28.61 0.59
C ILE B 34 -51.44 -27.83 1.71
N ILE B 35 -50.65 -27.14 2.53
CA ILE B 35 -51.21 -26.35 3.62
C ILE B 35 -52.10 -25.24 3.09
N PHE B 36 -51.68 -24.61 1.99
CA PHE B 36 -52.47 -23.54 1.38
C PHE B 36 -53.82 -24.07 0.89
N ALA B 37 -53.81 -25.22 0.23
CA ALA B 37 -55.05 -25.82 -0.26
C ALA B 37 -55.95 -26.24 0.89
N ILE B 38 -55.37 -26.79 1.96
CA ILE B 38 -56.16 -27.18 3.13
C ILE B 38 -56.80 -25.96 3.77
N LEU B 39 -56.05 -24.86 3.88
CA LEU B 39 -56.61 -23.64 4.45
C LEU B 39 -57.73 -23.09 3.57
N LYS B 40 -57.55 -23.13 2.26
CA LYS B 40 -58.60 -22.69 1.35
C LYS B 40 -59.87 -23.52 1.53
N GLN B 41 -59.71 -24.85 1.55
CA GLN B 41 -60.87 -25.73 1.67
C GLN B 41 -61.55 -25.58 3.02
N HIS B 42 -60.77 -25.30 4.07
CA HIS B 42 -61.36 -25.12 5.39
C HIS B 42 -62.06 -23.77 5.52
N ALA B 43 -61.55 -22.75 4.83
CA ALA B 43 -62.21 -21.44 4.84
C ALA B 43 -63.44 -21.40 3.93
N LYS B 44 -63.50 -22.27 2.93
CA LYS B 44 -64.70 -22.35 2.10
C LYS B 44 -65.91 -22.82 2.91
N SER B 45 -65.68 -23.56 4.00
CA SER B 45 -66.76 -24.01 4.86
C SER B 45 -67.25 -22.93 5.81
N GLY B 46 -66.55 -21.80 5.91
CA GLY B 46 -66.95 -20.71 6.77
C GLY B 46 -66.18 -20.57 8.06
N GLU B 47 -65.28 -21.51 8.36
CA GLU B 47 -64.51 -21.43 9.59
C GLU B 47 -63.42 -20.37 9.50
N ASP B 48 -62.91 -19.97 10.66
CA ASP B 48 -61.89 -18.94 10.72
C ASP B 48 -60.49 -19.56 10.71
N ILE B 49 -59.52 -18.79 10.21
CA ILE B 49 -58.13 -19.21 10.16
C ILE B 49 -57.29 -18.19 10.92
N PHE B 50 -56.33 -18.69 11.69
CA PHE B 50 -55.46 -17.87 12.50
C PHE B 50 -54.01 -18.09 12.10
N GLY B 51 -53.20 -17.03 12.26
CA GLY B 51 -51.79 -17.09 11.93
C GLY B 51 -51.00 -16.19 12.84
N ASP B 52 -49.69 -16.20 12.66
CA ASP B 52 -48.78 -15.38 13.47
C ASP B 52 -47.46 -15.24 12.72
N GLY B 53 -46.62 -14.35 13.22
CA GLY B 53 -45.33 -14.12 12.61
C GLY B 53 -44.78 -12.76 13.00
N VAL B 54 -43.54 -12.53 12.63
CA VAL B 54 -42.84 -11.28 12.91
C VAL B 54 -43.09 -10.32 11.74
N LEU B 55 -43.43 -9.08 12.07
CA LEU B 55 -43.76 -8.09 11.05
C LEU B 55 -42.51 -7.52 10.41
N GLU B 56 -42.55 -7.38 9.09
CA GLU B 56 -41.46 -6.79 8.29
C GLU B 56 -42.07 -5.71 7.41
N ILE B 57 -42.05 -4.47 7.89
CA ILE B 57 -42.64 -3.37 7.14
C ILE B 57 -41.74 -3.03 5.95
N LEU B 58 -42.32 -3.00 4.76
CA LEU B 58 -41.57 -2.67 3.56
C LEU B 58 -41.42 -1.15 3.43
N GLN B 59 -40.64 -0.75 2.43
CA GLN B 59 -40.39 0.68 2.22
C GLN B 59 -41.62 1.38 1.67
N ASP B 60 -42.48 0.68 0.94
CA ASP B 60 -43.66 1.30 0.37
C ASP B 60 -44.68 1.65 1.44
N GLY B 61 -44.83 0.79 2.45
CA GLY B 61 -45.77 1.04 3.52
C GLY B 61 -46.49 -0.20 4.02
N PHE B 62 -46.50 -1.25 3.21
CA PHE B 62 -47.13 -2.51 3.59
C PHE B 62 -46.08 -3.41 4.27
N GLY B 63 -46.47 -4.65 4.56
CA GLY B 63 -45.55 -5.56 5.22
C GLY B 63 -46.07 -6.98 5.20
N PHE B 64 -45.24 -7.89 5.69
CA PHE B 64 -45.57 -9.30 5.77
C PHE B 64 -45.22 -9.83 7.15
N LEU B 65 -45.70 -11.04 7.44
CA LEU B 65 -45.43 -11.72 8.71
C LEU B 65 -44.52 -12.91 8.40
N ARG B 66 -43.21 -12.69 8.58
CA ARG B 66 -42.24 -13.75 8.33
C ARG B 66 -42.36 -14.86 9.37
N SER B 67 -41.84 -16.03 9.02
CA SER B 67 -41.85 -17.19 9.90
C SER B 67 -40.44 -17.48 10.39
N ALA B 68 -40.35 -18.02 11.60
CA ALA B 68 -39.05 -18.29 12.21
C ALA B 68 -38.43 -19.58 11.71
N ASP B 69 -39.25 -20.55 11.29
CA ASP B 69 -38.72 -21.83 10.82
C ASP B 69 -38.01 -21.70 9.47
N SER B 70 -38.24 -20.62 8.74
CA SER B 70 -37.62 -20.41 7.44
C SER B 70 -36.55 -19.32 7.47
N SER B 71 -36.09 -18.94 8.67
CA SER B 71 -35.06 -17.93 8.85
C SER B 71 -35.50 -16.60 8.24
N TYR B 72 -36.78 -16.27 8.40
CA TYR B 72 -37.36 -15.01 7.93
C TYR B 72 -37.15 -14.83 6.42
N LEU B 73 -37.36 -15.90 5.68
CA LEU B 73 -37.26 -15.88 4.23
C LEU B 73 -38.61 -15.61 3.61
N ALA B 74 -38.60 -14.93 2.46
CA ALA B 74 -39.83 -14.59 1.76
C ALA B 74 -40.56 -15.85 1.30
N GLY B 75 -41.72 -16.12 1.89
CA GLY B 75 -42.49 -17.29 1.56
C GLY B 75 -43.84 -16.96 0.96
N PRO B 76 -44.42 -17.91 0.25
CA PRO B 76 -45.76 -17.66 -0.33
C PRO B 76 -46.86 -17.57 0.71
N ASP B 77 -46.65 -18.14 1.90
CA ASP B 77 -47.66 -18.15 2.96
C ASP B 77 -47.52 -16.97 3.91
N ASP B 78 -46.88 -15.89 3.46
CA ASP B 78 -46.75 -14.70 4.30
C ASP B 78 -48.09 -13.97 4.38
N ILE B 79 -48.39 -13.43 5.55
CA ILE B 79 -49.65 -12.74 5.79
C ILE B 79 -49.45 -11.27 5.44
N TYR B 80 -50.25 -10.78 4.49
CA TYR B 80 -50.17 -9.37 4.10
C TYR B 80 -50.76 -8.49 5.20
N VAL B 81 -50.08 -7.39 5.48
CA VAL B 81 -50.49 -6.41 6.49
C VAL B 81 -50.69 -5.08 5.79
N SER B 82 -51.93 -4.61 5.73
CA SER B 82 -52.21 -3.35 5.05
C SER B 82 -51.60 -2.18 5.84
N PRO B 83 -51.20 -1.11 5.14
CA PRO B 83 -50.66 0.05 5.86
C PRO B 83 -51.69 0.77 6.71
N SER B 84 -52.98 0.60 6.41
CA SER B 84 -54.03 1.21 7.21
C SER B 84 -54.00 0.68 8.64
N GLN B 85 -53.89 -0.64 8.81
CA GLN B 85 -53.81 -1.21 10.14
C GLN B 85 -52.50 -0.81 10.82
N ILE B 86 -51.42 -0.69 10.05
CA ILE B 86 -50.14 -0.27 10.61
C ILE B 86 -50.26 1.14 11.19
N ARG B 87 -50.96 2.01 10.47
CA ARG B 87 -51.18 3.43 10.86
C ARG B 87 -52.20 3.50 12.00
N ARG B 88 -53.08 2.50 12.12
CA ARG B 88 -54.15 2.47 13.15
C ARG B 88 -53.61 1.93 14.48
N PHE B 89 -52.64 1.01 14.45
CA PHE B 89 -52.09 0.41 15.65
C PHE B 89 -50.63 0.79 15.90
N ASN B 90 -50.06 1.66 15.07
CA ASN B 90 -48.68 2.10 15.20
C ASN B 90 -47.72 0.91 15.24
N LEU B 91 -47.86 0.03 14.26
CA LEU B 91 -47.01 -1.15 14.17
C LEU B 91 -45.67 -0.80 13.55
N ARG B 92 -44.63 -1.51 14.00
CA ARG B 92 -43.28 -1.32 13.49
C ARG B 92 -42.65 -2.68 13.23
N THR B 93 -41.51 -2.65 12.53
CA THR B 93 -40.80 -3.88 12.20
C THR B 93 -40.33 -4.59 13.46
N GLY B 94 -40.77 -5.82 13.64
CA GLY B 94 -40.42 -6.63 14.80
C GLY B 94 -41.58 -6.97 15.70
N ASP B 95 -42.71 -6.27 15.58
CA ASP B 95 -43.86 -6.53 16.43
C ASP B 95 -44.48 -7.87 16.08
N THR B 96 -44.58 -8.76 17.08
CA THR B 96 -45.22 -10.05 16.87
C THR B 96 -46.73 -9.86 16.83
N ILE B 97 -47.34 -10.26 15.71
CA ILE B 97 -48.78 -10.07 15.50
C ILE B 97 -49.41 -11.46 15.33
N SER B 98 -50.51 -11.67 16.05
CA SER B 98 -51.26 -12.93 15.97
C SER B 98 -52.74 -12.59 15.89
N GLY B 99 -53.36 -12.90 14.75
CA GLY B 99 -54.76 -12.59 14.57
C GLY B 99 -55.38 -13.44 13.49
N LYS B 100 -56.67 -13.23 13.27
CA LYS B 100 -57.40 -13.98 12.25
C LYS B 100 -56.93 -13.58 10.86
N ILE B 101 -56.82 -14.58 9.98
CA ILE B 101 -56.39 -14.38 8.60
C ILE B 101 -57.41 -15.03 7.67
N ARG B 102 -57.33 -14.67 6.40
CA ARG B 102 -58.22 -15.19 5.37
C ARG B 102 -57.40 -15.53 4.13
N PRO B 103 -57.80 -16.56 3.39
CA PRO B 103 -57.08 -16.90 2.16
C PRO B 103 -57.23 -15.79 1.13
N PRO B 104 -56.29 -15.68 0.19
CA PRO B 104 -56.37 -14.62 -0.82
C PRO B 104 -57.50 -14.87 -1.81
N LYS B 105 -58.22 -13.80 -2.14
CA LYS B 105 -59.32 -13.87 -3.08
C LYS B 105 -58.77 -13.86 -4.51
N GLU B 106 -59.66 -13.68 -5.49
CA GLU B 106 -59.25 -13.62 -6.89
C GLU B 106 -58.45 -12.34 -7.12
N GLY B 107 -57.22 -12.49 -7.58
CA GLY B 107 -56.35 -11.36 -7.80
C GLY B 107 -55.39 -11.06 -6.66
N GLU B 108 -55.40 -11.86 -5.60
CA GLU B 108 -54.51 -11.70 -4.48
C GLU B 108 -53.58 -12.91 -4.37
N ARG B 109 -52.45 -12.71 -3.69
CA ARG B 109 -51.44 -13.76 -3.57
C ARG B 109 -51.04 -14.06 -2.13
N TYR B 110 -51.54 -13.32 -1.15
CA TYR B 110 -51.14 -13.51 0.23
C TYR B 110 -52.35 -13.37 1.14
N PHE B 111 -52.24 -13.95 2.33
CA PHE B 111 -53.32 -13.88 3.32
C PHE B 111 -53.45 -12.46 3.86
N ALA B 112 -54.68 -12.05 4.13
CA ALA B 112 -54.96 -10.73 4.66
C ALA B 112 -55.27 -10.82 6.16
N LEU B 113 -55.01 -9.72 6.87
CA LEU B 113 -55.23 -9.64 8.31
C LEU B 113 -56.51 -8.85 8.56
N LEU B 114 -57.45 -9.47 9.27
CA LEU B 114 -58.73 -8.81 9.59
C LEU B 114 -58.70 -8.17 10.96
N LYS B 115 -58.42 -8.95 12.00
CA LYS B 115 -58.42 -8.45 13.38
C LYS B 115 -57.22 -9.01 14.11
N VAL B 116 -56.47 -8.13 14.76
CA VAL B 116 -55.29 -8.53 15.54
C VAL B 116 -55.73 -8.87 16.95
N ASN B 117 -55.30 -10.03 17.45
CA ASN B 117 -55.71 -10.51 18.76
C ASN B 117 -54.65 -10.27 19.83
N GLU B 118 -53.38 -10.49 19.50
CA GLU B 118 -52.30 -10.37 20.47
C GLU B 118 -51.10 -9.71 19.83
N VAL B 119 -50.52 -8.73 20.52
CA VAL B 119 -49.35 -7.99 20.03
C VAL B 119 -48.20 -8.23 20.99
N ASN B 120 -47.09 -8.73 20.45
CA ASN B 120 -45.87 -9.00 21.23
C ASN B 120 -46.16 -9.90 22.43
N PHE B 121 -47.02 -10.90 22.21
CA PHE B 121 -47.41 -11.85 23.25
C PHE B 121 -48.02 -11.13 24.45
N ASP B 122 -48.79 -10.07 24.17
CA ASP B 122 -49.40 -9.28 25.21
C ASP B 122 -50.62 -8.57 24.62
N LYS B 123 -51.38 -7.92 25.50
CA LYS B 123 -52.58 -7.21 25.05
C LYS B 123 -52.19 -5.97 24.26
N PRO B 124 -52.97 -5.61 23.24
CA PRO B 124 -52.66 -4.37 22.50
C PRO B 124 -52.78 -3.11 23.35
N GLU B 125 -53.57 -3.15 24.42
CA GLU B 125 -53.69 -1.99 25.29
C GLU B 125 -52.40 -1.73 26.05
N ASN B 126 -51.56 -2.75 26.25
CA ASN B 126 -50.27 -2.56 26.88
C ASN B 126 -49.18 -2.21 25.87
N ALA B 127 -49.40 -2.50 24.59
CA ALA B 127 -48.42 -2.20 23.56
C ALA B 127 -48.63 -0.81 22.95
N ARG B 128 -49.86 -0.30 22.99
CA ARG B 128 -50.12 1.04 22.45
C ARG B 128 -49.38 2.10 23.24
N ASN B 129 -49.20 1.89 24.54
CA ASN B 129 -48.47 2.82 25.41
C ASN B 129 -47.18 2.13 25.83
N LYS B 130 -46.07 2.56 25.23
CA LYS B 130 -44.77 1.96 25.52
C LYS B 130 -43.67 2.97 25.22
N ILE B 131 -42.52 2.75 25.84
CA ILE B 131 -41.35 3.60 25.66
C ILE B 131 -40.44 2.97 24.62
N LEU B 132 -39.96 3.78 23.68
CA LEU B 132 -39.11 3.28 22.62
C LEU B 132 -37.76 2.81 23.19
N PHE B 133 -37.09 1.95 22.42
CA PHE B 133 -35.81 1.41 22.85
C PHE B 133 -34.73 2.49 22.85
N GLU B 134 -34.85 3.49 21.97
CA GLU B 134 -33.86 4.55 21.89
C GLU B 134 -33.90 5.51 23.07
N ASN B 135 -34.95 5.43 23.91
CA ASN B 135 -35.09 6.31 25.05
C ASN B 135 -34.75 5.64 26.37
N LEU B 136 -34.53 4.33 26.38
CA LEU B 136 -34.22 3.63 27.62
C LEU B 136 -32.83 4.02 28.12
N THR B 137 -32.70 4.18 29.42
CA THR B 137 -31.43 4.60 30.02
C THR B 137 -30.48 3.41 30.11
N PRO B 138 -29.32 3.45 29.46
CA PRO B 138 -28.38 2.33 29.57
C PRO B 138 -27.75 2.26 30.94
N LEU B 139 -27.24 1.07 31.26
CA LEU B 139 -26.54 0.83 32.52
C LEU B 139 -25.55 -0.30 32.32
N HIS B 140 -24.68 -0.47 33.31
CA HIS B 140 -23.71 -1.55 33.28
C HIS B 140 -24.36 -2.87 33.71
N ALA B 141 -23.62 -3.96 33.49
CA ALA B 141 -24.12 -5.27 33.88
C ALA B 141 -24.25 -5.37 35.40
N ASN B 142 -25.48 -5.55 35.86
CA ASN B 142 -25.78 -5.65 37.29
C ASN B 142 -26.05 -7.08 37.71
N SER B 143 -26.98 -7.76 37.05
CA SER B 143 -27.31 -9.13 37.39
C SER B 143 -26.23 -10.09 36.88
N ARG B 144 -25.90 -11.08 37.71
CA ARG B 144 -24.86 -12.05 37.36
C ARG B 144 -25.49 -13.22 36.62
N LEU B 145 -24.99 -13.50 35.41
CA LEU B 145 -25.41 -14.66 34.64
C LEU B 145 -24.33 -15.72 34.74
N ARG B 146 -24.40 -16.51 35.81
CA ARG B 146 -23.40 -17.54 36.04
C ARG B 146 -23.53 -18.65 35.02
N MET B 147 -22.38 -19.06 34.47
CA MET B 147 -22.34 -20.07 33.42
C MET B 147 -21.96 -21.45 33.94
N GLU B 148 -21.62 -21.58 35.22
CA GLU B 148 -21.20 -22.86 35.77
C GLU B 148 -22.39 -23.79 35.89
N ARG B 149 -22.23 -25.03 35.39
CA ARG B 149 -23.29 -26.02 35.48
C ARG B 149 -23.56 -26.41 36.92
N GLY B 150 -22.53 -26.90 37.61
CA GLY B 150 -22.67 -27.37 38.97
C GLY B 150 -22.94 -28.85 39.11
N ASN B 151 -23.13 -29.57 38.01
CA ASN B 151 -23.39 -31.00 38.05
C ASN B 151 -22.12 -31.85 38.10
N GLY B 152 -20.96 -31.22 38.13
CA GLY B 152 -19.71 -31.97 38.19
C GLY B 152 -19.35 -32.71 36.92
N SER B 153 -19.87 -32.28 35.78
CA SER B 153 -19.58 -32.93 34.51
C SER B 153 -18.21 -32.52 34.01
N THR B 154 -17.63 -33.38 33.14
CA THR B 154 -16.32 -33.09 32.59
C THR B 154 -16.36 -31.90 31.63
N GLU B 155 -17.52 -31.64 31.01
CA GLU B 155 -17.64 -30.51 30.11
C GLU B 155 -17.81 -29.18 30.87
N ASP B 156 -18.06 -29.25 32.17
CA ASP B 156 -18.19 -28.03 32.97
C ASP B 156 -16.88 -27.29 33.16
N LEU B 157 -15.75 -27.91 32.79
CA LEU B 157 -14.46 -27.24 32.92
C LEU B 157 -14.39 -25.99 32.07
N THR B 158 -14.96 -26.04 30.86
CA THR B 158 -14.97 -24.87 30.00
C THR B 158 -15.76 -23.72 30.64
N ALA B 159 -16.93 -24.02 31.19
CA ALA B 159 -17.73 -22.99 31.84
C ALA B 159 -17.02 -22.45 33.08
N ARG B 160 -16.34 -23.31 33.83
CA ARG B 160 -15.60 -22.85 35.01
C ARG B 160 -14.46 -21.92 34.60
N VAL B 161 -13.72 -22.28 33.55
CA VAL B 161 -12.64 -21.42 33.08
C VAL B 161 -13.19 -20.09 32.55
N LEU B 162 -14.35 -20.14 31.89
CA LEU B 162 -14.96 -18.91 31.39
C LEU B 162 -15.38 -18.01 32.55
N ASP B 163 -15.94 -18.60 33.61
CA ASP B 163 -16.33 -17.81 34.77
C ASP B 163 -15.12 -17.23 35.49
N LEU B 164 -14.03 -17.99 35.57
CA LEU B 164 -12.82 -17.48 36.21
C LEU B 164 -12.11 -16.43 35.35
N ALA B 165 -12.34 -16.45 34.04
CA ALA B 165 -11.65 -15.51 33.16
C ALA B 165 -12.49 -14.26 32.91
N SER B 166 -13.76 -14.43 32.58
CA SER B 166 -14.63 -13.31 32.22
C SER B 166 -16.06 -13.65 32.56
N PRO B 167 -16.53 -13.27 33.75
CA PRO B 167 -17.94 -13.46 34.08
C PRO B 167 -18.83 -12.61 33.19
N ILE B 168 -20.00 -13.15 32.86
CA ILE B 168 -20.94 -12.53 31.93
C ILE B 168 -22.20 -12.16 32.69
N GLY B 169 -22.68 -10.93 32.50
CA GLY B 169 -23.90 -10.46 33.10
C GLY B 169 -24.91 -10.01 32.06
N ARG B 170 -26.07 -9.58 32.54
CA ARG B 170 -27.12 -9.11 31.65
C ARG B 170 -26.73 -7.79 31.00
N GLY B 171 -26.92 -7.69 29.70
CA GLY B 171 -26.57 -6.48 28.97
C GLY B 171 -25.11 -6.40 28.56
N GLN B 172 -24.35 -7.47 28.71
CA GLN B 172 -22.94 -7.45 28.36
C GLN B 172 -22.75 -7.40 26.84
N ARG B 173 -21.69 -6.72 26.41
CA ARG B 173 -21.35 -6.57 24.99
C ARG B 173 -19.89 -6.99 24.84
N GLY B 174 -19.67 -8.29 24.60
CA GLY B 174 -18.34 -8.85 24.54
C GLY B 174 -17.95 -9.28 23.13
N LEU B 175 -16.74 -9.83 23.05
CA LEU B 175 -16.17 -10.30 21.80
C LEU B 175 -15.36 -11.57 22.05
N ILE B 176 -15.54 -12.56 21.18
CA ILE B 176 -14.79 -13.81 21.26
C ILE B 176 -13.78 -13.79 20.11
N VAL B 177 -12.58 -13.31 20.40
CA VAL B 177 -11.52 -13.21 19.41
C VAL B 177 -10.76 -14.53 19.37
N ALA B 178 -10.66 -15.12 18.19
CA ALA B 178 -10.00 -16.40 18.03
C ALA B 178 -9.64 -16.61 16.58
N PRO B 179 -8.44 -17.09 16.28
CA PRO B 179 -8.09 -17.46 14.91
C PRO B 179 -8.88 -18.68 14.46
N PRO B 180 -8.92 -18.97 13.16
CA PRO B 180 -9.66 -20.15 12.69
C PRO B 180 -9.02 -21.44 13.20
N LYS B 181 -9.83 -22.50 13.20
CA LYS B 181 -9.42 -23.82 13.67
C LYS B 181 -8.94 -23.79 15.12
N ALA B 182 -9.65 -23.05 15.97
CA ALA B 182 -9.31 -22.95 17.38
C ALA B 182 -10.28 -23.68 18.30
N GLY B 183 -11.53 -23.85 17.89
CA GLY B 183 -12.52 -24.48 18.73
C GLY B 183 -13.69 -23.58 19.05
N LYS B 184 -13.97 -22.63 18.16
CA LYS B 184 -15.05 -21.68 18.39
C LYS B 184 -16.41 -22.39 18.40
N THR B 185 -16.55 -23.43 17.58
CA THR B 185 -17.83 -24.13 17.50
C THR B 185 -18.18 -24.82 18.82
N MET B 186 -17.24 -25.61 19.35
CA MET B 186 -17.49 -26.29 20.61
C MET B 186 -17.69 -25.31 21.75
N LEU B 187 -16.93 -24.21 21.75
CA LEU B 187 -17.08 -23.21 22.79
C LEU B 187 -18.45 -22.55 22.74
N LEU B 188 -18.93 -22.22 21.53
CA LEU B 188 -20.25 -21.63 21.40
C LEU B 188 -21.34 -22.62 21.79
N GLN B 189 -21.16 -23.90 21.43
CA GLN B 189 -22.13 -24.92 21.83
C GLN B 189 -22.20 -25.03 23.35
N ASN B 190 -21.04 -25.04 24.01
CA ASN B 190 -21.00 -25.14 25.46
C ASN B 190 -21.64 -23.92 26.11
N ILE B 191 -21.38 -22.73 25.56
CA ILE B 191 -21.98 -21.50 26.10
C ILE B 191 -23.50 -21.56 25.96
N ALA B 192 -23.99 -21.98 24.79
CA ALA B 192 -25.43 -22.04 24.59
C ALA B 192 -26.08 -23.07 25.50
N GLN B 193 -25.44 -24.24 25.67
CA GLN B 193 -25.99 -25.25 26.56
C GLN B 193 -26.01 -24.78 28.00
N SER B 194 -24.94 -24.10 28.44
CA SER B 194 -24.91 -23.59 29.80
C SER B 194 -25.95 -22.50 30.02
N ILE B 195 -26.19 -21.66 29.02
CA ILE B 195 -27.22 -20.64 29.14
C ILE B 195 -28.60 -21.28 29.20
N ALA B 196 -28.85 -22.29 28.37
CA ALA B 196 -30.15 -22.95 28.38
C ALA B 196 -30.38 -23.75 29.66
N TYR B 197 -29.31 -24.23 30.28
CA TYR B 197 -29.44 -25.02 31.50
C TYR B 197 -29.57 -24.15 32.75
N ASN B 198 -28.71 -23.14 32.88
CA ASN B 198 -28.71 -22.32 34.10
C ASN B 198 -29.82 -21.28 34.09
N HIS B 199 -30.03 -20.62 32.94
CA HIS B 199 -31.02 -19.56 32.83
C HIS B 199 -31.99 -19.89 31.70
N PRO B 200 -32.94 -20.78 31.94
CA PRO B 200 -33.92 -21.13 30.91
C PRO B 200 -34.96 -20.05 30.65
N ASP B 201 -35.07 -19.05 31.53
CA ASP B 201 -36.07 -18.00 31.36
C ASP B 201 -35.67 -16.97 30.30
N CYS B 202 -34.38 -16.84 30.00
CA CYS B 202 -33.92 -15.86 29.03
C CYS B 202 -34.20 -16.35 27.61
N VAL B 203 -34.45 -15.39 26.73
CA VAL B 203 -34.73 -15.69 25.32
C VAL B 203 -33.38 -15.81 24.59
N LEU B 204 -33.03 -17.03 24.20
CA LEU B 204 -31.76 -17.30 23.53
C LEU B 204 -31.98 -17.30 22.02
N MET B 205 -31.15 -16.54 21.31
CA MET B 205 -31.20 -16.44 19.86
C MET B 205 -29.79 -16.58 19.31
N VAL B 206 -29.58 -17.59 18.46
CA VAL B 206 -28.28 -17.87 17.88
C VAL B 206 -28.33 -17.47 16.40
N LEU B 207 -27.49 -16.51 16.02
CA LEU B 207 -27.42 -16.03 14.65
C LEU B 207 -26.15 -16.55 13.99
N LEU B 208 -26.32 -17.29 12.89
CA LEU B 208 -25.21 -17.86 12.13
C LEU B 208 -25.33 -17.40 10.68
N ILE B 209 -24.52 -16.41 10.31
CA ILE B 209 -24.55 -15.82 8.97
C ILE B 209 -23.35 -16.34 8.19
N ASP B 210 -23.60 -16.78 6.96
CA ASP B 210 -22.56 -17.23 6.03
C ASP B 210 -21.76 -18.40 6.62
N GLU B 211 -22.50 -19.45 7.01
CA GLU B 211 -21.84 -20.65 7.60
C GLU B 211 -22.22 -21.86 6.74
N ARG B 212 -21.48 -22.97 6.91
CA ARG B 212 -21.80 -24.20 6.15
C ARG B 212 -23.05 -24.83 6.75
N PRO B 213 -24.05 -25.21 5.93
CA PRO B 213 -25.34 -25.70 6.45
C PRO B 213 -25.21 -26.87 7.43
N GLU B 214 -24.39 -27.89 7.13
CA GLU B 214 -24.20 -28.94 8.13
C GLU B 214 -24.06 -28.36 9.54
N GLU B 215 -23.25 -27.31 9.71
CA GLU B 215 -23.15 -26.66 11.01
C GLU B 215 -24.47 -26.03 11.43
N VAL B 216 -25.23 -25.50 10.47
CA VAL B 216 -26.53 -24.91 10.79
C VAL B 216 -27.48 -25.96 11.36
N THR B 217 -27.61 -27.08 10.65
CA THR B 217 -28.53 -28.12 11.09
C THR B 217 -28.01 -28.82 12.35
N GLU B 218 -26.70 -28.76 12.58
CA GLU B 218 -26.15 -29.28 13.83
C GLU B 218 -26.54 -28.38 15.00
N MET B 219 -26.32 -27.07 14.86
CA MET B 219 -26.67 -26.14 15.92
C MET B 219 -28.17 -26.13 16.19
N GLN B 220 -28.97 -26.30 15.14
CA GLN B 220 -30.43 -26.27 15.31
C GLN B 220 -30.92 -27.47 16.11
N ARG B 221 -30.25 -28.60 16.01
CA ARG B 221 -30.66 -29.82 16.70
C ARG B 221 -29.85 -30.06 17.98
N LEU B 222 -29.08 -29.07 18.44
CA LEU B 222 -28.25 -29.23 19.62
C LEU B 222 -28.62 -28.28 20.75
N VAL B 223 -28.90 -27.01 20.45
CA VAL B 223 -29.21 -26.03 21.47
C VAL B 223 -30.71 -26.02 21.73
N LYS B 224 -31.09 -25.62 22.94
CA LYS B 224 -32.50 -25.53 23.33
C LYS B 224 -32.96 -24.08 23.22
N GLY B 225 -33.22 -23.67 21.98
CA GLY B 225 -33.66 -22.32 21.73
C GLY B 225 -33.95 -22.09 20.27
N GLU B 226 -34.01 -20.81 19.90
CA GLU B 226 -34.29 -20.41 18.53
C GLU B 226 -32.98 -20.25 17.76
N VAL B 227 -32.98 -20.75 16.53
CA VAL B 227 -31.80 -20.71 15.67
C VAL B 227 -32.20 -20.09 14.34
N VAL B 228 -31.71 -18.88 14.08
CA VAL B 228 -31.91 -18.20 12.80
C VAL B 228 -30.56 -18.09 12.11
N ALA B 229 -30.44 -18.75 10.96
CA ALA B 229 -29.17 -18.82 10.26
C ALA B 229 -29.36 -18.54 8.78
N SER B 230 -28.26 -18.25 8.11
CA SER B 230 -28.27 -17.95 6.66
C SER B 230 -26.95 -18.48 6.09
N THR B 231 -27.04 -19.57 5.34
CA THR B 231 -25.86 -20.20 4.78
C THR B 231 -25.20 -19.31 3.73
N PHE B 232 -24.00 -19.70 3.33
CA PHE B 232 -23.23 -18.94 2.34
C PHE B 232 -23.86 -18.97 0.95
N ASP B 233 -24.78 -19.91 0.68
CA ASP B 233 -25.43 -19.97 -0.61
C ASP B 233 -26.38 -18.79 -0.85
N GLU B 234 -26.64 -17.99 0.16
CA GLU B 234 -27.52 -16.83 0.02
C GLU B 234 -26.70 -15.56 -0.14
N PRO B 235 -27.22 -14.57 -0.88
CA PRO B 235 -26.50 -13.32 -1.07
C PRO B 235 -26.41 -12.52 0.22
N ALA B 236 -25.58 -11.48 0.18
CA ALA B 236 -25.39 -10.63 1.36
C ALA B 236 -26.66 -9.85 1.70
N SER B 237 -27.55 -9.65 0.71
CA SER B 237 -28.79 -8.96 0.98
C SER B 237 -29.64 -9.71 1.99
N ARG B 238 -29.74 -11.03 1.85
CA ARG B 238 -30.48 -11.82 2.81
C ARG B 238 -29.82 -11.78 4.18
N HIS B 239 -28.48 -11.74 4.21
CA HIS B 239 -27.76 -11.60 5.47
C HIS B 239 -28.14 -10.31 6.18
N VAL B 240 -28.13 -9.21 5.44
CA VAL B 240 -28.49 -7.91 6.02
C VAL B 240 -29.94 -7.94 6.49
N GLN B 241 -30.83 -8.52 5.69
CA GLN B 241 -32.24 -8.58 6.07
C GLN B 241 -32.45 -9.39 7.34
N VAL B 242 -31.78 -10.54 7.44
CA VAL B 242 -31.90 -11.37 8.63
C VAL B 242 -31.35 -10.65 9.85
N ALA B 243 -30.20 -9.99 9.72
CA ALA B 243 -29.64 -9.25 10.84
C ALA B 243 -30.58 -8.15 11.29
N GLU B 244 -31.17 -7.42 10.34
CA GLU B 244 -32.11 -6.35 10.70
C GLU B 244 -33.34 -6.90 11.39
N MET B 245 -33.91 -7.99 10.88
CA MET B 245 -35.08 -8.58 11.51
C MET B 245 -34.76 -9.07 12.92
N VAL B 246 -33.61 -9.71 13.10
CA VAL B 246 -33.24 -10.22 14.42
C VAL B 246 -33.06 -9.08 15.41
N ILE B 247 -32.35 -8.01 14.99
CA ILE B 247 -32.11 -6.92 15.93
C ILE B 247 -33.40 -6.16 16.23
N GLU B 248 -34.31 -6.05 15.25
CA GLU B 248 -35.58 -5.39 15.51
C GLU B 248 -36.45 -6.21 16.45
N LYS B 249 -36.47 -7.53 16.27
CA LYS B 249 -37.20 -8.39 17.20
C LYS B 249 -36.62 -8.31 18.60
N ALA B 250 -35.29 -8.25 18.70
CA ALA B 250 -34.64 -8.13 20.01
C ALA B 250 -35.02 -6.81 20.67
N LYS B 251 -35.02 -5.72 19.92
CA LYS B 251 -35.40 -4.44 20.47
C LYS B 251 -36.86 -4.44 20.92
N ARG B 252 -37.75 -5.02 20.11
CA ARG B 252 -39.16 -5.07 20.48
C ARG B 252 -39.38 -5.93 21.73
N LEU B 253 -38.59 -7.00 21.88
CA LEU B 253 -38.71 -7.82 23.09
C LEU B 253 -38.17 -7.07 24.32
N VAL B 254 -37.04 -6.38 24.17
CA VAL B 254 -36.49 -5.63 25.29
C VAL B 254 -37.44 -4.51 25.71
N GLU B 255 -38.16 -3.94 24.75
CA GLU B 255 -39.14 -2.90 25.08
C GLU B 255 -40.23 -3.42 26.00
N HIS B 256 -40.49 -4.73 26.02
CA HIS B 256 -41.45 -5.35 26.92
C HIS B 256 -40.78 -5.97 28.15
N LYS B 257 -39.61 -5.46 28.52
CA LYS B 257 -38.88 -5.93 29.71
C LYS B 257 -38.55 -7.41 29.62
N LYS B 258 -37.97 -7.82 28.51
CA LYS B 258 -37.54 -9.21 28.31
C LYS B 258 -36.01 -9.27 28.25
N ASP B 259 -35.47 -10.42 28.65
CA ASP B 259 -34.03 -10.65 28.66
C ASP B 259 -33.66 -11.41 27.38
N VAL B 260 -33.12 -10.68 26.41
CA VAL B 260 -32.74 -11.25 25.12
C VAL B 260 -31.24 -11.53 25.13
N ILE B 261 -30.87 -12.68 24.60
CA ILE B 261 -29.46 -13.09 24.48
C ILE B 261 -29.20 -13.46 23.03
N ILE B 262 -28.25 -12.79 22.40
CA ILE B 262 -27.89 -13.01 21.02
C ILE B 262 -26.46 -13.51 20.96
N LEU B 263 -26.28 -14.74 20.45
CA LEU B 263 -24.96 -15.34 20.31
C LEU B 263 -24.56 -15.26 18.84
N LEU B 264 -23.88 -14.16 18.49
CA LEU B 264 -23.45 -13.95 17.11
C LEU B 264 -22.12 -14.66 16.87
N ASP B 265 -22.00 -15.30 15.71
CA ASP B 265 -20.79 -16.01 15.33
C ASP B 265 -20.21 -15.53 14.01
N SER B 266 -20.70 -14.42 13.49
CA SER B 266 -20.31 -13.95 12.16
C SER B 266 -20.19 -12.45 12.05
N ILE B 267 -19.75 -11.76 13.11
CA ILE B 267 -19.61 -10.31 13.09
C ILE B 267 -18.71 -9.90 11.93
N THR B 268 -17.64 -10.66 11.69
CA THR B 268 -16.76 -10.41 10.55
C THR B 268 -17.49 -10.63 9.23
N ARG B 269 -18.26 -11.74 9.15
CA ARG B 269 -19.03 -12.02 7.95
C ARG B 269 -20.12 -10.99 7.75
N LEU B 270 -20.72 -10.52 8.83
CA LEU B 270 -21.73 -9.47 8.73
C LEU B 270 -21.13 -8.17 8.22
N ALA B 271 -19.94 -7.82 8.70
CA ALA B 271 -19.27 -6.63 8.21
C ALA B 271 -18.89 -6.77 6.74
N ARG B 272 -18.46 -7.97 6.34
CA ARG B 272 -18.17 -8.20 4.92
C ARG B 272 -19.43 -8.06 4.07
N ALA B 273 -20.56 -8.58 4.55
CA ALA B 273 -21.81 -8.44 3.82
C ALA B 273 -22.22 -6.98 3.69
N TYR B 274 -22.08 -6.21 4.77
CA TYR B 274 -22.43 -4.79 4.71
C TYR B 274 -21.49 -4.02 3.79
N ASN B 275 -20.21 -4.39 3.77
CA ASN B 275 -19.27 -3.76 2.84
C ASN B 275 -19.54 -4.16 1.40
N THR B 276 -20.16 -5.33 1.19
CA THR B 276 -20.51 -5.74 -0.17
C THR B 276 -21.79 -5.08 -0.66
N VAL B 277 -22.77 -4.87 0.22
CA VAL B 277 -24.06 -4.30 -0.19
C VAL B 277 -24.05 -2.79 -0.25
N VAL B 278 -23.00 -2.14 0.25
CA VAL B 278 -22.95 -0.67 0.24
C VAL B 278 -22.51 -0.20 -1.14
N PRO B 279 -23.15 0.81 -1.71
CA PRO B 279 -22.72 1.30 -3.02
C PRO B 279 -21.33 1.91 -2.96
N ALA B 280 -20.58 1.73 -4.05
CA ALA B 280 -19.23 2.27 -4.11
C ALA B 280 -19.24 3.79 -4.16
N SER B 281 -18.37 4.41 -3.36
CA SER B 281 -18.27 5.86 -3.28
C SER B 281 -16.96 6.39 -3.83
N GLY B 282 -16.17 5.55 -4.50
CA GLY B 282 -14.90 5.98 -5.04
C GLY B 282 -13.80 6.21 -4.04
N LYS B 283 -14.01 5.83 -2.77
CA LYS B 283 -13.01 6.01 -1.74
C LYS B 283 -12.89 4.70 -0.97
N VAL B 284 -11.73 4.06 -1.05
CA VAL B 284 -11.46 2.79 -0.42
C VAL B 284 -10.33 2.97 0.59
N LEU B 285 -10.54 2.49 1.82
CA LEU B 285 -9.54 2.59 2.86
C LEU B 285 -8.56 1.42 2.77
N THR B 286 -7.64 1.37 3.74
CA THR B 286 -6.64 0.31 3.77
C THR B 286 -7.30 -1.03 4.05
N GLY B 287 -7.05 -2.01 3.17
CA GLY B 287 -7.59 -3.33 3.32
C GLY B 287 -8.85 -3.61 2.53
N GLY B 288 -9.40 -2.61 1.86
CA GLY B 288 -10.62 -2.81 1.09
C GLY B 288 -11.89 -2.58 1.86
N VAL B 289 -11.88 -1.68 2.83
CA VAL B 289 -13.06 -1.38 3.66
C VAL B 289 -13.59 -0.01 3.28
N ASP B 290 -14.89 0.07 3.06
CA ASP B 290 -15.51 1.36 2.72
C ASP B 290 -15.62 2.22 3.98
N ALA B 291 -15.66 3.54 3.77
CA ALA B 291 -15.71 4.45 4.91
C ALA B 291 -17.03 4.37 5.65
N ASN B 292 -18.12 4.05 4.94
CA ASN B 292 -19.45 3.98 5.54
C ASN B 292 -19.97 2.55 5.61
N ALA B 293 -19.08 1.56 5.53
CA ALA B 293 -19.52 0.17 5.56
C ALA B 293 -19.61 -0.36 6.99
N LEU B 294 -18.77 0.12 7.89
CA LEU B 294 -18.73 -0.36 9.27
C LEU B 294 -19.75 0.31 10.17
N HIS B 295 -20.51 1.27 9.66
CA HIS B 295 -21.47 1.98 10.50
C HIS B 295 -22.62 1.08 10.91
N ARG B 296 -23.17 0.31 9.97
CA ARG B 296 -24.28 -0.60 10.28
C ARG B 296 -23.85 -1.70 11.26
N PRO B 297 -22.73 -2.39 11.07
CA PRO B 297 -22.29 -3.34 12.12
C PRO B 297 -21.97 -2.66 13.42
N LYS B 298 -21.45 -1.42 13.38
CA LYS B 298 -21.21 -0.68 14.61
C LYS B 298 -22.50 -0.49 15.40
N ARG B 299 -23.57 -0.06 14.72
CA ARG B 299 -24.85 0.11 15.41
C ARG B 299 -25.43 -1.23 15.87
N PHE B 300 -25.30 -2.27 15.05
CA PHE B 300 -25.80 -3.58 15.43
C PHE B 300 -25.10 -4.08 16.69
N PHE B 301 -23.81 -3.81 16.81
CA PHE B 301 -23.07 -4.21 18.01
C PHE B 301 -23.46 -3.35 19.21
N GLY B 302 -23.51 -2.03 19.01
CA GLY B 302 -23.85 -1.12 20.10
C GLY B 302 -25.28 -1.17 20.54
N ALA B 303 -26.15 -1.88 19.82
CA ALA B 303 -27.53 -2.01 20.25
C ALA B 303 -27.64 -2.70 21.61
N ALA B 304 -26.69 -3.58 21.92
CA ALA B 304 -26.67 -4.28 23.20
C ALA B 304 -26.48 -3.29 24.35
N ARG B 305 -27.35 -3.37 25.34
CA ARG B 305 -27.31 -2.48 26.49
C ARG B 305 -28.20 -3.05 27.59
N ASN B 306 -27.93 -2.62 28.82
CA ASN B 306 -28.73 -3.01 29.97
C ASN B 306 -29.72 -1.89 30.29
N VAL B 307 -30.99 -2.25 30.46
CA VAL B 307 -32.07 -1.29 30.70
C VAL B 307 -32.37 -1.26 32.18
N GLU B 308 -32.49 -0.04 32.74
CA GLU B 308 -32.83 0.10 34.14
C GLU B 308 -34.31 -0.15 34.41
N GLU B 309 -35.18 0.25 33.48
CA GLU B 309 -36.61 0.03 33.67
C GLU B 309 -36.98 -1.44 33.64
N GLY B 310 -36.21 -2.25 32.90
CA GLY B 310 -36.50 -3.67 32.82
C GLY B 310 -35.96 -4.31 31.55
N GLY B 311 -35.49 -5.55 31.67
CA GLY B 311 -34.95 -6.27 30.54
C GLY B 311 -33.50 -5.93 30.27
N SER B 312 -32.93 -6.63 29.31
CA SER B 312 -31.53 -6.45 28.93
C SER B 312 -31.33 -7.07 27.55
N LEU B 313 -30.20 -6.72 26.93
CA LEU B 313 -29.84 -7.24 25.62
C LEU B 313 -28.36 -7.58 25.61
N THR B 314 -28.05 -8.86 25.50
CA THR B 314 -26.68 -9.35 25.50
C THR B 314 -26.32 -9.84 24.10
N ILE B 315 -25.17 -9.38 23.61
CA ILE B 315 -24.68 -9.73 22.28
C ILE B 315 -23.24 -10.22 22.44
N ILE B 316 -22.99 -11.48 22.14
CA ILE B 316 -21.67 -12.07 22.21
C ILE B 316 -21.27 -12.45 20.79
N ALA B 317 -20.41 -11.64 20.17
CA ALA B 317 -19.97 -11.85 18.81
C ALA B 317 -18.57 -12.45 18.80
N THR B 318 -18.33 -13.35 17.84
CA THR B 318 -17.03 -14.00 17.69
C THR B 318 -16.33 -13.41 16.47
N ALA B 319 -15.24 -12.70 16.71
CA ALA B 319 -14.48 -12.06 15.64
C ALA B 319 -13.40 -13.00 15.12
N LEU B 320 -13.08 -12.86 13.83
CA LEU B 320 -12.08 -13.68 13.18
C LEU B 320 -10.80 -12.88 12.95
N ILE B 321 -9.67 -13.48 13.30
CA ILE B 321 -8.35 -12.87 13.11
C ILE B 321 -7.44 -13.90 12.47
N ASP B 322 -6.33 -13.40 11.90
CA ASP B 322 -5.32 -14.24 11.28
C ASP B 322 -5.91 -15.10 10.17
N THR B 323 -6.85 -14.53 9.44
CA THR B 323 -7.51 -15.23 8.34
C THR B 323 -6.82 -15.00 7.00
N GLY B 324 -5.71 -14.29 6.98
CA GLY B 324 -5.00 -14.00 5.73
C GLY B 324 -5.52 -12.82 4.96
N SER B 325 -6.64 -12.23 5.36
CA SER B 325 -7.23 -11.08 4.68
C SER B 325 -7.05 -9.84 5.56
N LYS B 326 -6.53 -8.77 4.96
CA LYS B 326 -6.31 -7.54 5.71
C LYS B 326 -7.63 -6.86 6.07
N MET B 327 -8.69 -7.12 5.32
CA MET B 327 -9.98 -6.53 5.61
C MET B 327 -10.50 -7.00 6.97
N ASP B 328 -10.40 -8.30 7.23
CA ASP B 328 -10.83 -8.82 8.53
C ASP B 328 -9.96 -8.28 9.66
N GLU B 329 -8.67 -8.09 9.40
CA GLU B 329 -7.79 -7.51 10.42
C GLU B 329 -8.20 -6.08 10.73
N VAL B 330 -8.53 -5.29 9.71
CA VAL B 330 -8.98 -3.91 9.94
C VAL B 330 -10.30 -3.90 10.70
N ILE B 331 -11.20 -4.82 10.34
CA ILE B 331 -12.50 -4.90 11.04
C ILE B 331 -12.29 -5.23 12.50
N TYR B 332 -11.72 -6.43 12.71
CA TYR B 332 -11.64 -6.98 14.09
C TYR B 332 -11.26 -5.92 15.11
N GLU B 333 -10.15 -5.24 14.86
CA GLU B 333 -9.67 -4.29 15.89
C GLU B 333 -10.47 -2.99 15.80
N GLU B 334 -10.89 -2.54 14.61
CA GLU B 334 -11.78 -1.35 14.57
C GLU B 334 -12.85 -1.64 15.61
N PHE B 335 -13.25 -2.91 15.72
CA PHE B 335 -14.21 -3.36 16.71
C PHE B 335 -13.57 -3.68 18.07
N LYS B 336 -12.25 -3.83 18.10
CA LYS B 336 -11.57 -4.21 19.37
C LYS B 336 -12.05 -3.25 20.46
N GLY B 337 -11.97 -1.94 20.20
CA GLY B 337 -12.51 -0.96 21.16
C GLY B 337 -14.00 -1.20 21.35
N THR B 338 -14.72 -1.47 20.25
CA THR B 338 -16.16 -1.79 20.34
C THR B 338 -16.34 -3.11 21.07
N GLY B 339 -16.30 -3.09 22.40
CA GLY B 339 -16.47 -4.32 23.20
C GLY B 339 -15.79 -4.19 24.55
N ASN B 340 -16.57 -4.29 25.63
CA ASN B 340 -16.00 -4.23 26.97
C ASN B 340 -15.64 -5.61 27.51
N MET B 341 -15.43 -6.59 26.64
CA MET B 341 -15.05 -7.93 27.06
C MET B 341 -14.38 -8.64 25.90
N GLU B 342 -13.16 -9.13 26.12
CA GLU B 342 -12.41 -9.85 25.10
C GLU B 342 -11.97 -11.20 25.67
N LEU B 343 -12.38 -12.26 25.00
CA LEU B 343 -11.99 -13.63 25.38
C LEU B 343 -11.15 -14.20 24.25
N HIS B 344 -9.83 -14.05 24.37
CA HIS B 344 -8.92 -14.48 23.32
C HIS B 344 -8.63 -15.97 23.43
N LEU B 345 -8.50 -16.62 22.27
CA LEU B 345 -8.14 -18.02 22.19
C LEU B 345 -6.82 -18.15 21.43
N SER B 346 -5.94 -19.02 21.92
CA SER B 346 -4.61 -19.19 21.37
C SER B 346 -4.58 -20.39 20.42
N ARG B 347 -4.04 -20.17 19.21
CA ARG B 347 -3.89 -21.26 18.26
C ARG B 347 -2.80 -22.22 18.69
N LYS B 348 -1.76 -21.71 19.34
CA LYS B 348 -0.66 -22.57 19.79
C LYS B 348 -1.15 -23.58 20.82
N ILE B 349 -2.07 -23.18 21.70
CA ILE B 349 -2.61 -24.11 22.67
C ILE B 349 -3.57 -25.08 22.00
N ALA B 350 -4.29 -24.64 20.97
CA ALA B 350 -5.22 -25.53 20.27
C ALA B 350 -4.47 -26.59 19.48
N GLU B 351 -3.28 -26.25 18.97
CA GLU B 351 -2.48 -27.23 18.24
C GLU B 351 -1.97 -28.35 19.15
N LYS B 352 -1.81 -28.08 20.44
CA LYS B 352 -1.40 -29.09 21.40
C LYS B 352 -2.56 -29.95 21.89
N ARG B 353 -3.76 -29.76 21.32
CA ARG B 353 -4.96 -30.52 21.69
C ARG B 353 -5.27 -30.34 23.17
N VAL B 354 -5.12 -29.12 23.68
CA VAL B 354 -5.43 -28.79 25.06
C VAL B 354 -6.71 -27.95 25.03
N PHE B 355 -7.84 -28.61 25.29
CA PHE B 355 -9.14 -27.95 25.27
C PHE B 355 -9.61 -27.68 26.69
N PRO B 356 -10.12 -26.47 27.00
CA PRO B 356 -10.22 -25.37 26.03
C PRO B 356 -8.91 -24.59 25.88
N ALA B 357 -8.69 -24.01 24.70
CA ALA B 357 -7.50 -23.23 24.42
C ALA B 357 -7.85 -21.75 24.58
N ILE B 358 -7.88 -21.30 25.84
CA ILE B 358 -8.28 -19.94 26.18
C ILE B 358 -7.04 -19.19 26.64
N ASP B 359 -6.86 -17.97 26.12
CA ASP B 359 -5.77 -17.09 26.55
C ASP B 359 -6.23 -16.37 27.81
N TYR B 360 -5.86 -16.92 28.96
CA TYR B 360 -6.32 -16.35 30.23
C TYR B 360 -5.66 -15.00 30.51
N ASN B 361 -4.47 -14.77 29.96
CA ASN B 361 -3.75 -13.53 30.25
C ASN B 361 -4.46 -12.32 29.64
N ARG B 362 -4.78 -12.39 28.35
CA ARG B 362 -5.39 -11.25 27.68
C ARG B 362 -6.90 -11.15 27.93
N SER B 363 -7.51 -12.16 28.53
CA SER B 363 -8.93 -12.10 28.84
C SER B 363 -9.17 -11.20 30.04
N GLY B 364 -10.43 -10.87 30.26
CA GLY B 364 -10.81 -10.02 31.37
C GLY B 364 -12.13 -9.32 31.10
N THR B 365 -12.66 -8.72 32.16
CA THR B 365 -13.92 -7.99 32.10
C THR B 365 -13.81 -6.70 32.88
N ARG B 366 -14.28 -5.61 32.28
CA ARG B 366 -14.27 -4.31 32.95
C ARG B 366 -15.44 -4.21 33.91
N LYS B 367 -15.21 -3.53 35.03
CA LYS B 367 -16.22 -3.38 36.09
C LYS B 367 -16.69 -4.74 36.59
N GLU B 368 -15.75 -5.67 36.77
CA GLU B 368 -16.09 -7.01 37.23
C GLU B 368 -16.55 -7.05 38.67
N GLU B 369 -16.29 -5.99 39.44
CA GLU B 369 -16.72 -5.96 40.84
C GLU B 369 -18.23 -5.85 40.99
N LEU B 370 -18.93 -5.46 39.92
CA LEU B 370 -20.38 -5.35 39.96
C LEU B 370 -21.08 -6.69 39.77
N LEU B 371 -20.34 -7.75 39.44
CA LEU B 371 -20.92 -9.07 39.24
C LEU B 371 -20.36 -10.12 40.20
N THR B 372 -19.35 -9.78 40.99
CA THR B 372 -18.74 -10.72 41.93
C THR B 372 -18.62 -10.07 43.30
N THR B 373 -18.55 -10.90 44.32
CA THR B 373 -18.40 -10.42 45.69
C THR B 373 -16.97 -9.95 45.94
N GLN B 374 -16.74 -9.45 47.15
CA GLN B 374 -15.42 -8.95 47.51
C GLN B 374 -14.40 -10.08 47.60
N GLU B 375 -14.75 -11.16 48.33
CA GLU B 375 -13.83 -12.28 48.48
C GLU B 375 -13.61 -12.99 47.15
N GLU B 376 -14.66 -13.10 46.33
CA GLU B 376 -14.51 -13.73 45.02
C GLU B 376 -13.60 -12.90 44.12
N LEU B 377 -13.76 -11.57 44.15
CA LEU B 377 -12.88 -10.71 43.36
C LEU B 377 -11.43 -10.79 43.85
N GLN B 378 -11.24 -10.86 45.17
CA GLN B 378 -9.88 -10.99 45.70
C GLN B 378 -9.25 -12.31 45.29
N LYS B 379 -10.02 -13.40 45.34
CA LYS B 379 -9.50 -14.70 44.91
C LYS B 379 -9.17 -14.71 43.43
N MET B 380 -10.02 -14.08 42.60
CA MET B 380 -9.72 -13.99 41.18
C MET B 380 -8.47 -13.17 40.92
N TRP B 381 -8.29 -12.07 41.68
CA TRP B 381 -7.08 -11.27 41.53
C TRP B 381 -5.84 -12.06 41.92
N ILE B 382 -5.92 -12.82 43.00
CA ILE B 382 -4.78 -13.65 43.42
C ILE B 382 -4.49 -14.71 42.37
N LEU B 383 -5.53 -15.34 41.82
CA LEU B 383 -5.33 -16.35 40.79
C LEU B 383 -4.69 -15.75 39.54
N ARG B 384 -5.10 -14.53 39.17
CA ARG B 384 -4.50 -13.88 38.01
C ARG B 384 -3.04 -13.52 38.28
N LYS B 385 -2.74 -13.05 39.50
CA LYS B 385 -1.35 -12.71 39.82
C LYS B 385 -0.47 -13.94 39.89
N ILE B 386 -1.04 -15.09 40.23
CA ILE B 386 -0.26 -16.33 40.23
C ILE B 386 -0.09 -16.88 38.82
N ILE B 387 -1.12 -16.74 37.98
CA ILE B 387 -1.07 -17.30 36.63
C ILE B 387 -0.21 -16.45 35.70
N HIS B 388 -0.20 -15.13 35.89
CA HIS B 388 0.49 -14.22 34.99
C HIS B 388 1.96 -14.56 34.74
N PRO B 389 2.77 -14.89 35.75
CA PRO B 389 4.18 -15.21 35.44
C PRO B 389 4.36 -16.44 34.56
N MET B 390 3.52 -17.46 34.74
CA MET B 390 3.67 -18.68 33.97
C MET B 390 3.26 -18.46 32.52
N GLY B 391 3.78 -19.33 31.65
CA GLY B 391 3.44 -19.26 30.24
C GLY B 391 2.00 -19.69 29.98
N GLU B 392 1.55 -19.41 28.76
CA GLU B 392 0.16 -19.68 28.39
C GLU B 392 -0.16 -21.17 28.50
N ILE B 393 0.64 -22.01 27.84
CA ILE B 393 0.39 -23.46 27.87
C ILE B 393 0.56 -24.00 29.28
N ASP B 394 1.61 -23.54 29.98
CA ASP B 394 1.83 -23.99 31.35
C ASP B 394 0.70 -23.57 32.27
N ALA B 395 0.21 -22.33 32.13
CA ALA B 395 -0.88 -21.86 32.96
C ALA B 395 -2.16 -22.65 32.67
N MET B 396 -2.41 -22.95 31.40
CA MET B 396 -3.60 -23.72 31.05
C MET B 396 -3.52 -25.14 31.62
N GLU B 397 -2.34 -25.77 31.53
CA GLU B 397 -2.18 -27.10 32.09
C GLU B 397 -2.35 -27.08 33.60
N PHE B 398 -1.79 -26.08 34.27
CA PHE B 398 -1.95 -25.95 35.71
C PHE B 398 -3.41 -25.77 36.09
N LEU B 399 -4.12 -24.90 35.38
CA LEU B 399 -5.53 -24.67 35.67
C LEU B 399 -6.37 -25.92 35.46
N ILE B 400 -6.10 -26.66 34.38
CA ILE B 400 -6.84 -27.88 34.12
C ILE B 400 -6.57 -28.92 35.20
N ASN B 401 -5.30 -29.10 35.58
CA ASN B 401 -4.95 -30.09 36.58
C ASN B 401 -5.51 -29.72 37.95
N LYS B 402 -5.66 -28.42 38.22
CA LYS B 402 -6.19 -28.01 39.51
C LYS B 402 -7.72 -28.04 39.54
N LEU B 403 -8.37 -27.83 38.39
CA LEU B 403 -9.83 -27.91 38.35
C LEU B 403 -10.32 -29.34 38.22
N ALA B 404 -9.48 -30.25 37.74
CA ALA B 404 -9.88 -31.65 37.66
C ALA B 404 -9.94 -32.31 39.02
N MET B 405 -9.26 -31.74 40.03
CA MET B 405 -9.24 -32.35 41.35
C MET B 405 -10.57 -32.18 42.08
N THR B 406 -11.26 -31.07 41.87
CA THR B 406 -12.50 -30.76 42.56
C THR B 406 -13.62 -30.51 41.56
N LYS B 407 -14.83 -30.32 42.08
CA LYS B 407 -16.00 -30.05 41.25
C LYS B 407 -16.33 -28.57 41.16
N THR B 408 -16.19 -27.84 42.26
CA THR B 408 -16.50 -26.42 42.31
C THR B 408 -15.22 -25.61 42.44
N ASN B 409 -15.28 -24.37 41.94
CA ASN B 409 -14.11 -23.50 41.99
C ASN B 409 -13.89 -22.95 43.39
N ASP B 410 -14.90 -22.99 44.25
CA ASP B 410 -14.74 -22.53 45.63
C ASP B 410 -13.74 -23.40 46.38
N ASP B 411 -13.79 -24.71 46.17
CA ASP B 411 -12.82 -25.60 46.79
C ASP B 411 -11.41 -25.32 46.30
N PHE B 412 -11.25 -25.05 44.99
CA PHE B 412 -9.94 -24.70 44.46
C PHE B 412 -9.42 -23.41 45.09
N PHE B 413 -10.28 -22.39 45.19
CA PHE B 413 -9.86 -21.13 45.81
C PHE B 413 -9.49 -21.34 47.27
N GLU B 414 -10.23 -22.19 47.99
CA GLU B 414 -9.92 -22.44 49.38
C GLU B 414 -8.63 -23.22 49.54
N MET B 415 -8.32 -24.12 48.60
CA MET B 415 -7.08 -24.87 48.67
C MET B 415 -5.87 -24.05 48.21
N MET B 416 -6.10 -23.01 47.41
CA MET B 416 -4.98 -22.18 46.98
C MET B 416 -4.38 -21.41 48.15
N LYS B 417 -5.22 -21.00 49.11
CA LYS B 417 -4.74 -20.27 50.28
C LYS B 417 -4.02 -21.20 51.25
N MET C 1 -25.63 -48.60 -31.89
CA MET C 1 -25.19 -47.30 -32.37
C MET C 1 -25.12 -46.30 -31.23
N ASN C 2 -23.97 -46.22 -30.58
CA ASN C 2 -23.75 -45.32 -29.47
C ASN C 2 -22.61 -44.37 -29.82
N LEU C 3 -22.69 -43.13 -29.31
CA LEU C 3 -21.68 -42.12 -29.61
C LEU C 3 -20.35 -42.47 -28.96
N THR C 4 -20.37 -42.85 -27.69
CA THR C 4 -19.13 -43.16 -26.99
C THR C 4 -18.44 -44.38 -27.58
N GLU C 5 -19.21 -45.35 -28.08
CA GLU C 5 -18.61 -46.52 -28.70
C GLU C 5 -17.83 -46.14 -29.95
N LEU C 6 -18.39 -45.23 -30.77
CA LEU C 6 -17.66 -44.76 -31.95
C LEU C 6 -16.51 -43.85 -31.58
N LYS C 7 -16.61 -43.13 -30.45
CA LYS C 7 -15.52 -42.29 -29.99
C LYS C 7 -14.35 -43.12 -29.47
N ASN C 8 -14.61 -44.30 -28.90
CA ASN C 8 -13.54 -45.13 -28.38
C ASN C 8 -12.83 -45.91 -29.49
N THR C 9 -13.48 -46.08 -30.64
CA THR C 9 -12.86 -46.81 -31.74
C THR C 9 -11.68 -46.02 -32.29
N PRO C 10 -10.65 -46.71 -32.81
CA PRO C 10 -9.50 -46.01 -33.37
C PRO C 10 -9.84 -45.36 -34.71
N VAL C 11 -8.86 -44.60 -35.22
CA VAL C 11 -9.07 -43.85 -36.46
C VAL C 11 -9.05 -44.79 -37.66
N SER C 12 -8.16 -45.80 -37.63
CA SER C 12 -8.00 -46.67 -38.79
C SER C 12 -9.27 -47.48 -39.05
N GLU C 13 -9.86 -48.06 -38.00
CA GLU C 13 -11.08 -48.83 -38.17
C GLU C 13 -12.25 -47.96 -38.62
N LEU C 14 -12.33 -46.72 -38.13
CA LEU C 14 -13.39 -45.83 -38.58
C LEU C 14 -13.21 -45.45 -40.04
N ILE C 15 -11.97 -45.21 -40.48
CA ILE C 15 -11.70 -44.92 -41.88
C ILE C 15 -12.08 -46.11 -42.75
N THR C 16 -11.73 -47.32 -42.30
CA THR C 16 -12.07 -48.52 -43.05
C THR C 16 -13.58 -48.70 -43.16
N LEU C 17 -14.29 -48.49 -42.05
CA LEU C 17 -15.75 -48.62 -42.07
C LEU C 17 -16.38 -47.58 -43.00
N GLY C 18 -15.88 -46.34 -42.94
CA GLY C 18 -16.42 -45.32 -43.82
C GLY C 18 -16.15 -45.59 -45.29
N GLU C 19 -14.97 -46.14 -45.61
CA GLU C 19 -14.68 -46.51 -46.99
C GLU C 19 -15.54 -47.67 -47.44
N ASN C 20 -15.85 -48.60 -46.53
CA ASN C 20 -16.76 -49.69 -46.88
C ASN C 20 -18.18 -49.21 -47.07
N MET C 21 -18.60 -48.17 -46.34
CA MET C 21 -19.95 -47.64 -46.49
C MET C 21 -20.11 -46.88 -47.80
N GLY C 22 -19.01 -46.54 -48.47
CA GLY C 22 -19.08 -45.86 -49.75
C GLY C 22 -19.36 -44.37 -49.62
N LEU C 23 -18.46 -43.64 -49.00
CA LEU C 23 -18.59 -42.20 -48.82
C LEU C 23 -17.33 -41.52 -49.36
N GLU C 24 -17.23 -40.20 -49.13
CA GLU C 24 -16.06 -39.45 -49.55
C GLU C 24 -14.82 -39.92 -48.81
N ASN C 25 -13.66 -39.67 -49.40
CA ASN C 25 -12.38 -40.08 -48.83
C ASN C 25 -12.23 -39.58 -47.40
N LEU C 26 -12.11 -40.51 -46.46
CA LEU C 26 -12.04 -40.19 -45.04
C LEU C 26 -10.61 -40.09 -44.52
N ALA C 27 -9.61 -40.40 -45.36
CA ALA C 27 -8.22 -40.29 -44.90
C ALA C 27 -7.87 -38.84 -44.59
N ARG C 28 -8.27 -37.91 -45.45
CA ARG C 28 -8.08 -36.48 -45.21
C ARG C 28 -9.29 -35.87 -44.53
N MET C 29 -9.73 -36.47 -43.42
CA MET C 29 -10.90 -35.99 -42.70
C MET C 29 -10.69 -36.19 -41.21
N ARG C 30 -11.33 -35.34 -40.42
CA ARG C 30 -11.26 -35.44 -38.97
C ARG C 30 -12.08 -36.65 -38.48
N LYS C 31 -11.67 -37.18 -37.32
CA LYS C 31 -12.36 -38.33 -36.75
C LYS C 31 -13.81 -37.99 -36.42
N GLN C 32 -14.05 -36.77 -35.91
CA GLN C 32 -15.42 -36.37 -35.61
C GLN C 32 -16.26 -36.28 -36.87
N ASP C 33 -15.68 -35.75 -37.95
CA ASP C 33 -16.40 -35.69 -39.22
C ASP C 33 -16.66 -37.10 -39.77
N ILE C 34 -15.70 -38.00 -39.57
CA ILE C 34 -15.89 -39.40 -39.99
C ILE C 34 -17.07 -40.02 -39.25
N ILE C 35 -17.11 -39.82 -37.93
CA ILE C 35 -18.20 -40.36 -37.13
C ILE C 35 -19.54 -39.75 -37.55
N PHE C 36 -19.53 -38.44 -37.84
CA PHE C 36 -20.75 -37.76 -38.27
C PHE C 36 -21.25 -38.33 -39.59
N ALA C 37 -20.35 -38.54 -40.55
CA ALA C 37 -20.75 -39.10 -41.83
C ALA C 37 -21.23 -40.53 -41.69
N ILE C 38 -20.58 -41.31 -40.82
CA ILE C 38 -21.03 -42.69 -40.60
C ILE C 38 -22.42 -42.71 -39.98
N LEU C 39 -22.68 -41.82 -39.03
CA LEU C 39 -24.00 -41.75 -38.42
C LEU C 39 -25.05 -41.32 -39.45
N LYS C 40 -24.72 -40.36 -40.31
CA LYS C 40 -25.64 -39.96 -41.37
C LYS C 40 -25.96 -41.13 -42.29
N GLN C 41 -24.93 -41.83 -42.74
CA GLN C 41 -25.14 -42.95 -43.67
C GLN C 41 -25.91 -44.08 -43.01
N HIS C 42 -25.71 -44.30 -41.71
CA HIS C 42 -26.43 -45.36 -41.02
C HIS C 42 -27.88 -44.97 -40.77
N ALA C 43 -28.15 -43.68 -40.55
CA ALA C 43 -29.52 -43.23 -40.37
C ALA C 43 -30.28 -43.12 -41.69
N LYS C 44 -29.58 -42.97 -42.81
CA LYS C 44 -30.26 -42.99 -44.10
C LYS C 44 -30.88 -44.35 -44.39
N SER C 45 -30.35 -45.41 -43.78
CA SER C 45 -30.92 -46.75 -43.96
C SER C 45 -32.15 -46.98 -43.11
N GLY C 46 -32.46 -46.08 -42.17
CA GLY C 46 -33.63 -46.22 -41.33
C GLY C 46 -33.36 -46.67 -39.91
N GLU C 47 -32.11 -47.03 -39.58
CA GLU C 47 -31.80 -47.49 -38.24
C GLU C 47 -31.76 -46.32 -37.26
N ASP C 48 -31.86 -46.65 -35.97
CA ASP C 48 -31.87 -45.64 -34.93
C ASP C 48 -30.46 -45.37 -34.41
N ILE C 49 -30.25 -44.17 -33.90
CA ILE C 49 -28.97 -43.75 -33.33
C ILE C 49 -29.20 -43.31 -31.90
N PHE C 50 -28.28 -43.71 -31.01
CA PHE C 50 -28.37 -43.38 -29.60
C PHE C 50 -27.14 -42.60 -29.17
N GLY C 51 -27.33 -41.74 -28.16
CA GLY C 51 -26.26 -40.92 -27.64
C GLY C 51 -26.47 -40.66 -26.17
N ASP C 52 -25.51 -39.96 -25.57
CA ASP C 52 -25.56 -39.64 -24.15
C ASP C 52 -24.63 -38.46 -23.89
N GLY C 53 -24.74 -37.92 -22.68
CA GLY C 53 -23.91 -36.79 -22.29
C GLY C 53 -24.54 -36.03 -21.15
N VAL C 54 -23.76 -35.08 -20.62
CA VAL C 54 -24.20 -34.24 -19.52
C VAL C 54 -24.88 -33.00 -20.09
N LEU C 55 -26.03 -32.66 -19.53
CA LEU C 55 -26.82 -31.54 -20.03
C LEU C 55 -26.25 -30.21 -19.56
N GLU C 56 -26.19 -29.24 -20.47
CA GLU C 56 -25.73 -27.88 -20.18
C GLU C 56 -26.80 -26.92 -20.71
N ILE C 57 -27.71 -26.52 -19.84
CA ILE C 57 -28.79 -25.62 -20.25
C ILE C 57 -28.23 -24.22 -20.45
N LEU C 58 -28.49 -23.65 -21.62
CA LEU C 58 -28.04 -22.31 -21.93
C LEU C 58 -28.97 -21.28 -21.30
N GLN C 59 -28.57 -20.00 -21.41
CA GLN C 59 -29.36 -18.92 -20.83
C GLN C 59 -30.64 -18.69 -21.61
N ASP C 60 -30.65 -18.98 -22.91
CA ASP C 60 -31.84 -18.74 -23.72
C ASP C 60 -32.95 -19.74 -23.38
N GLY C 61 -32.59 -20.99 -23.11
CA GLY C 61 -33.57 -21.99 -22.76
C GLY C 61 -33.27 -23.36 -23.31
N PHE C 62 -32.43 -23.44 -24.34
CA PHE C 62 -32.04 -24.70 -24.94
C PHE C 62 -30.77 -25.22 -24.24
N GLY C 63 -30.22 -26.30 -24.77
CA GLY C 63 -29.02 -26.87 -24.16
C GLY C 63 -28.41 -27.92 -25.06
N PHE C 64 -27.24 -28.41 -24.62
CA PHE C 64 -26.50 -29.43 -25.34
C PHE C 64 -26.08 -30.52 -24.37
N LEU C 65 -25.61 -31.64 -24.93
CA LEU C 65 -25.11 -32.78 -24.16
C LEU C 65 -23.61 -32.85 -24.36
N ARG C 66 -22.87 -32.28 -23.42
CA ARG C 66 -21.42 -32.28 -23.49
C ARG C 66 -20.87 -33.69 -23.26
N SER C 67 -19.63 -33.90 -23.72
CA SER C 67 -18.96 -35.18 -23.58
C SER C 67 -17.82 -35.07 -22.56
N ALA C 68 -17.56 -36.17 -21.87
CA ALA C 68 -16.54 -36.15 -20.82
C ALA C 68 -15.13 -36.28 -21.35
N ASP C 69 -14.97 -36.92 -22.53
CA ASP C 69 -13.63 -37.11 -23.09
C ASP C 69 -13.03 -35.80 -23.61
N SER C 70 -13.86 -34.78 -23.82
CA SER C 70 -13.39 -33.49 -24.32
C SER C 70 -13.41 -32.41 -23.25
N SER C 71 -13.52 -32.80 -21.97
CA SER C 71 -13.53 -31.88 -20.84
C SER C 71 -14.68 -30.88 -20.97
N TYR C 72 -15.83 -31.37 -21.43
CA TYR C 72 -17.05 -30.58 -21.57
C TYR C 72 -16.83 -29.35 -22.46
N LEU C 73 -16.12 -29.56 -23.56
CA LEU C 73 -15.86 -28.51 -24.53
C LEU C 73 -16.91 -28.52 -25.63
N ALA C 74 -17.22 -27.34 -26.15
CA ALA C 74 -18.22 -27.22 -27.21
C ALA C 74 -17.79 -27.96 -28.46
N GLY C 75 -18.49 -29.03 -28.80
CA GLY C 75 -18.16 -29.82 -29.95
C GLY C 75 -19.26 -29.81 -31.00
N PRO C 76 -18.90 -30.14 -32.24
CA PRO C 76 -19.92 -30.21 -33.30
C PRO C 76 -20.91 -31.35 -33.12
N ASP C 77 -20.52 -32.40 -32.39
CA ASP C 77 -21.37 -33.57 -32.20
C ASP C 77 -22.23 -33.47 -30.95
N ASP C 78 -22.48 -32.26 -30.46
CA ASP C 78 -23.34 -32.08 -29.30
C ASP C 78 -24.80 -32.30 -29.69
N ILE C 79 -25.56 -32.93 -28.79
CA ILE C 79 -26.95 -33.24 -29.03
C ILE C 79 -27.80 -32.07 -28.56
N TYR C 80 -28.57 -31.49 -29.48
CA TYR C 80 -29.44 -30.38 -29.14
C TYR C 80 -30.63 -30.87 -28.30
N VAL C 81 -30.95 -30.12 -27.26
CA VAL C 81 -32.07 -30.44 -26.37
C VAL C 81 -33.04 -29.26 -26.42
N SER C 82 -34.23 -29.51 -26.96
CA SER C 82 -35.22 -28.44 -27.08
C SER C 82 -35.72 -28.02 -25.69
N PRO C 83 -36.09 -26.75 -25.53
CA PRO C 83 -36.63 -26.33 -24.22
C PRO C 83 -37.97 -26.95 -23.89
N SER C 84 -38.71 -27.42 -24.90
CA SER C 84 -39.98 -28.08 -24.66
C SER C 84 -39.79 -29.35 -23.83
N GLN C 85 -38.82 -30.18 -24.21
CA GLN C 85 -38.54 -31.39 -23.44
C GLN C 85 -38.00 -31.04 -22.05
N ILE C 86 -37.22 -29.96 -21.96
CA ILE C 86 -36.70 -29.53 -20.66
C ILE C 86 -37.86 -29.17 -19.72
N ARG C 87 -38.85 -28.48 -20.27
CA ARG C 87 -40.05 -28.02 -19.52
C ARG C 87 -40.98 -29.20 -19.24
N ARG C 88 -40.91 -30.26 -20.07
CA ARG C 88 -41.78 -31.46 -19.94
C ARG C 88 -41.22 -32.44 -18.90
N PHE C 89 -39.89 -32.52 -18.78
CA PHE C 89 -39.24 -33.45 -17.85
C PHE C 89 -38.53 -32.74 -16.70
N ASN C 90 -38.61 -31.42 -16.61
CA ASN C 90 -37.97 -30.64 -15.56
C ASN C 90 -36.47 -30.93 -15.50
N LEU C 91 -35.82 -30.84 -16.65
CA LEU C 91 -34.39 -31.09 -16.73
C LEU C 91 -33.61 -29.87 -16.27
N ARG C 92 -32.45 -30.12 -15.66
CA ARG C 92 -31.57 -29.06 -15.20
C ARG C 92 -30.13 -29.39 -15.59
N THR C 93 -29.26 -28.40 -15.44
CA THR C 93 -27.86 -28.57 -15.80
C THR C 93 -27.21 -29.62 -14.92
N GLY C 94 -26.68 -30.66 -15.56
CA GLY C 94 -26.02 -31.76 -14.86
C GLY C 94 -26.73 -33.09 -15.00
N ASP C 95 -27.99 -33.11 -15.44
CA ASP C 95 -28.73 -34.35 -15.59
C ASP C 95 -28.17 -35.17 -16.74
N THR C 96 -27.76 -36.40 -16.45
CA THR C 96 -27.28 -37.30 -17.49
C THR C 96 -28.47 -37.83 -18.29
N ILE C 97 -28.47 -37.56 -19.59
CA ILE C 97 -29.56 -37.96 -20.48
C ILE C 97 -29.02 -38.91 -21.52
N SER C 98 -29.73 -40.02 -21.72
CA SER C 98 -29.37 -41.04 -22.71
C SER C 98 -30.63 -41.44 -23.46
N GLY C 99 -30.69 -41.11 -24.75
CA GLY C 99 -31.87 -41.43 -25.54
C GLY C 99 -31.54 -41.46 -27.01
N LYS C 100 -32.57 -41.76 -27.80
CA LYS C 100 -32.41 -41.82 -29.25
C LYS C 100 -32.16 -40.43 -29.82
N ILE C 101 -31.27 -40.36 -30.80
CA ILE C 101 -30.92 -39.11 -31.47
C ILE C 101 -31.05 -39.31 -32.98
N ARG C 102 -31.07 -38.20 -33.69
CA ARG C 102 -31.17 -38.19 -35.14
C ARG C 102 -30.20 -37.17 -35.72
N PRO C 103 -29.64 -37.44 -36.90
CA PRO C 103 -28.74 -36.48 -37.53
C PRO C 103 -29.48 -35.19 -37.88
N PRO C 104 -28.76 -34.08 -37.98
CA PRO C 104 -29.42 -32.81 -38.31
C PRO C 104 -29.90 -32.78 -39.75
N LYS C 105 -31.11 -32.25 -39.95
CA LYS C 105 -31.69 -32.14 -41.27
C LYS C 105 -31.12 -30.91 -41.98
N GLU C 106 -31.73 -30.54 -43.11
CA GLU C 106 -31.29 -29.36 -43.86
C GLU C 106 -31.59 -28.10 -43.05
N GLY C 107 -30.56 -27.33 -42.75
CA GLY C 107 -30.71 -26.14 -41.95
C GLY C 107 -30.41 -26.32 -40.47
N GLU C 108 -30.00 -27.51 -40.06
CA GLU C 108 -29.65 -27.79 -38.68
C GLU C 108 -28.17 -28.15 -38.59
N ARG C 109 -27.61 -28.01 -37.38
CA ARG C 109 -26.19 -28.23 -37.16
C ARG C 109 -25.89 -29.22 -36.04
N TYR C 110 -26.90 -29.68 -35.31
CA TYR C 110 -26.68 -30.57 -34.17
C TYR C 110 -27.76 -31.64 -34.13
N PHE C 111 -27.44 -32.75 -33.47
CA PHE C 111 -28.37 -33.85 -33.33
C PHE C 111 -29.54 -33.45 -32.42
N ALA C 112 -30.72 -33.95 -32.75
CA ALA C 112 -31.93 -33.68 -31.98
C ALA C 112 -32.29 -34.89 -31.11
N LEU C 113 -32.97 -34.62 -30.00
CA LEU C 113 -33.38 -35.65 -29.06
C LEU C 113 -34.87 -35.94 -29.25
N LEU C 114 -35.20 -37.19 -29.55
CA LEU C 114 -36.58 -37.60 -29.76
C LEU C 114 -37.22 -38.15 -28.48
N LYS C 115 -36.61 -39.19 -27.91
CA LYS C 115 -37.15 -39.84 -26.72
C LYS C 115 -36.02 -40.14 -25.75
N VAL C 116 -36.21 -39.74 -24.49
CA VAL C 116 -35.21 -39.97 -23.45
C VAL C 116 -35.48 -41.33 -22.82
N ASN C 117 -34.42 -42.15 -22.71
CA ASN C 117 -34.57 -43.50 -22.20
C ASN C 117 -34.14 -43.63 -20.74
N GLU C 118 -33.06 -42.96 -20.35
CA GLU C 118 -32.52 -43.08 -19.00
C GLU C 118 -32.05 -41.73 -18.53
N VAL C 119 -32.41 -41.38 -17.30
CA VAL C 119 -32.07 -40.10 -16.68
C VAL C 119 -31.21 -40.38 -15.45
N ASN C 120 -30.00 -39.82 -15.42
CA ASN C 120 -29.08 -39.95 -14.29
C ASN C 120 -28.82 -41.42 -13.97
N PHE C 121 -28.68 -42.24 -15.03
CA PHE C 121 -28.44 -43.67 -14.90
C PHE C 121 -29.55 -44.34 -14.07
N ASP C 122 -30.77 -43.88 -14.27
CA ASP C 122 -31.92 -44.40 -13.53
C ASP C 122 -33.18 -44.13 -14.34
N LYS C 123 -34.29 -44.70 -13.87
CA LYS C 123 -35.56 -44.51 -14.56
C LYS C 123 -36.05 -43.07 -14.39
N PRO C 124 -36.71 -42.51 -15.41
CA PRO C 124 -37.25 -41.15 -15.25
C PRO C 124 -38.33 -41.05 -14.19
N GLU C 125 -39.01 -42.16 -13.88
CA GLU C 125 -40.03 -42.14 -12.84
C GLU C 125 -39.42 -41.93 -11.45
N ASN C 126 -38.15 -42.29 -11.29
CA ASN C 126 -37.45 -42.03 -10.03
C ASN C 126 -36.80 -40.66 -9.99
N ALA C 127 -36.56 -40.04 -11.15
CA ALA C 127 -35.95 -38.73 -11.22
C ALA C 127 -36.98 -37.61 -11.20
N ARG C 128 -38.21 -37.88 -11.64
CA ARG C 128 -39.25 -36.85 -11.62
C ARG C 128 -39.59 -36.45 -10.19
N ASN C 129 -39.50 -37.39 -9.25
CA ASN C 129 -39.76 -37.11 -7.83
C ASN C 129 -38.44 -37.22 -7.09
N LYS C 130 -37.86 -36.07 -6.72
CA LYS C 130 -36.58 -36.04 -6.04
C LYS C 130 -36.48 -34.76 -5.22
N ILE C 131 -35.60 -34.80 -4.22
CA ILE C 131 -35.36 -33.67 -3.34
C ILE C 131 -34.13 -32.92 -3.84
N LEU C 132 -34.23 -31.60 -3.91
CA LEU C 132 -33.13 -30.78 -4.40
C LEU C 132 -31.95 -30.85 -3.44
N PHE C 133 -30.76 -30.52 -3.98
CA PHE C 133 -29.55 -30.56 -3.16
C PHE C 133 -29.54 -29.45 -2.12
N GLU C 134 -30.21 -28.33 -2.39
CA GLU C 134 -30.24 -27.21 -1.46
C GLU C 134 -31.11 -27.50 -0.24
N ASN C 135 -31.91 -28.56 -0.26
CA ASN C 135 -32.79 -28.90 0.85
C ASN C 135 -32.27 -30.04 1.71
N LEU C 136 -31.19 -30.72 1.29
CA LEU C 136 -30.66 -31.82 2.06
C LEU C 136 -30.02 -31.32 3.36
N THR C 137 -30.22 -32.07 4.43
CA THR C 137 -29.72 -31.66 5.74
C THR C 137 -28.24 -31.99 5.85
N PRO C 138 -27.36 -31.01 6.05
CA PRO C 138 -25.93 -31.32 6.18
C PRO C 138 -25.62 -32.02 7.49
N LEU C 139 -24.48 -32.70 7.51
CA LEU C 139 -24.00 -33.39 8.70
C LEU C 139 -22.49 -33.47 8.64
N HIS C 140 -21.89 -33.86 9.77
CA HIS C 140 -20.46 -34.03 9.84
C HIS C 140 -20.05 -35.37 9.23
N ALA C 141 -18.74 -35.54 9.04
CA ALA C 141 -18.22 -36.78 8.49
C ALA C 141 -18.46 -37.93 9.47
N ASN C 142 -19.26 -38.91 9.03
CA ASN C 142 -19.59 -40.07 9.85
C ASN C 142 -18.85 -41.31 9.40
N SER C 143 -18.92 -41.66 8.11
CA SER C 143 -18.24 -42.84 7.60
C SER C 143 -16.76 -42.56 7.46
N ARG C 144 -15.94 -43.56 7.81
CA ARG C 144 -14.49 -43.42 7.75
C ARG C 144 -14.00 -43.88 6.38
N LEU C 145 -13.29 -42.99 5.67
CA LEU C 145 -12.67 -43.32 4.39
C LEU C 145 -11.18 -43.52 4.63
N ARG C 146 -10.83 -44.74 5.03
CA ARG C 146 -9.44 -45.06 5.34
C ARG C 146 -8.60 -45.06 4.07
N MET C 147 -7.43 -44.41 4.14
CA MET C 147 -6.55 -44.26 2.99
C MET C 147 -5.39 -45.25 3.00
N GLU C 148 -5.24 -46.04 4.06
CA GLU C 148 -4.13 -46.97 4.16
C GLU C 148 -4.32 -48.14 3.18
N ARG C 149 -3.28 -48.42 2.41
CA ARG C 149 -3.34 -49.54 1.46
C ARG C 149 -3.46 -50.87 2.18
N GLY C 150 -2.48 -51.17 3.05
CA GLY C 150 -2.44 -52.44 3.74
C GLY C 150 -1.62 -53.52 3.08
N ASN C 151 -1.09 -53.26 1.89
CA ASN C 151 -0.28 -54.23 1.16
C ASN C 151 1.20 -54.20 1.57
N GLY C 152 1.57 -53.33 2.50
CA GLY C 152 2.95 -53.25 2.93
C GLY C 152 3.89 -52.66 1.91
N SER C 153 3.40 -51.86 0.98
CA SER C 153 4.23 -51.25 -0.04
C SER C 153 4.99 -50.06 0.54
N THR C 154 6.09 -49.70 -0.11
CA THR C 154 6.89 -48.57 0.34
C THR C 154 6.16 -47.25 0.12
N GLU C 155 5.26 -47.20 -0.86
CA GLU C 155 4.50 -45.97 -1.11
C GLU C 155 3.36 -45.78 -0.10
N ASP C 156 3.04 -46.83 0.66
CA ASP C 156 1.98 -46.73 1.67
C ASP C 156 2.37 -45.84 2.85
N LEU C 157 3.64 -45.45 2.96
CA LEU C 157 4.06 -44.59 4.06
C LEU C 157 3.35 -43.24 4.01
N THR C 158 3.15 -42.71 2.80
CA THR C 158 2.44 -41.43 2.67
C THR C 158 1.00 -41.56 3.16
N ALA C 159 0.31 -42.64 2.77
CA ALA C 159 -1.05 -42.84 3.22
C ALA C 159 -1.13 -43.04 4.73
N ARG C 160 -0.13 -43.75 5.30
CA ARG C 160 -0.11 -43.96 6.73
C ARG C 160 0.09 -42.65 7.48
N VAL C 161 1.00 -41.80 6.99
CA VAL C 161 1.23 -40.50 7.61
C VAL C 161 -0.02 -39.63 7.48
N LEU C 162 -0.70 -39.71 6.34
CA LEU C 162 -1.91 -38.92 6.15
C LEU C 162 -3.00 -39.38 7.12
N ASP C 163 -3.13 -40.69 7.32
CA ASP C 163 -4.12 -41.21 8.26
C ASP C 163 -3.78 -40.83 9.69
N LEU C 164 -2.49 -40.83 10.04
CA LEU C 164 -2.09 -40.44 11.39
C LEU C 164 -2.21 -38.94 11.61
N ALA C 165 -2.17 -38.15 10.53
CA ALA C 165 -2.22 -36.69 10.68
C ALA C 165 -3.64 -36.17 10.56
N SER C 166 -4.38 -36.61 9.53
CA SER C 166 -5.72 -36.09 9.26
C SER C 166 -6.53 -37.16 8.56
N PRO C 167 -7.29 -37.96 9.31
CA PRO C 167 -8.19 -38.93 8.68
C PRO C 167 -9.29 -38.21 7.88
N ILE C 168 -9.68 -38.83 6.78
CA ILE C 168 -10.64 -38.24 5.85
C ILE C 168 -11.90 -39.12 5.84
N GLY C 169 -13.07 -38.47 5.95
CA GLY C 169 -14.33 -39.16 5.89
C GLY C 169 -15.20 -38.63 4.76
N ARG C 170 -16.39 -39.23 4.65
CA ARG C 170 -17.32 -38.82 3.61
C ARG C 170 -17.89 -37.44 3.92
N GLY C 171 -17.91 -36.57 2.92
CA GLY C 171 -18.40 -35.22 3.09
C GLY C 171 -17.39 -34.24 3.64
N GLN C 172 -16.12 -34.62 3.74
CA GLN C 172 -15.10 -33.75 4.29
C GLN C 172 -14.80 -32.61 3.32
N ARG C 173 -14.47 -31.45 3.89
CA ARG C 173 -14.14 -30.25 3.13
C ARG C 173 -12.80 -29.72 3.65
N GLY C 174 -11.71 -30.21 3.08
CA GLY C 174 -10.37 -29.91 3.53
C GLY C 174 -9.59 -29.02 2.57
N LEU C 175 -8.36 -28.75 2.96
CA LEU C 175 -7.44 -27.92 2.18
C LEU C 175 -6.03 -28.47 2.28
N ILE C 176 -5.34 -28.53 1.15
CA ILE C 176 -3.94 -28.97 1.11
C ILE C 176 -3.10 -27.73 0.86
N VAL C 177 -2.64 -27.11 1.94
CA VAL C 177 -1.83 -25.91 1.86
C VAL C 177 -0.36 -26.30 1.71
N ALA C 178 0.28 -25.79 0.67
CA ALA C 178 1.67 -26.15 0.39
C ALA C 178 2.27 -25.11 -0.54
N PRO C 179 3.48 -24.66 -0.29
CA PRO C 179 4.19 -23.78 -1.22
C PRO C 179 4.54 -24.53 -2.49
N PRO C 180 4.90 -23.83 -3.57
CA PRO C 180 5.28 -24.53 -4.80
C PRO C 180 6.55 -25.33 -4.63
N LYS C 181 6.72 -26.31 -5.52
CA LYS C 181 7.87 -27.21 -5.50
C LYS C 181 7.98 -27.96 -4.18
N ALA C 182 6.84 -28.44 -3.66
CA ALA C 182 6.82 -29.18 -2.41
C ALA C 182 6.53 -30.67 -2.61
N GLY C 183 5.83 -31.04 -3.67
CA GLY C 183 5.46 -32.43 -3.89
C GLY C 183 3.97 -32.64 -3.93
N LYS C 184 3.23 -31.60 -4.33
CA LYS C 184 1.78 -31.69 -4.38
C LYS C 184 1.32 -32.72 -5.42
N THR C 185 2.06 -32.82 -6.52
CA THR C 185 1.67 -33.74 -7.59
C THR C 185 1.72 -35.18 -7.13
N MET C 186 2.85 -35.59 -6.55
CA MET C 186 2.99 -36.97 -6.07
C MET C 186 1.99 -37.27 -4.95
N LEU C 187 1.76 -36.29 -4.07
CA LEU C 187 0.82 -36.48 -2.98
C LEU C 187 -0.60 -36.69 -3.52
N LEU C 188 -1.00 -35.88 -4.52
CA LEU C 188 -2.32 -36.03 -5.10
C LEU C 188 -2.44 -37.35 -5.84
N GLN C 189 -1.38 -37.77 -6.54
CA GLN C 189 -1.39 -39.06 -7.22
C GLN C 189 -1.57 -40.19 -6.22
N ASN C 190 -0.84 -40.14 -5.10
CA ASN C 190 -0.96 -41.18 -4.08
C ASN C 190 -2.35 -41.19 -3.47
N ILE C 191 -2.93 -40.01 -3.21
CA ILE C 191 -4.27 -39.93 -2.65
C ILE C 191 -5.28 -40.54 -3.62
N ALA C 192 -5.17 -40.20 -4.91
CA ALA C 192 -6.10 -40.74 -5.90
C ALA C 192 -5.97 -42.25 -6.03
N GLN C 193 -4.73 -42.76 -6.03
CA GLN C 193 -4.53 -44.19 -6.13
C GLN C 193 -5.07 -44.92 -4.90
N SER C 194 -4.86 -44.36 -3.71
CA SER C 194 -5.39 -44.97 -2.50
C SER C 194 -6.91 -44.95 -2.47
N ILE C 195 -7.51 -43.88 -2.98
CA ILE C 195 -8.98 -43.83 -3.04
C ILE C 195 -9.51 -44.86 -4.04
N ALA C 196 -8.85 -44.98 -5.19
CA ALA C 196 -9.30 -45.95 -6.19
C ALA C 196 -9.09 -47.39 -5.73
N TYR C 197 -8.08 -47.63 -4.88
CA TYR C 197 -7.80 -48.98 -4.42
C TYR C 197 -8.67 -49.37 -3.24
N ASN C 198 -8.79 -48.51 -2.23
CA ASN C 198 -9.52 -48.86 -1.02
C ASN C 198 -11.02 -48.74 -1.22
N HIS C 199 -11.48 -47.67 -1.88
CA HIS C 199 -12.90 -47.41 -2.07
C HIS C 199 -13.19 -47.26 -3.57
N PRO C 200 -13.27 -48.38 -4.29
CA PRO C 200 -13.57 -48.29 -5.73
C PRO C 200 -15.02 -47.95 -6.04
N ASP C 201 -15.91 -48.03 -5.06
CA ASP C 201 -17.32 -47.74 -5.30
C ASP C 201 -17.62 -46.25 -5.40
N CYS C 202 -16.77 -45.40 -4.85
CA CYS C 202 -17.00 -43.97 -4.88
C CYS C 202 -16.66 -43.40 -6.25
N VAL C 203 -17.38 -42.34 -6.63
CA VAL C 203 -17.16 -41.68 -7.92
C VAL C 203 -16.04 -40.66 -7.73
N LEU C 204 -14.88 -40.94 -8.33
CA LEU C 204 -13.71 -40.08 -8.21
C LEU C 204 -13.65 -39.14 -9.41
N MET C 205 -13.51 -37.85 -9.14
CA MET C 205 -13.41 -36.82 -10.18
C MET C 205 -12.24 -35.90 -9.83
N VAL C 206 -11.27 -35.81 -10.74
CA VAL C 206 -10.08 -35.00 -10.56
C VAL C 206 -10.20 -33.79 -11.47
N LEU C 207 -10.22 -32.60 -10.88
CA LEU C 207 -10.33 -31.35 -11.62
C LEU C 207 -8.97 -30.65 -11.60
N LEU C 208 -8.42 -30.39 -12.79
CA LEU C 208 -7.14 -29.71 -12.95
C LEU C 208 -7.34 -28.50 -13.85
N ILE C 209 -7.42 -27.31 -13.27
CA ILE C 209 -7.67 -26.08 -13.99
C ILE C 209 -6.36 -25.31 -14.11
N ASP C 210 -6.05 -24.84 -15.31
CA ASP C 210 -4.87 -24.00 -15.57
C ASP C 210 -3.58 -24.74 -15.20
N GLU C 211 -3.38 -25.90 -15.80
CA GLU C 211 -2.16 -26.71 -15.52
C GLU C 211 -1.44 -27.03 -16.83
N ARG C 212 -0.18 -27.46 -16.75
CA ARG C 212 0.59 -27.84 -17.95
C ARG C 212 0.00 -29.15 -18.51
N PRO C 213 -0.28 -29.24 -19.82
CA PRO C 213 -0.95 -30.43 -20.37
C PRO C 213 -0.17 -31.72 -20.09
N GLU C 214 1.16 -31.74 -20.25
CA GLU C 214 1.88 -32.95 -19.87
C GLU C 214 1.38 -33.52 -18.54
N GLU C 215 1.19 -32.66 -17.53
CA GLU C 215 0.63 -33.13 -16.27
C GLU C 215 -0.80 -33.64 -16.44
N VAL C 216 -1.58 -33.02 -17.33
CA VAL C 216 -2.94 -33.47 -17.58
C VAL C 216 -2.94 -34.88 -18.15
N THR C 217 -2.15 -35.12 -19.20
CA THR C 217 -2.13 -36.43 -19.83
C THR C 217 -1.46 -37.45 -18.94
N GLU C 218 -0.62 -36.99 -18.00
CA GLU C 218 -0.04 -37.91 -17.01
C GLU C 218 -1.10 -38.35 -16.02
N MET C 219 -1.85 -37.41 -15.46
CA MET C 219 -2.90 -37.76 -14.50
C MET C 219 -3.99 -38.59 -15.14
N GLN C 220 -4.28 -38.32 -16.42
CA GLN C 220 -5.34 -39.07 -17.10
C GLN C 220 -4.98 -40.54 -17.30
N ARG C 221 -3.69 -40.83 -17.47
CA ARG C 221 -3.22 -42.18 -17.70
C ARG C 221 -2.66 -42.84 -16.43
N LEU C 222 -2.88 -42.24 -15.27
CA LEU C 222 -2.35 -42.76 -14.01
C LEU C 222 -3.44 -43.17 -13.03
N VAL C 223 -4.47 -42.34 -12.87
CA VAL C 223 -5.52 -42.60 -11.89
C VAL C 223 -6.62 -43.44 -12.56
N LYS C 224 -7.33 -44.20 -11.72
CA LYS C 224 -8.43 -45.04 -12.20
C LYS C 224 -9.76 -44.33 -11.94
N GLY C 225 -10.05 -43.36 -12.79
CA GLY C 225 -11.27 -42.60 -12.65
C GLY C 225 -11.44 -41.60 -13.76
N GLU C 226 -12.32 -40.64 -13.54
CA GLU C 226 -12.61 -39.58 -14.50
C GLU C 226 -11.69 -38.39 -14.26
N VAL C 227 -11.16 -37.83 -15.34
CA VAL C 227 -10.25 -36.70 -15.29
C VAL C 227 -10.79 -35.61 -16.20
N VAL C 228 -11.24 -34.51 -15.62
CA VAL C 228 -11.69 -33.34 -16.36
C VAL C 228 -10.72 -32.20 -16.06
N ALA C 229 -10.02 -31.75 -17.08
CA ALA C 229 -8.96 -30.75 -16.91
C ALA C 229 -9.11 -29.66 -17.97
N SER C 230 -8.44 -28.53 -17.71
CA SER C 230 -8.46 -27.39 -18.62
C SER C 230 -7.08 -26.71 -18.51
N THR C 231 -6.28 -26.87 -19.56
CA THR C 231 -4.93 -26.34 -19.57
C THR C 231 -4.95 -24.80 -19.57
N PHE C 232 -3.77 -24.22 -19.35
CA PHE C 232 -3.63 -22.77 -19.31
C PHE C 232 -3.87 -22.12 -20.68
N ASP C 233 -3.80 -22.88 -21.76
CA ASP C 233 -4.04 -22.32 -23.09
C ASP C 233 -5.49 -21.90 -23.30
N GLU C 234 -6.39 -22.24 -22.38
CA GLU C 234 -7.78 -21.87 -22.49
C GLU C 234 -8.09 -20.65 -21.62
N PRO C 235 -9.03 -19.81 -22.04
CA PRO C 235 -9.37 -18.63 -21.25
C PRO C 235 -10.06 -19.02 -19.94
N ALA C 236 -10.20 -18.02 -19.07
CA ALA C 236 -10.82 -18.25 -17.77
C ALA C 236 -12.30 -18.57 -17.91
N SER C 237 -12.93 -18.18 -19.02
CA SER C 237 -14.33 -18.51 -19.24
C SER C 237 -14.54 -20.02 -19.31
N ARG C 238 -13.65 -20.73 -20.01
CA ARG C 238 -13.76 -22.18 -20.06
C ARG C 238 -13.51 -22.79 -18.69
N HIS C 239 -12.60 -22.19 -17.91
CA HIS C 239 -12.37 -22.66 -16.55
C HIS C 239 -13.64 -22.57 -15.72
N VAL C 240 -14.32 -21.41 -15.78
CA VAL C 240 -15.55 -21.23 -15.02
C VAL C 240 -16.61 -22.20 -15.50
N GLN C 241 -16.72 -22.40 -16.82
CA GLN C 241 -17.72 -23.30 -17.37
C GLN C 241 -17.47 -24.74 -16.90
N VAL C 242 -16.21 -25.17 -16.94
CA VAL C 242 -15.88 -26.52 -16.50
C VAL C 242 -16.16 -26.70 -15.01
N ALA C 243 -15.80 -25.71 -14.20
CA ALA C 243 -16.08 -25.79 -12.77
C ALA C 243 -17.59 -25.89 -12.51
N GLU C 244 -18.38 -25.07 -13.22
CA GLU C 244 -19.83 -25.11 -13.03
C GLU C 244 -20.40 -26.46 -13.46
N MET C 245 -19.96 -26.98 -14.60
CA MET C 245 -20.45 -28.29 -15.05
C MET C 245 -20.09 -29.39 -14.08
N VAL C 246 -18.86 -29.37 -13.55
CA VAL C 246 -18.43 -30.41 -12.62
C VAL C 246 -19.24 -30.33 -11.33
N ILE C 247 -19.43 -29.13 -10.79
CA ILE C 247 -20.16 -29.02 -9.53
C ILE C 247 -21.64 -29.36 -9.72
N GLU C 248 -22.21 -29.03 -10.89
CA GLU C 248 -23.60 -29.39 -11.14
C GLU C 248 -23.77 -30.90 -11.28
N LYS C 249 -22.84 -31.55 -11.98
CA LYS C 249 -22.88 -33.00 -12.08
C LYS C 249 -22.72 -33.66 -10.71
N ALA C 250 -21.84 -33.10 -9.88
CA ALA C 250 -21.66 -33.63 -8.53
C ALA C 250 -22.93 -33.50 -7.71
N LYS C 251 -23.59 -32.34 -7.81
CA LYS C 251 -24.84 -32.15 -7.08
C LYS C 251 -25.92 -33.10 -7.58
N ARG C 252 -26.03 -33.28 -8.90
CA ARG C 252 -27.03 -34.19 -9.44
C ARG C 252 -26.75 -35.64 -9.03
N LEU C 253 -25.48 -36.01 -8.91
CA LEU C 253 -25.15 -37.36 -8.45
C LEU C 253 -25.46 -37.53 -6.98
N VAL C 254 -25.14 -36.52 -6.16
CA VAL C 254 -25.44 -36.61 -4.73
C VAL C 254 -26.94 -36.67 -4.50
N GLU C 255 -27.72 -36.00 -5.35
CA GLU C 255 -29.17 -36.06 -5.23
C GLU C 255 -29.71 -37.48 -5.40
N HIS C 256 -28.96 -38.36 -6.07
CA HIS C 256 -29.34 -39.75 -6.22
C HIS C 256 -28.61 -40.66 -5.23
N LYS C 257 -28.18 -40.11 -4.10
CA LYS C 257 -27.52 -40.86 -3.03
C LYS C 257 -26.24 -41.53 -3.52
N LYS C 258 -25.38 -40.74 -4.17
CA LYS C 258 -24.09 -41.21 -4.64
C LYS C 258 -22.97 -40.53 -3.87
N ASP C 259 -21.84 -41.23 -3.75
CA ASP C 259 -20.67 -40.74 -3.04
C ASP C 259 -19.71 -40.14 -4.06
N VAL C 260 -19.70 -38.81 -4.15
CA VAL C 260 -18.85 -38.09 -5.10
C VAL C 260 -17.62 -37.59 -4.38
N ILE C 261 -16.46 -37.73 -5.02
CA ILE C 261 -15.19 -37.27 -4.49
C ILE C 261 -14.53 -36.38 -5.53
N ILE C 262 -14.25 -35.13 -5.17
CA ILE C 262 -13.65 -34.16 -6.07
C ILE C 262 -12.29 -33.77 -5.52
N LEU C 263 -11.24 -34.06 -6.28
CA LEU C 263 -9.86 -33.72 -5.91
C LEU C 263 -9.45 -32.49 -6.69
N LEU C 264 -9.68 -31.32 -6.11
CA LEU C 264 -9.34 -30.06 -6.76
C LEU C 264 -7.88 -29.72 -6.50
N ASP C 265 -7.19 -29.24 -7.52
CA ASP C 265 -5.78 -28.86 -7.42
C ASP C 265 -5.53 -27.42 -7.84
N SER C 266 -6.58 -26.64 -8.02
CA SER C 266 -6.45 -25.29 -8.56
C SER C 266 -7.40 -24.28 -7.95
N ILE C 267 -7.72 -24.41 -6.65
CA ILE C 267 -8.64 -23.50 -5.99
C ILE C 267 -8.14 -22.06 -6.16
N THR C 268 -6.82 -21.87 -6.03
CA THR C 268 -6.23 -20.56 -6.26
C THR C 268 -6.39 -20.12 -7.71
N ARG C 269 -6.13 -21.03 -8.65
CA ARG C 269 -6.31 -20.72 -10.06
C ARG C 269 -7.77 -20.47 -10.39
N LEU C 270 -8.68 -21.21 -9.74
CA LEU C 270 -10.10 -20.98 -9.96
C LEU C 270 -10.52 -19.60 -9.44
N ALA C 271 -10.00 -19.21 -8.28
CA ALA C 271 -10.29 -17.88 -7.76
C ALA C 271 -9.73 -16.79 -8.66
N ARG C 272 -8.53 -17.01 -9.21
CA ARG C 272 -7.96 -16.05 -10.16
C ARG C 272 -8.83 -15.95 -11.41
N ALA C 273 -9.33 -17.08 -11.91
CA ALA C 273 -10.20 -17.06 -13.08
C ALA C 273 -11.48 -16.31 -12.80
N TYR C 274 -12.07 -16.53 -11.62
CA TYR C 274 -13.30 -15.83 -11.26
C TYR C 274 -13.06 -14.34 -11.09
N ASN C 275 -11.91 -13.96 -10.54
CA ASN C 275 -11.56 -12.55 -10.41
C ASN C 275 -11.26 -11.92 -11.77
N THR C 276 -10.85 -12.72 -12.75
CA THR C 276 -10.61 -12.19 -14.09
C THR C 276 -11.90 -12.04 -14.89
N VAL C 277 -12.87 -12.96 -14.72
CA VAL C 277 -14.10 -12.92 -15.49
C VAL C 277 -15.16 -11.99 -14.90
N VAL C 278 -14.94 -11.49 -13.68
CA VAL C 278 -15.93 -10.61 -13.05
C VAL C 278 -15.76 -9.20 -13.59
N PRO C 279 -16.84 -8.51 -13.95
CA PRO C 279 -16.71 -7.14 -14.44
C PRO C 279 -16.16 -6.21 -13.36
N ALA C 280 -15.36 -5.23 -13.80
CA ALA C 280 -14.77 -4.28 -12.86
C ALA C 280 -15.85 -3.38 -12.27
N SER C 281 -15.78 -3.17 -10.96
CA SER C 281 -16.74 -2.35 -10.24
C SER C 281 -16.12 -1.08 -9.68
N GLY C 282 -14.88 -0.76 -10.06
CA GLY C 282 -14.22 0.43 -9.56
C GLY C 282 -13.75 0.37 -8.14
N LYS C 283 -13.81 -0.82 -7.50
CA LYS C 283 -13.38 -0.98 -6.13
C LYS C 283 -12.48 -2.21 -6.05
N VAL C 284 -11.21 -2.00 -5.72
CA VAL C 284 -10.22 -3.07 -5.66
C VAL C 284 -9.69 -3.15 -4.23
N LEU C 285 -9.68 -4.35 -3.67
CA LEU C 285 -9.19 -4.55 -2.32
C LEU C 285 -7.67 -4.74 -2.31
N THR C 286 -7.13 -5.02 -1.14
CA THR C 286 -5.70 -5.22 -0.99
C THR C 286 -5.25 -6.49 -1.72
N GLY C 287 -4.28 -6.34 -2.61
CA GLY C 287 -3.75 -7.45 -3.36
C GLY C 287 -4.32 -7.62 -4.75
N GLY C 288 -5.32 -6.83 -5.12
CA GLY C 288 -5.92 -6.95 -6.44
C GLY C 288 -7.08 -7.93 -6.51
N VAL C 289 -7.85 -8.06 -5.43
CA VAL C 289 -8.98 -8.97 -5.37
C VAL C 289 -10.26 -8.15 -5.36
N ASP C 290 -11.20 -8.53 -6.22
CA ASP C 290 -12.49 -7.83 -6.26
C ASP C 290 -13.34 -8.24 -5.07
N ALA C 291 -14.27 -7.35 -4.68
CA ALA C 291 -15.10 -7.62 -3.52
C ALA C 291 -16.08 -8.76 -3.77
N ASN C 292 -16.52 -8.94 -5.02
CA ASN C 292 -17.48 -9.98 -5.36
C ASN C 292 -16.86 -11.09 -6.20
N ALA C 293 -15.52 -11.22 -6.17
CA ALA C 293 -14.86 -12.24 -6.97
C ALA C 293 -14.75 -13.57 -6.22
N LEU C 294 -14.62 -13.53 -4.90
CA LEU C 294 -14.44 -14.74 -4.10
C LEU C 294 -15.76 -15.41 -3.74
N HIS C 295 -16.90 -14.84 -4.13
CA HIS C 295 -18.19 -15.42 -3.77
C HIS C 295 -18.42 -16.75 -4.49
N ARG C 296 -18.13 -16.79 -5.80
CA ARG C 296 -18.31 -18.02 -6.56
C ARG C 296 -17.39 -19.14 -6.09
N PRO C 297 -16.07 -18.91 -5.89
CA PRO C 297 -15.26 -19.99 -5.29
C PRO C 297 -15.69 -20.34 -3.89
N LYS C 298 -16.19 -19.37 -3.11
CA LYS C 298 -16.71 -19.66 -1.79
C LYS C 298 -17.85 -20.66 -1.86
N ARG C 299 -18.81 -20.43 -2.77
CA ARG C 299 -19.92 -21.37 -2.91
C ARG C 299 -19.46 -22.71 -3.47
N PHE C 300 -18.53 -22.70 -4.42
CA PHE C 300 -18.01 -23.95 -4.97
C PHE C 300 -17.35 -24.79 -3.89
N PHE C 301 -16.65 -24.13 -2.95
CA PHE C 301 -16.02 -24.87 -1.86
C PHE C 301 -17.06 -25.35 -0.86
N GLY C 302 -17.99 -24.48 -0.48
CA GLY C 302 -19.01 -24.84 0.50
C GLY C 302 -20.05 -25.82 -0.01
N ALA C 303 -20.06 -26.11 -1.31
CA ALA C 303 -20.99 -27.11 -1.84
C ALA C 303 -20.77 -28.47 -1.21
N ALA C 304 -19.53 -28.77 -0.82
CA ALA C 304 -19.23 -30.04 -0.17
C ALA C 304 -19.94 -30.16 1.16
N ARG C 305 -20.62 -31.28 1.36
CA ARG C 305 -21.37 -31.53 2.57
C ARG C 305 -21.76 -33.00 2.62
N ASN C 306 -22.05 -33.48 3.83
CA ASN C 306 -22.50 -34.85 4.05
C ASN C 306 -24.01 -34.86 4.20
N VAL C 307 -24.67 -35.74 3.46
CA VAL C 307 -26.13 -35.82 3.42
C VAL C 307 -26.58 -36.96 4.33
N GLU C 308 -27.59 -36.69 5.15
CA GLU C 308 -28.12 -37.71 6.04
C GLU C 308 -29.02 -38.69 5.30
N GLU C 309 -29.78 -38.22 4.31
CA GLU C 309 -30.67 -39.10 3.56
C GLU C 309 -29.88 -40.10 2.72
N GLY C 310 -28.67 -39.73 2.29
CA GLY C 310 -27.87 -40.63 1.47
C GLY C 310 -26.86 -39.90 0.61
N GLY C 311 -25.68 -40.48 0.43
CA GLY C 311 -24.65 -39.88 -0.38
C GLY C 311 -23.83 -38.86 0.39
N SER C 312 -22.80 -38.36 -0.28
CA SER C 312 -21.90 -37.37 0.31
C SER C 312 -21.13 -36.70 -0.83
N LEU C 313 -20.50 -35.58 -0.49
CA LEU C 313 -19.71 -34.81 -1.46
C LEU C 313 -18.43 -34.36 -0.76
N THR C 314 -17.29 -34.89 -1.21
CA THR C 314 -15.99 -34.56 -0.65
C THR C 314 -15.19 -33.73 -1.65
N ILE C 315 -14.65 -32.61 -1.17
CA ILE C 315 -13.88 -31.70 -2.00
C ILE C 315 -12.56 -31.44 -1.28
N ILE C 316 -11.44 -31.87 -1.89
CA ILE C 316 -10.11 -31.68 -1.34
C ILE C 316 -9.38 -30.74 -2.29
N ALA C 317 -9.26 -29.47 -1.91
CA ALA C 317 -8.61 -28.46 -2.73
C ALA C 317 -7.21 -28.18 -2.21
N THR C 318 -6.27 -27.94 -3.12
CA THR C 318 -4.89 -27.64 -2.78
C THR C 318 -4.64 -26.15 -3.02
N ALA C 319 -4.41 -25.42 -1.94
CA ALA C 319 -4.17 -23.98 -2.02
C ALA C 319 -2.69 -23.69 -2.19
N LEU C 320 -2.39 -22.59 -2.86
CA LEU C 320 -1.02 -22.17 -3.13
C LEU C 320 -0.66 -20.98 -2.23
N ILE C 321 0.51 -21.07 -1.60
CA ILE C 321 1.03 -20.02 -0.74
C ILE C 321 2.49 -19.75 -1.12
N ASP C 322 3.09 -18.77 -0.45
CA ASP C 322 4.49 -18.40 -0.75
C ASP C 322 4.46 -17.81 -2.16
N THR C 323 3.36 -17.14 -2.48
CA THR C 323 3.23 -16.47 -3.79
C THR C 323 3.10 -14.98 -3.52
N GLY C 324 4.22 -14.24 -3.56
CA GLY C 324 4.20 -12.78 -3.38
C GLY C 324 3.10 -12.16 -4.20
N SER C 325 2.55 -12.92 -5.15
CA SER C 325 1.33 -12.45 -5.84
C SER C 325 0.35 -12.26 -4.69
N LYS C 326 0.58 -11.24 -3.86
CA LYS C 326 -0.23 -10.95 -2.69
C LYS C 326 -1.68 -11.40 -2.87
N MET C 327 -2.13 -11.49 -4.12
CA MET C 327 -3.51 -11.93 -4.38
C MET C 327 -3.73 -13.35 -3.91
N ASP C 328 -2.79 -14.25 -4.21
CA ASP C 328 -2.90 -15.62 -3.73
C ASP C 328 -2.82 -15.70 -2.21
N GLU C 329 -2.01 -14.84 -1.59
CA GLU C 329 -1.95 -14.80 -0.13
C GLU C 329 -3.29 -14.36 0.47
N VAL C 330 -3.93 -13.35 -0.12
CA VAL C 330 -5.23 -12.92 0.36
C VAL C 330 -6.27 -14.01 0.17
N ILE C 331 -6.26 -14.65 -1.01
CA ILE C 331 -7.33 -15.65 -1.35
C ILE C 331 -7.24 -16.86 -0.42
N TYR C 332 -6.32 -17.79 -0.69
CA TYR C 332 -6.20 -19.03 0.12
C TYR C 332 -6.46 -18.71 1.58
N GLU C 333 -5.99 -17.54 2.02
CA GLU C 333 -6.17 -17.12 3.43
C GLU C 333 -7.66 -16.92 3.69
N GLU C 334 -8.28 -15.85 3.18
CA GLU C 334 -9.74 -15.84 3.23
C GLU C 334 -10.31 -17.25 3.30
N PHE C 335 -9.73 -18.19 2.54
CA PHE C 335 -10.23 -19.56 2.53
C PHE C 335 -9.75 -20.38 3.72
N LYS C 336 -8.81 -19.85 4.51
CA LYS C 336 -8.30 -20.62 5.64
C LYS C 336 -9.38 -20.83 6.70
N GLY C 337 -10.12 -19.77 7.04
CA GLY C 337 -11.17 -19.87 8.04
C GLY C 337 -12.46 -20.50 7.56
N THR C 338 -12.46 -21.14 6.40
CA THR C 338 -13.66 -21.72 5.82
C THR C 338 -13.73 -23.23 5.97
N GLY C 339 -12.68 -23.95 5.58
CA GLY C 339 -12.68 -25.39 5.66
C GLY C 339 -12.48 -25.89 7.08
N ASN C 340 -12.47 -27.22 7.21
CA ASN C 340 -12.30 -27.85 8.51
C ASN C 340 -11.16 -28.87 8.52
N MET C 341 -10.21 -28.75 7.61
CA MET C 341 -9.06 -29.66 7.57
C MET C 341 -7.93 -28.96 6.82
N GLU C 342 -6.77 -28.86 7.45
CA GLU C 342 -5.59 -28.25 6.85
C GLU C 342 -4.43 -29.21 6.93
N LEU C 343 -3.85 -29.56 5.78
CA LEU C 343 -2.70 -30.45 5.70
C LEU C 343 -1.55 -29.63 5.12
N HIS C 344 -0.75 -29.04 6.01
CA HIS C 344 0.33 -28.16 5.58
C HIS C 344 1.57 -28.97 5.21
N LEU C 345 2.28 -28.50 4.19
CA LEU C 345 3.52 -29.10 3.74
C LEU C 345 4.65 -28.07 3.87
N SER C 346 5.80 -28.52 4.35
CA SER C 346 6.93 -27.65 4.64
C SER C 346 7.92 -27.68 3.48
N ARG C 347 8.31 -26.49 3.01
CA ARG C 347 9.31 -26.41 1.95
C ARG C 347 10.69 -26.77 2.47
N LYS C 348 10.97 -26.46 3.74
CA LYS C 348 12.27 -26.77 4.31
C LYS C 348 12.51 -28.29 4.36
N ILE C 349 11.46 -29.05 4.64
CA ILE C 349 11.59 -30.51 4.63
C ILE C 349 11.69 -31.04 3.22
N ALA C 350 11.02 -30.40 2.26
CA ALA C 350 11.09 -30.85 0.87
C ALA C 350 12.48 -30.59 0.27
N GLU C 351 13.14 -29.51 0.72
CA GLU C 351 14.48 -29.23 0.24
C GLU C 351 15.49 -30.27 0.70
N LYS C 352 15.23 -30.93 1.83
CA LYS C 352 16.10 -31.99 2.34
C LYS C 352 15.82 -33.34 1.67
N ARG C 353 14.94 -33.37 0.67
CA ARG C 353 14.58 -34.60 -0.04
C ARG C 353 14.02 -35.65 0.92
N VAL C 354 13.20 -35.21 1.87
CA VAL C 354 12.56 -36.10 2.83
C VAL C 354 11.08 -36.17 2.44
N PHE C 355 10.70 -37.22 1.72
CA PHE C 355 9.34 -37.40 1.26
C PHE C 355 8.63 -38.43 2.12
N PRO C 356 7.39 -38.16 2.55
CA PRO C 356 6.67 -36.91 2.27
C PRO C 356 7.06 -35.78 3.22
N ALA C 357 6.98 -34.53 2.73
CA ALA C 357 7.31 -33.36 3.54
C ALA C 357 6.00 -32.77 4.06
N ILE C 358 5.49 -33.38 5.13
CA ILE C 358 4.22 -33.00 5.73
C ILE C 358 4.48 -32.33 7.07
N ASP C 359 3.84 -31.19 7.29
CA ASP C 359 3.91 -30.49 8.57
C ASP C 359 2.92 -31.13 9.52
N TYR C 360 3.40 -32.08 10.33
CA TYR C 360 2.51 -32.82 11.22
C TYR C 360 1.98 -31.94 12.34
N ASN C 361 2.73 -30.90 12.71
CA ASN C 361 2.33 -30.05 13.84
C ASN C 361 1.08 -29.26 13.51
N ARG C 362 1.07 -28.56 12.37
CA ARG C 362 -0.06 -27.71 12.03
C ARG C 362 -1.22 -28.49 11.40
N SER C 363 -1.02 -29.76 11.08
CA SER C 363 -2.10 -30.57 10.53
C SER C 363 -3.07 -30.97 11.63
N GLY C 364 -4.21 -31.48 11.22
CA GLY C 364 -5.23 -31.92 12.16
C GLY C 364 -6.60 -31.91 11.51
N THR C 365 -7.55 -32.52 12.23
CA THR C 365 -8.93 -32.63 11.77
C THR C 365 -9.86 -32.35 12.94
N ARG C 366 -10.87 -31.52 12.70
CA ARG C 366 -11.86 -31.23 13.72
C ARG C 366 -12.90 -32.34 13.81
N LYS C 367 -13.37 -32.61 15.02
CA LYS C 367 -14.32 -33.70 15.28
C LYS C 367 -13.78 -35.03 14.81
N GLU C 368 -12.49 -35.28 15.07
CA GLU C 368 -11.85 -36.52 14.65
C GLU C 368 -12.35 -37.73 15.41
N GLU C 369 -13.01 -37.52 16.56
CA GLU C 369 -13.53 -38.65 17.33
C GLU C 369 -14.68 -39.35 16.64
N LEU C 370 -15.30 -38.72 15.65
CA LEU C 370 -16.39 -39.32 14.90
C LEU C 370 -15.92 -40.28 13.82
N LEU C 371 -14.62 -40.35 13.55
CA LEU C 371 -14.06 -41.23 12.54
C LEU C 371 -13.08 -42.24 13.10
N THR C 372 -12.72 -42.14 14.38
CA THR C 372 -11.77 -43.06 14.99
C THR C 372 -12.34 -43.55 16.31
N THR C 373 -11.84 -44.71 16.75
CA THR C 373 -12.27 -45.30 18.01
C THR C 373 -11.62 -44.57 19.19
N GLN C 374 -11.99 -45.00 20.39
CA GLN C 374 -11.46 -44.36 21.59
C GLN C 374 -9.97 -44.64 21.76
N GLU C 375 -9.56 -45.91 21.64
CA GLU C 375 -8.15 -46.25 21.79
C GLU C 375 -7.31 -45.66 20.66
N GLU C 376 -7.85 -45.63 19.44
CA GLU C 376 -7.13 -45.04 18.32
C GLU C 376 -6.94 -43.54 18.55
N LEU C 377 -7.98 -42.86 19.03
CA LEU C 377 -7.86 -41.43 19.31
C LEU C 377 -6.87 -41.17 20.43
N GLN C 378 -6.86 -42.02 21.46
CA GLN C 378 -5.90 -41.85 22.54
C GLN C 378 -4.48 -42.06 22.05
N LYS C 379 -4.26 -43.07 21.20
CA LYS C 379 -2.93 -43.30 20.66
C LYS C 379 -2.48 -42.15 19.75
N MET C 380 -3.40 -41.59 18.95
CA MET C 380 -3.06 -40.43 18.14
C MET C 380 -2.72 -39.23 19.00
N TRP C 381 -3.47 -39.03 20.10
CA TRP C 381 -3.17 -37.93 21.01
C TRP C 381 -1.79 -38.10 21.65
N ILE C 382 -1.46 -39.33 22.07
CA ILE C 382 -0.15 -39.57 22.66
C ILE C 382 0.96 -39.35 21.62
N LEU C 383 0.73 -39.80 20.39
CA LEU C 383 1.73 -39.59 19.34
C LEU C 383 1.92 -38.11 19.04
N ARG C 384 0.84 -37.33 19.06
CA ARG C 384 0.97 -35.90 18.84
C ARG C 384 1.70 -35.23 19.99
N LYS C 385 1.41 -35.64 21.23
CA LYS C 385 2.09 -35.05 22.38
C LYS C 385 3.57 -35.42 22.42
N ILE C 386 3.93 -36.57 21.85
CA ILE C 386 5.34 -36.94 21.78
C ILE C 386 6.03 -36.22 20.64
N ILE C 387 5.34 -36.03 19.52
CA ILE C 387 5.95 -35.41 18.35
C ILE C 387 6.08 -33.90 18.52
N HIS C 388 5.15 -33.26 19.21
CA HIS C 388 5.11 -31.80 19.31
C HIS C 388 6.42 -31.19 19.82
N PRO C 389 7.09 -31.70 20.86
CA PRO C 389 8.34 -31.05 21.30
C PRO C 389 9.44 -31.09 20.25
N MET C 390 9.55 -32.17 19.49
CA MET C 390 10.61 -32.30 18.51
C MET C 390 10.37 -31.35 17.33
N GLY C 391 11.46 -31.03 16.64
CA GLY C 391 11.38 -30.18 15.47
C GLY C 391 10.71 -30.89 14.30
N GLU C 392 10.36 -30.10 13.29
CA GLU C 392 9.63 -30.63 12.14
C GLU C 392 10.44 -31.70 11.42
N ILE C 393 11.67 -31.38 11.03
CA ILE C 393 12.51 -32.35 10.31
C ILE C 393 12.81 -33.55 11.20
N ASP C 394 13.13 -33.30 12.47
CA ASP C 394 13.41 -34.41 13.39
C ASP C 394 12.18 -35.28 13.60
N ALA C 395 11.00 -34.68 13.74
CA ALA C 395 9.79 -35.47 13.92
C ALA C 395 9.48 -36.29 12.67
N MET C 396 9.70 -35.71 11.49
CA MET C 396 9.46 -36.45 10.25
C MET C 396 10.42 -37.62 10.12
N GLU C 397 11.70 -37.39 10.44
CA GLU C 397 12.68 -38.48 10.39
C GLU C 397 12.32 -39.59 11.38
N PHE C 398 11.93 -39.21 12.59
CA PHE C 398 11.52 -40.18 13.60
C PHE C 398 10.32 -41.00 13.11
N LEU C 399 9.31 -40.31 12.57
CA LEU C 399 8.12 -41.01 12.10
C LEU C 399 8.44 -41.96 10.95
N ILE C 400 9.30 -41.53 10.02
CA ILE C 400 9.67 -42.39 8.90
C ILE C 400 10.44 -43.61 9.41
N ASN C 401 11.40 -43.40 10.31
CA ASN C 401 12.20 -44.52 10.81
C ASN C 401 11.36 -45.48 11.63
N LYS C 402 10.31 -44.98 12.28
CA LYS C 402 9.46 -45.87 13.08
C LYS C 402 8.41 -46.57 12.23
N LEU C 403 7.97 -45.96 11.14
CA LEU C 403 7.01 -46.62 10.26
C LEU C 403 7.68 -47.58 9.30
N ALA C 404 8.99 -47.40 9.03
CA ALA C 404 9.69 -48.34 8.17
C ALA C 404 9.92 -49.68 8.85
N MET C 405 9.84 -49.74 10.18
CA MET C 405 10.10 -50.99 10.89
C MET C 405 8.95 -51.98 10.74
N THR C 406 7.73 -51.50 10.66
CA THR C 406 6.54 -52.34 10.59
C THR C 406 5.74 -52.01 9.35
N LYS C 407 4.67 -52.79 9.13
CA LYS C 407 3.79 -52.58 7.99
C LYS C 407 2.52 -51.81 8.36
N THR C 408 1.97 -52.07 9.53
CA THR C 408 0.74 -51.43 9.98
C THR C 408 1.05 -50.47 11.13
N ASN C 409 0.22 -49.44 11.25
CA ASN C 409 0.41 -48.45 12.31
C ASN C 409 0.00 -49.00 13.67
N ASP C 410 -0.81 -50.05 13.69
CA ASP C 410 -1.21 -50.65 14.96
C ASP C 410 -0.01 -51.23 15.71
N ASP C 411 0.90 -51.88 14.97
CA ASP C 411 2.11 -52.38 15.61
C ASP C 411 2.98 -51.25 16.15
N PHE C 412 3.08 -50.14 15.42
CA PHE C 412 3.82 -48.99 15.90
C PHE C 412 3.20 -48.44 17.18
N PHE C 413 1.88 -48.30 17.21
CA PHE C 413 1.20 -47.80 18.41
C PHE C 413 1.40 -48.76 19.59
N GLU C 414 1.37 -50.06 19.32
CA GLU C 414 1.57 -51.03 20.39
C GLU C 414 3.01 -51.02 20.91
N MET C 415 3.97 -50.75 20.03
CA MET C 415 5.37 -50.69 20.46
C MET C 415 5.71 -49.38 21.14
N MET C 416 4.93 -48.31 20.87
CA MET C 416 5.18 -47.04 21.55
C MET C 416 4.90 -47.13 23.04
N LYS C 417 3.91 -47.92 23.43
CA LYS C 417 3.57 -48.08 24.84
C LYS C 417 4.58 -48.98 25.55
N MET D 1 4.32 62.37 9.98
CA MET D 1 3.15 61.54 9.73
C MET D 1 3.54 60.22 9.08
N ASN D 2 3.85 59.22 9.91
CA ASN D 2 4.24 57.90 9.45
C ASN D 2 3.23 56.87 9.94
N LEU D 3 3.03 55.82 9.15
CA LEU D 3 2.05 54.79 9.49
C LEU D 3 2.52 53.98 10.69
N THR D 4 3.79 53.55 10.68
CA THR D 4 4.31 52.74 11.78
C THR D 4 4.33 53.50 13.09
N GLU D 5 4.57 54.82 13.03
CA GLU D 5 4.56 55.62 14.25
C GLU D 5 3.18 55.65 14.89
N LEU D 6 2.13 55.76 14.07
CA LEU D 6 0.77 55.73 14.61
C LEU D 6 0.38 54.31 15.03
N LYS D 7 0.95 53.28 14.38
CA LYS D 7 0.70 51.91 14.79
C LYS D 7 1.34 51.56 16.12
N ASN D 8 2.48 52.18 16.45
CA ASN D 8 3.15 51.90 17.70
C ASN D 8 2.52 52.65 18.88
N THR D 9 1.77 53.71 18.59
CA THR D 9 1.14 54.47 19.66
C THR D 9 0.04 53.64 20.33
N PRO D 10 -0.21 53.84 21.61
CA PRO D 10 -1.26 53.08 22.30
C PRO D 10 -2.65 53.54 21.87
N VAL D 11 -3.66 52.81 22.36
CA VAL D 11 -5.03 53.08 21.98
C VAL D 11 -5.55 54.34 22.68
N SER D 12 -5.15 54.54 23.93
CA SER D 12 -5.67 55.66 24.71
C SER D 12 -5.23 56.99 24.12
N GLU D 13 -3.95 57.11 23.77
CA GLU D 13 -3.45 58.35 23.20
C GLU D 13 -4.08 58.62 21.83
N LEU D 14 -4.31 57.59 21.03
CA LEU D 14 -4.96 57.78 19.74
C LEU D 14 -6.41 58.22 19.91
N ILE D 15 -7.11 57.66 20.89
CA ILE D 15 -8.49 58.08 21.16
C ILE D 15 -8.50 59.53 21.61
N THR D 16 -7.56 59.91 22.48
CA THR D 16 -7.49 61.29 22.95
C THR D 16 -7.20 62.25 21.80
N LEU D 17 -6.26 61.89 20.92
CA LEU D 17 -5.93 62.73 19.78
C LEU D 17 -7.12 62.87 18.84
N GLY D 18 -7.84 61.77 18.59
CA GLY D 18 -9.01 61.84 17.74
C GLY D 18 -10.13 62.67 18.33
N GLU D 19 -10.32 62.59 19.64
CA GLU D 19 -11.33 63.43 20.29
C GLU D 19 -10.92 64.90 20.25
N ASN D 20 -9.62 65.19 20.36
CA ASN D 20 -9.17 66.57 20.24
C ASN D 20 -9.32 67.09 18.81
N MET D 21 -9.18 66.22 17.81
CA MET D 21 -9.34 66.65 16.43
C MET D 21 -10.80 66.93 16.09
N GLY D 22 -11.73 66.50 16.93
CA GLY D 22 -13.13 66.77 16.70
C GLY D 22 -13.77 65.86 15.66
N LEU D 23 -13.80 64.56 15.93
CA LEU D 23 -14.40 63.58 15.03
C LEU D 23 -15.45 62.78 15.80
N GLU D 24 -15.95 61.74 15.16
CA GLU D 24 -16.92 60.85 15.79
C GLU D 24 -16.28 60.12 16.97
N ASN D 25 -17.13 59.67 17.89
CA ASN D 25 -16.67 58.97 19.09
C ASN D 25 -15.78 57.78 18.74
N LEU D 26 -14.52 57.84 19.18
CA LEU D 26 -13.54 56.82 18.86
C LEU D 26 -13.42 55.74 19.92
N ALA D 27 -14.13 55.86 21.04
CA ALA D 27 -14.08 54.84 22.07
C ALA D 27 -14.64 53.52 21.56
N ARG D 28 -15.77 53.57 20.86
CA ARG D 28 -16.37 52.40 20.23
C ARG D 28 -15.90 52.26 18.78
N MET D 29 -14.59 52.28 18.57
CA MET D 29 -14.02 52.19 17.23
C MET D 29 -12.73 51.40 17.29
N ARG D 30 -12.39 50.75 16.17
CA ARG D 30 -11.16 50.00 16.07
C ARG D 30 -9.97 50.95 15.96
N LYS D 31 -8.80 50.47 16.40
CA LYS D 31 -7.59 51.28 16.35
C LYS D 31 -7.23 51.63 14.91
N GLN D 32 -7.40 50.69 13.99
CA GLN D 32 -7.12 50.95 12.58
C GLN D 32 -8.06 52.02 12.03
N ASP D 33 -9.34 51.95 12.39
CA ASP D 33 -10.29 52.97 11.96
C ASP D 33 -9.96 54.32 12.57
N ILE D 34 -9.48 54.33 13.82
CA ILE D 34 -9.06 55.57 14.45
C ILE D 34 -7.90 56.20 13.69
N ILE D 35 -6.90 55.37 13.35
CA ILE D 35 -5.75 55.87 12.60
C ILE D 35 -6.18 56.38 11.23
N PHE D 36 -7.11 55.66 10.59
CA PHE D 36 -7.60 56.08 9.28
C PHE D 36 -8.30 57.44 9.35
N ALA D 37 -9.15 57.62 10.37
CA ALA D 37 -9.85 58.89 10.53
C ALA D 37 -8.88 60.01 10.87
N ILE D 38 -7.87 59.73 11.68
CA ILE D 38 -6.87 60.75 12.02
C ILE D 38 -6.09 61.15 10.77
N LEU D 39 -5.73 60.18 9.94
CA LEU D 39 -5.02 60.49 8.70
C LEU D 39 -5.90 61.32 7.75
N LYS D 40 -7.19 60.96 7.66
CA LYS D 40 -8.10 61.74 6.83
C LYS D 40 -8.19 63.19 7.32
N GLN D 41 -8.38 63.36 8.63
CA GLN D 41 -8.53 64.71 9.18
C GLN D 41 -7.23 65.52 9.03
N HIS D 42 -6.08 64.84 9.12
CA HIS D 42 -4.82 65.56 8.98
C HIS D 42 -4.53 65.91 7.53
N ALA D 43 -4.99 65.08 6.59
CA ALA D 43 -4.83 65.40 5.17
C ALA D 43 -5.83 66.43 4.68
N LYS D 44 -6.98 66.56 5.36
CA LYS D 44 -7.91 67.62 5.00
C LYS D 44 -7.32 69.01 5.24
N SER D 45 -6.35 69.11 6.16
CA SER D 45 -5.69 70.39 6.42
C SER D 45 -4.62 70.72 5.38
N GLY D 46 -4.27 69.78 4.51
CA GLY D 46 -3.28 70.03 3.47
C GLY D 46 -1.91 69.42 3.73
N GLU D 47 -1.69 68.84 4.90
CA GLU D 47 -0.38 68.25 5.21
C GLU D 47 -0.20 66.93 4.46
N ASP D 48 1.05 66.50 4.36
CA ASP D 48 1.39 65.27 3.67
C ASP D 48 1.42 64.09 4.62
N ILE D 49 1.16 62.91 4.07
CA ILE D 49 1.18 61.66 4.84
C ILE D 49 2.17 60.71 4.19
N PHE D 50 2.94 60.03 5.04
CA PHE D 50 3.97 59.10 4.58
C PHE D 50 3.67 57.70 5.13
N GLY D 51 4.09 56.69 4.36
CA GLY D 51 3.89 55.30 4.74
C GLY D 51 5.02 54.45 4.20
N ASP D 52 4.97 53.17 4.54
CA ASP D 52 5.98 52.22 4.12
C ASP D 52 5.42 50.81 4.23
N GLY D 53 6.13 49.85 3.67
CA GLY D 53 5.71 48.46 3.70
C GLY D 53 6.36 47.67 2.61
N VAL D 54 6.17 46.36 2.67
CA VAL D 54 6.71 45.43 1.69
C VAL D 54 5.71 45.27 0.56
N LEU D 55 6.22 45.34 -0.68
CA LEU D 55 5.35 45.27 -1.85
C LEU D 55 4.94 43.85 -2.15
N GLU D 56 3.66 43.66 -2.47
CA GLU D 56 3.09 42.36 -2.86
C GLU D 56 2.33 42.56 -4.17
N ILE D 57 3.03 42.30 -5.28
CA ILE D 57 2.41 42.49 -6.60
C ILE D 57 1.41 41.38 -6.84
N LEU D 58 0.17 41.76 -7.19
CA LEU D 58 -0.88 40.80 -7.46
C LEU D 58 -0.74 40.26 -8.89
N GLN D 59 -1.57 39.27 -9.21
CA GLN D 59 -1.51 38.66 -10.53
C GLN D 59 -2.04 39.58 -11.62
N ASP D 60 -2.97 40.48 -11.26
CA ASP D 60 -3.54 41.38 -12.26
C ASP D 60 -2.52 42.43 -12.70
N GLY D 61 -1.70 42.92 -11.79
CA GLY D 61 -0.71 43.92 -12.13
C GLY D 61 -0.49 44.96 -11.06
N PHE D 62 -1.46 45.13 -10.18
CA PHE D 62 -1.37 46.09 -9.09
C PHE D 62 -0.75 45.41 -7.86
N GLY D 63 -0.71 46.11 -6.74
CA GLY D 63 -0.14 45.55 -5.54
C GLY D 63 -0.43 46.41 -4.33
N PHE D 64 -0.03 45.89 -3.16
CA PHE D 64 -0.22 46.57 -1.90
C PHE D 64 1.08 46.56 -1.10
N LEU D 65 1.11 47.35 -0.04
CA LEU D 65 2.27 47.44 0.85
C LEU D 65 1.86 46.82 2.19
N ARG D 66 2.20 45.53 2.36
CA ARG D 66 1.87 44.83 3.58
C ARG D 66 2.70 45.36 4.75
N SER D 67 2.22 45.10 5.96
CA SER D 67 2.88 45.52 7.18
C SER D 67 3.45 44.30 7.91
N ALA D 68 4.55 44.52 8.62
CA ALA D 68 5.24 43.42 9.29
C ALA D 68 4.59 43.07 10.62
N ASP D 69 3.92 44.03 11.27
CA ASP D 69 3.32 43.77 12.57
C ASP D 69 2.08 42.88 12.46
N SER D 70 1.52 42.73 11.26
CA SER D 70 0.34 41.91 11.05
C SER D 70 0.67 40.63 10.29
N SER D 71 1.96 40.26 10.22
CA SER D 71 2.40 39.04 9.54
C SER D 71 1.98 39.04 8.07
N TYR D 72 2.06 40.22 7.44
CA TYR D 72 1.76 40.40 6.02
C TYR D 72 0.34 39.95 5.70
N LEU D 73 -0.60 40.31 6.57
CA LEU D 73 -2.01 40.00 6.37
C LEU D 73 -2.71 41.15 5.67
N ALA D 74 -3.72 40.81 4.87
CA ALA D 74 -4.48 41.80 4.12
C ALA D 74 -5.21 42.74 5.07
N GLY D 75 -4.78 44.01 5.11
CA GLY D 75 -5.39 44.99 5.98
C GLY D 75 -6.06 46.11 5.22
N PRO D 76 -6.98 46.82 5.88
CA PRO D 76 -7.63 47.96 5.21
C PRO D 76 -6.69 49.13 4.97
N ASP D 77 -5.61 49.24 5.73
CA ASP D 77 -4.67 50.35 5.62
C ASP D 77 -3.52 50.06 4.66
N ASP D 78 -3.72 49.12 3.74
CA ASP D 78 -2.69 48.82 2.75
C ASP D 78 -2.62 49.94 1.71
N ILE D 79 -1.41 50.25 1.27
CA ILE D 79 -1.18 51.33 0.31
C ILE D 79 -1.26 50.74 -1.10
N TYR D 80 -2.19 51.24 -1.90
CA TYR D 80 -2.32 50.77 -3.28
C TYR D 80 -1.16 51.27 -4.13
N VAL D 81 -0.62 50.38 -4.96
CA VAL D 81 0.49 50.69 -5.85
C VAL D 81 0.00 50.44 -7.27
N SER D 82 -0.10 51.50 -8.06
CA SER D 82 -0.58 51.38 -9.43
C SER D 82 0.44 50.62 -10.28
N PRO D 83 -0.02 49.87 -11.29
CA PRO D 83 0.94 49.17 -12.16
C PRO D 83 1.79 50.10 -13.00
N SER D 84 1.33 51.33 -13.22
CA SER D 84 2.12 52.31 -13.97
C SER D 84 3.44 52.60 -13.26
N GLN D 85 3.39 52.85 -11.95
CA GLN D 85 4.61 53.09 -11.20
C GLN D 85 5.48 51.84 -11.13
N ILE D 86 4.84 50.66 -11.08
CA ILE D 86 5.60 49.41 -11.07
C ILE D 86 6.38 49.26 -12.36
N ARG D 87 5.75 49.61 -13.48
CA ARG D 87 6.35 49.53 -14.84
C ARG D 87 7.39 50.65 -15.02
N ARG D 88 7.25 51.76 -14.28
CA ARG D 88 8.14 52.93 -14.39
C ARG D 88 9.42 52.74 -13.56
N PHE D 89 9.32 52.03 -12.42
CA PHE D 89 10.46 51.82 -11.54
C PHE D 89 10.91 50.36 -11.48
N ASN D 90 10.30 49.47 -12.27
CA ASN D 90 10.64 48.05 -12.31
C ASN D 90 10.57 47.44 -10.92
N LEU D 91 9.45 47.65 -10.25
CA LEU D 91 9.24 47.12 -8.91
C LEU D 91 8.84 45.66 -8.97
N ARG D 92 9.26 44.90 -7.96
CA ARG D 92 8.92 43.49 -7.86
C ARG D 92 8.50 43.18 -6.43
N THR D 93 7.94 41.98 -6.24
CA THR D 93 7.47 41.55 -4.93
C THR D 93 8.64 41.46 -3.96
N GLY D 94 8.57 42.20 -2.87
CA GLY D 94 9.60 42.23 -1.84
C GLY D 94 10.32 43.55 -1.71
N ASP D 95 10.20 44.44 -2.69
CA ASP D 95 10.87 45.73 -2.64
C ASP D 95 10.24 46.61 -1.56
N THR D 96 11.06 47.06 -0.60
CA THR D 96 10.58 47.97 0.43
C THR D 96 10.42 49.36 -0.15
N ILE D 97 9.20 49.89 -0.09
CA ILE D 97 8.86 51.19 -0.67
C ILE D 97 8.41 52.12 0.45
N SER D 98 8.97 53.33 0.47
CA SER D 98 8.61 54.33 1.47
C SER D 98 8.44 55.66 0.74
N GLY D 99 7.21 56.18 0.71
CA GLY D 99 6.94 57.43 0.01
C GLY D 99 5.68 58.07 0.53
N LYS D 100 5.37 59.23 -0.06
CA LYS D 100 4.18 59.96 0.33
C LYS D 100 2.92 59.23 -0.11
N ILE D 101 1.91 59.24 0.74
CA ILE D 101 0.63 58.59 0.48
C ILE D 101 -0.49 59.60 0.70
N ARG D 102 -1.67 59.26 0.20
CA ARG D 102 -2.85 60.10 0.34
C ARG D 102 -4.05 59.22 0.69
N PRO D 103 -4.99 59.74 1.47
CA PRO D 103 -6.18 58.98 1.82
C PRO D 103 -7.02 58.70 0.58
N PRO D 104 -7.83 57.64 0.60
CA PRO D 104 -8.65 57.32 -0.58
C PRO D 104 -9.76 58.33 -0.78
N LYS D 105 -9.99 58.70 -2.04
CA LYS D 105 -11.04 59.65 -2.38
C LYS D 105 -12.38 58.93 -2.45
N GLU D 106 -13.39 59.59 -2.97
CA GLU D 106 -14.71 59.00 -3.12
C GLU D 106 -14.66 57.88 -4.16
N GLY D 107 -15.01 56.67 -3.76
CA GLY D 107 -14.94 55.52 -4.63
C GLY D 107 -13.68 54.69 -4.51
N GLU D 108 -12.78 55.05 -3.60
CA GLU D 108 -11.56 54.30 -3.37
C GLU D 108 -11.57 53.72 -1.96
N ARG D 109 -10.75 52.69 -1.75
CA ARG D 109 -10.71 52.00 -0.48
C ARG D 109 -9.31 51.88 0.12
N TYR D 110 -8.28 52.32 -0.58
CA TYR D 110 -6.91 52.17 -0.11
C TYR D 110 -6.11 53.43 -0.44
N PHE D 111 -5.03 53.64 0.31
CA PHE D 111 -4.16 54.78 0.08
C PHE D 111 -3.41 54.63 -1.23
N ALA D 112 -3.19 55.75 -1.91
CA ALA D 112 -2.47 55.78 -3.17
C ALA D 112 -1.06 56.30 -2.96
N LEU D 113 -0.15 55.88 -3.83
CA LEU D 113 1.25 56.28 -3.77
C LEU D 113 1.52 57.33 -4.83
N LEU D 114 2.00 58.50 -4.40
CA LEU D 114 2.30 59.60 -5.31
C LEU D 114 3.76 59.61 -5.74
N LYS D 115 4.68 59.67 -4.78
CA LYS D 115 6.11 59.75 -5.07
C LYS D 115 6.85 58.84 -4.11
N VAL D 116 7.72 57.99 -4.66
CA VAL D 116 8.52 57.07 -3.87
C VAL D 116 9.81 57.77 -3.46
N ASN D 117 10.14 57.71 -2.18
CA ASN D 117 11.31 58.41 -1.65
C ASN D 117 12.50 57.48 -1.44
N GLU D 118 12.27 56.26 -0.95
CA GLU D 118 13.35 55.34 -0.64
C GLU D 118 12.95 53.93 -1.04
N VAL D 119 13.85 53.23 -1.73
CA VAL D 119 13.62 51.87 -2.19
C VAL D 119 14.62 50.95 -1.54
N ASN D 120 14.12 49.93 -0.82
CA ASN D 120 14.97 48.95 -0.15
C ASN D 120 15.95 49.61 0.80
N PHE D 121 15.49 50.64 1.50
CA PHE D 121 16.31 51.40 2.44
C PHE D 121 17.55 51.97 1.75
N ASP D 122 17.38 52.41 0.51
CA ASP D 122 18.48 52.95 -0.28
C ASP D 122 17.89 53.86 -1.35
N LYS D 123 18.78 54.56 -2.05
CA LYS D 123 18.35 55.47 -3.10
C LYS D 123 17.82 54.68 -4.30
N PRO D 124 16.79 55.19 -4.99
CA PRO D 124 16.31 54.49 -6.19
C PRO D 124 17.34 54.42 -7.30
N GLU D 125 18.31 55.33 -7.32
CA GLU D 125 19.35 55.29 -8.35
C GLU D 125 20.27 54.08 -8.15
N ASN D 126 20.37 53.57 -6.93
CA ASN D 126 21.14 52.36 -6.69
C ASN D 126 20.33 51.09 -6.87
N ALA D 127 19.00 51.20 -6.82
CA ALA D 127 18.13 50.03 -7.00
C ALA D 127 17.75 49.81 -8.46
N ARG D 128 17.75 50.87 -9.27
CA ARG D 128 17.42 50.71 -10.68
C ARG D 128 18.46 49.85 -11.40
N ASN D 129 19.71 49.91 -10.97
CA ASN D 129 20.79 49.11 -11.54
C ASN D 129 21.22 48.08 -10.49
N LYS D 130 20.82 46.84 -10.69
CA LYS D 130 21.12 45.79 -9.73
C LYS D 130 21.11 44.44 -10.44
N ILE D 131 21.80 43.47 -9.85
CA ILE D 131 21.88 42.11 -10.38
C ILE D 131 20.84 41.26 -9.67
N LEU D 132 20.10 40.47 -10.45
CA LEU D 132 19.07 39.62 -9.89
C LEU D 132 19.67 38.54 -9.01
N PHE D 133 18.85 37.99 -8.12
CA PHE D 133 19.31 36.95 -7.21
C PHE D 133 19.59 35.64 -7.94
N GLU D 134 18.89 35.40 -9.05
CA GLU D 134 19.09 34.17 -9.82
C GLU D 134 20.40 34.15 -10.57
N ASN D 135 21.10 35.29 -10.66
CA ASN D 135 22.37 35.37 -11.39
C ASN D 135 23.58 35.39 -10.47
N LEU D 136 23.39 35.51 -9.16
CA LEU D 136 24.52 35.55 -8.24
C LEU D 136 25.21 34.18 -8.18
N THR D 137 26.53 34.21 -8.12
CA THR D 137 27.30 32.97 -8.10
C THR D 137 27.30 32.37 -6.71
N PRO D 138 26.77 31.15 -6.54
CA PRO D 138 26.78 30.54 -5.20
C PRO D 138 28.18 30.13 -4.77
N LEU D 139 28.35 29.99 -3.46
CA LEU D 139 29.61 29.56 -2.87
C LEU D 139 29.32 28.85 -1.56
N HIS D 140 30.35 28.20 -1.03
CA HIS D 140 30.23 27.53 0.26
C HIS D 140 30.37 28.53 1.40
N ALA D 141 30.05 28.07 2.61
CA ALA D 141 30.16 28.92 3.78
C ALA D 141 31.62 29.29 4.05
N ASN D 142 31.92 30.58 3.96
CA ASN D 142 33.27 31.07 4.17
C ASN D 142 33.43 31.76 5.52
N SER D 143 32.57 32.72 5.83
CA SER D 143 32.63 33.42 7.10
C SER D 143 32.09 32.54 8.22
N ARG D 144 32.76 32.59 9.38
CA ARG D 144 32.36 31.79 10.52
C ARG D 144 31.38 32.56 11.39
N LEU D 145 30.20 32.00 11.61
CA LEU D 145 29.19 32.57 12.50
C LEU D 145 29.22 31.81 13.81
N ARG D 146 30.14 32.23 14.69
CA ARG D 146 30.29 31.56 15.98
C ARG D 146 29.09 31.80 16.87
N MET D 147 28.59 30.73 17.48
CA MET D 147 27.40 30.78 18.32
C MET D 147 27.72 30.84 19.80
N GLU D 148 28.98 30.71 20.19
CA GLU D 148 29.35 30.70 21.60
C GLU D 148 29.19 32.10 22.19
N ARG D 149 28.52 32.17 23.34
CA ARG D 149 28.32 33.44 24.02
C ARG D 149 29.65 34.01 24.53
N GLY D 150 30.35 33.23 25.36
CA GLY D 150 31.59 33.67 25.96
C GLY D 150 31.44 34.32 27.32
N ASN D 151 30.22 34.52 27.80
CA ASN D 151 29.99 35.13 29.11
C ASN D 151 30.04 34.13 30.26
N GLY D 152 30.28 32.85 29.96
CA GLY D 152 30.34 31.85 31.02
C GLY D 152 29.01 31.52 31.65
N SER D 153 27.91 31.76 30.94
CA SER D 153 26.59 31.46 31.48
C SER D 153 26.30 29.97 31.39
N THR D 154 25.36 29.51 32.22
CA THR D 154 24.99 28.10 32.21
C THR D 154 24.25 27.71 30.94
N GLU D 155 23.57 28.68 30.30
CA GLU D 155 22.87 28.40 29.06
C GLU D 155 23.81 28.32 27.87
N ASP D 156 25.06 28.77 28.03
CA ASP D 156 26.03 28.71 26.94
C ASP D 156 26.47 27.29 26.62
N LEU D 157 26.12 26.31 27.45
CA LEU D 157 26.50 24.93 27.19
C LEU D 157 25.87 24.43 25.88
N THR D 158 24.63 24.82 25.62
CA THR D 158 23.97 24.42 24.37
C THR D 158 24.72 24.99 23.17
N ALA D 159 25.09 26.26 23.21
CA ALA D 159 25.82 26.86 22.10
C ALA D 159 27.19 26.23 21.94
N ARG D 160 27.85 25.87 23.05
CA ARG D 160 29.15 25.22 22.97
C ARG D 160 29.04 23.85 22.32
N VAL D 161 28.02 23.09 22.72
CA VAL D 161 27.80 21.77 22.12
C VAL D 161 27.46 21.90 20.64
N LEU D 162 26.68 22.93 20.28
CA LEU D 162 26.34 23.14 18.88
C LEU D 162 27.58 23.49 18.06
N ASP D 163 28.46 24.32 18.63
CA ASP D 163 29.70 24.65 17.93
C ASP D 163 30.63 23.46 17.79
N LEU D 164 30.68 22.60 18.82
CA LEU D 164 31.52 21.41 18.74
C LEU D 164 30.93 20.36 17.81
N ALA D 165 29.62 20.39 17.59
CA ALA D 165 28.97 19.38 16.76
C ALA D 165 28.85 19.84 15.31
N SER D 166 28.38 21.06 15.09
CA SER D 166 28.13 21.55 13.74
C SER D 166 28.26 23.07 13.73
N PRO D 167 29.44 23.60 13.40
CA PRO D 167 29.59 25.04 13.26
C PRO D 167 28.77 25.56 12.09
N ILE D 168 28.24 26.77 12.25
CA ILE D 168 27.35 27.37 11.28
C ILE D 168 28.04 28.61 10.70
N GLY D 169 27.99 28.74 9.37
CA GLY D 169 28.55 29.88 8.68
C GLY D 169 27.49 30.59 7.85
N ARG D 170 27.92 31.67 7.19
CA ARG D 170 27.03 32.44 6.34
C ARG D 170 26.66 31.65 5.10
N GLY D 171 25.38 31.62 4.77
CA GLY D 171 24.90 30.88 3.62
C GLY D 171 24.65 29.41 3.86
N GLN D 172 24.70 28.97 5.11
CA GLN D 172 24.50 27.55 5.42
C GLN D 172 23.04 27.16 5.22
N ARG D 173 22.83 25.92 4.79
CA ARG D 173 21.51 25.35 4.54
C ARG D 173 21.42 24.02 5.30
N GLY D 174 21.01 24.10 6.56
CA GLY D 174 20.97 22.96 7.44
C GLY D 174 19.56 22.49 7.76
N LEU D 175 19.51 21.45 8.59
CA LEU D 175 18.25 20.85 9.04
C LEU D 175 18.37 20.43 10.50
N ILE D 176 17.34 20.71 11.27
CA ILE D 176 17.28 20.31 12.67
C ILE D 176 16.25 19.18 12.75
N VAL D 177 16.75 17.95 12.66
CA VAL D 177 15.89 16.77 12.71
C VAL D 177 15.70 16.36 14.15
N ALA D 178 14.46 16.24 14.59
CA ALA D 178 14.15 15.91 15.98
C ALA D 178 12.72 15.42 16.07
N PRO D 179 12.47 14.34 16.81
CA PRO D 179 11.10 13.90 17.06
C PRO D 179 10.38 14.90 17.96
N PRO D 180 9.06 14.83 18.04
CA PRO D 180 8.32 15.75 18.91
C PRO D 180 8.67 15.53 20.38
N LYS D 181 8.41 16.57 21.17
CA LYS D 181 8.68 16.57 22.61
C LYS D 181 10.16 16.30 22.90
N ALA D 182 11.05 16.92 22.12
CA ALA D 182 12.48 16.76 22.31
C ALA D 182 13.16 18.00 22.88
N GLY D 183 12.61 19.18 22.65
CA GLY D 183 13.22 20.41 23.12
C GLY D 183 13.58 21.35 21.99
N LYS D 184 12.83 21.26 20.88
CA LYS D 184 13.12 22.10 19.73
C LYS D 184 12.88 23.58 20.04
N THR D 185 11.88 23.86 20.88
CA THR D 185 11.55 25.25 21.20
C THR D 185 12.69 25.93 21.95
N MET D 186 13.18 25.30 23.02
CA MET D 186 14.28 25.88 23.79
C MET D 186 15.54 25.99 22.95
N LEU D 187 15.80 24.99 22.10
CA LEU D 187 16.97 25.03 21.25
C LEU D 187 16.90 26.19 20.25
N LEU D 188 15.72 26.38 19.65
CA LEU D 188 15.56 27.49 18.71
C LEU D 188 15.67 28.83 19.42
N GLN D 189 15.12 28.93 20.64
CA GLN D 189 15.24 30.16 21.41
C GLN D 189 16.71 30.46 21.71
N ASN D 190 17.46 29.45 22.12
CA ASN D 190 18.88 29.65 22.42
C ASN D 190 19.65 30.04 21.17
N ILE D 191 19.34 29.42 20.03
CA ILE D 191 20.02 29.78 18.78
C ILE D 191 19.72 31.22 18.41
N ALA D 192 18.46 31.63 18.52
CA ALA D 192 18.09 33.00 18.17
C ALA D 192 18.75 34.01 19.10
N GLN D 193 18.79 33.71 20.40
CA GLN D 193 19.43 34.62 21.35
C GLN D 193 20.93 34.71 21.10
N SER D 194 21.58 33.58 20.80
CA SER D 194 23.01 33.62 20.50
C SER D 194 23.30 34.38 19.21
N ILE D 195 22.43 34.25 18.21
CA ILE D 195 22.62 35.02 16.98
C ILE D 195 22.44 36.50 17.23
N ALA D 196 21.43 36.87 18.01
CA ALA D 196 21.19 38.28 18.30
C ALA D 196 22.30 38.87 19.17
N TYR D 197 22.94 38.06 20.01
CA TYR D 197 23.98 38.55 20.89
C TYR D 197 25.34 38.63 20.20
N ASN D 198 25.72 37.58 19.49
CA ASN D 198 27.05 37.55 18.88
C ASN D 198 27.10 38.36 17.58
N HIS D 199 26.08 38.23 16.75
CA HIS D 199 26.04 38.91 15.45
C HIS D 199 24.78 39.76 15.35
N PRO D 200 24.78 40.93 15.99
CA PRO D 200 23.60 41.81 15.91
C PRO D 200 23.43 42.50 14.57
N ASP D 201 24.45 42.49 13.71
CA ASP D 201 24.36 43.16 12.42
C ASP D 201 23.54 42.38 11.40
N CYS D 202 23.40 41.07 11.58
CA CYS D 202 22.65 40.26 10.63
C CYS D 202 21.15 40.44 10.83
N VAL D 203 20.41 40.32 9.73
CA VAL D 203 18.96 40.46 9.75
C VAL D 203 18.36 39.10 10.13
N LEU D 204 17.81 39.01 11.32
CA LEU D 204 17.23 37.76 11.82
C LEU D 204 15.73 37.76 11.56
N MET D 205 15.24 36.68 10.96
CA MET D 205 13.83 36.51 10.64
C MET D 205 13.41 35.11 11.08
N VAL D 206 12.43 35.04 11.99
CA VAL D 206 11.94 33.78 12.51
C VAL D 206 10.55 33.53 11.92
N LEU D 207 10.43 32.43 11.17
CA LEU D 207 9.17 32.05 10.54
C LEU D 207 8.56 30.88 11.29
N LEU D 208 7.34 31.06 11.79
CA LEU D 208 6.61 30.03 12.52
C LEU D 208 5.26 29.83 11.86
N ILE D 209 5.14 28.76 11.07
CA ILE D 209 3.92 28.46 10.33
C ILE D 209 3.19 27.33 11.03
N ASP D 210 1.87 27.51 11.23
CA ASP D 210 1.00 26.48 11.80
C ASP D 210 1.46 26.09 13.21
N GLU D 211 1.59 27.11 14.06
CA GLU D 211 2.09 26.85 15.44
C GLU D 211 1.05 27.35 16.45
N ARG D 212 1.24 27.00 17.73
CA ARG D 212 0.28 27.41 18.78
C ARG D 212 0.51 28.88 19.11
N PRO D 213 -0.51 29.76 19.01
CA PRO D 213 -0.33 31.21 19.21
C PRO D 213 0.47 31.54 20.48
N GLU D 214 0.10 31.00 21.65
CA GLU D 214 0.93 31.23 22.83
C GLU D 214 2.41 31.15 22.50
N GLU D 215 2.83 30.14 21.74
CA GLU D 215 4.23 30.05 21.33
C GLU D 215 4.63 31.23 20.43
N VAL D 216 3.69 31.69 19.59
CA VAL D 216 3.98 32.84 18.72
C VAL D 216 4.26 34.08 19.56
N THR D 217 3.37 34.39 20.50
CA THR D 217 3.54 35.59 21.31
C THR D 217 4.70 35.44 22.28
N GLU D 218 5.06 34.20 22.61
CA GLU D 218 6.26 33.97 23.41
C GLU D 218 7.52 34.29 22.62
N MET D 219 7.62 33.74 21.40
CA MET D 219 8.79 34.00 20.57
C MET D 219 8.90 35.46 20.20
N GLN D 220 7.76 36.13 20.01
CA GLN D 220 7.79 37.54 19.62
C GLN D 220 8.33 38.43 20.73
N ARG D 221 8.10 38.05 21.99
CA ARG D 221 8.54 38.84 23.13
C ARG D 221 9.83 38.30 23.75
N LEU D 222 10.52 37.38 23.08
CA LEU D 222 11.74 36.78 23.60
C LEU D 222 12.97 37.07 22.76
N VAL D 223 12.86 36.98 21.44
CA VAL D 223 14.00 37.18 20.55
C VAL D 223 14.10 38.65 20.18
N LYS D 224 15.32 39.08 19.86
CA LYS D 224 15.57 40.47 19.46
C LYS D 224 15.65 40.54 17.94
N GLY D 225 14.49 40.51 17.31
CA GLY D 225 14.43 40.56 15.87
C GLY D 225 13.01 40.59 15.37
N GLU D 226 12.86 40.27 14.08
CA GLU D 226 11.55 40.25 13.44
C GLU D 226 10.95 38.86 13.53
N VAL D 227 9.66 38.80 13.84
CA VAL D 227 8.95 37.54 13.99
C VAL D 227 7.71 37.59 13.11
N VAL D 228 7.70 36.78 12.06
CA VAL D 228 6.55 36.64 11.17
C VAL D 228 6.01 35.22 11.33
N ALA D 229 4.80 35.09 11.84
CA ALA D 229 4.21 33.80 12.16
C ALA D 229 2.79 33.72 11.62
N SER D 230 2.28 32.49 11.55
CA SER D 230 0.92 32.22 11.07
C SER D 230 0.40 31.01 11.83
N THR D 231 -0.53 31.27 12.75
CA THR D 231 -1.07 30.21 13.59
C THR D 231 -1.88 29.21 12.76
N PHE D 232 -2.22 28.09 13.41
CA PHE D 232 -2.98 27.04 12.74
C PHE D 232 -4.41 27.45 12.42
N ASP D 233 -4.92 28.51 13.03
CA ASP D 233 -6.27 28.98 12.74
C ASP D 233 -6.40 29.57 11.34
N GLU D 234 -5.30 29.76 10.64
CA GLU D 234 -5.33 30.30 9.29
C GLU D 234 -5.19 29.19 8.26
N PRO D 235 -5.81 29.34 7.09
CA PRO D 235 -5.71 28.30 6.06
C PRO D 235 -4.30 28.22 5.49
N ALA D 236 -4.08 27.15 4.71
CA ALA D 236 -2.76 26.93 4.12
C ALA D 236 -2.43 27.99 3.07
N SER D 237 -3.45 28.65 2.52
CA SER D 237 -3.20 29.73 1.55
C SER D 237 -2.41 30.86 2.19
N ARG D 238 -2.78 31.26 3.41
CA ARG D 238 -2.04 32.30 4.10
C ARG D 238 -0.63 31.84 4.42
N HIS D 239 -0.46 30.55 4.75
CA HIS D 239 0.87 30.01 4.98
C HIS D 239 1.74 30.16 3.74
N VAL D 240 1.21 29.77 2.58
CA VAL D 240 1.96 29.89 1.33
C VAL D 240 2.28 31.35 1.03
N GLN D 241 1.31 32.23 1.25
CA GLN D 241 1.51 33.65 0.99
C GLN D 241 2.61 34.23 1.88
N VAL D 242 2.59 33.87 3.17
CA VAL D 242 3.61 34.37 4.10
C VAL D 242 4.98 33.83 3.73
N ALA D 243 5.06 32.54 3.37
CA ALA D 243 6.35 31.98 2.97
C ALA D 243 6.88 32.68 1.72
N GLU D 244 6.02 32.94 0.74
CA GLU D 244 6.45 33.61 -0.48
C GLU D 244 6.92 35.04 -0.17
N MET D 245 6.17 35.77 0.65
CA MET D 245 6.57 37.13 0.98
C MET D 245 7.90 37.15 1.72
N VAL D 246 8.09 36.21 2.66
CA VAL D 246 9.33 36.17 3.42
C VAL D 246 10.51 35.85 2.52
N ILE D 247 10.37 34.86 1.64
CA ILE D 247 11.49 34.49 0.78
C ILE D 247 11.78 35.58 -0.24
N GLU D 248 10.74 36.29 -0.71
CA GLU D 248 10.98 37.38 -1.65
C GLU D 248 11.69 38.55 -0.96
N LYS D 249 11.29 38.87 0.26
CA LYS D 249 11.98 39.92 1.01
C LYS D 249 13.42 39.53 1.28
N ALA D 250 13.66 38.25 1.59
CA ALA D 250 15.03 37.78 1.82
C ALA D 250 15.87 37.92 0.57
N LYS D 251 15.30 37.54 -0.59
CA LYS D 251 16.03 37.68 -1.84
C LYS D 251 16.33 39.14 -2.16
N ARG D 252 15.34 40.02 -1.95
CA ARG D 252 15.56 41.43 -2.22
C ARG D 252 16.62 42.03 -1.28
N LEU D 253 16.67 41.56 -0.04
CA LEU D 253 17.70 42.04 0.87
C LEU D 253 19.08 41.52 0.48
N VAL D 254 19.16 40.24 0.09
CA VAL D 254 20.45 39.68 -0.33
C VAL D 254 20.95 40.38 -1.58
N GLU D 255 20.04 40.79 -2.46
CA GLU D 255 20.43 41.52 -3.66
C GLU D 255 21.14 42.83 -3.33
N HIS D 256 20.91 43.39 -2.14
CA HIS D 256 21.60 44.59 -1.69
C HIS D 256 22.76 44.28 -0.75
N LYS D 257 23.33 43.08 -0.87
CA LYS D 257 24.49 42.66 -0.08
C LYS D 257 24.20 42.70 1.43
N LYS D 258 23.08 42.09 1.82
CA LYS D 258 22.70 41.98 3.22
C LYS D 258 22.78 40.53 3.68
N ASP D 259 23.04 40.35 4.97
CA ASP D 259 23.15 39.03 5.58
C ASP D 259 21.81 38.68 6.22
N VAL D 260 21.03 37.85 5.54
CA VAL D 260 19.71 37.44 6.01
C VAL D 260 19.82 36.08 6.67
N ILE D 261 19.14 35.92 7.81
CA ILE D 261 19.10 34.66 8.54
C ILE D 261 17.64 34.30 8.77
N ILE D 262 17.23 33.13 8.30
CA ILE D 262 15.86 32.65 8.41
C ILE D 262 15.87 31.39 9.26
N LEU D 263 15.18 31.45 10.41
CA LEU D 263 15.07 30.31 11.31
C LEU D 263 13.69 29.70 11.13
N LEU D 264 13.59 28.73 10.23
CA LEU D 264 12.33 28.07 9.94
C LEU D 264 12.10 26.95 10.94
N ASP D 265 10.86 26.82 11.42
CA ASP D 265 10.49 25.79 12.38
C ASP D 265 9.34 24.92 11.88
N SER D 266 8.97 25.05 10.62
CA SER D 266 7.78 24.38 10.10
C SER D 266 7.93 23.88 8.68
N ILE D 267 9.13 23.43 8.29
CA ILE D 267 9.37 22.93 6.94
C ILE D 267 8.38 21.81 6.62
N THR D 268 8.13 20.93 7.60
CA THR D 268 7.15 19.88 7.43
C THR D 268 5.74 20.45 7.28
N ARG D 269 5.41 21.43 8.13
CA ARG D 269 4.10 22.07 8.03
C ARG D 269 3.96 22.84 6.72
N LEU D 270 5.06 23.46 6.26
CA LEU D 270 5.03 24.16 4.98
C LEU D 270 4.79 23.19 3.82
N ALA D 271 5.46 22.03 3.88
CA ALA D 271 5.25 21.02 2.84
C ALA D 271 3.81 20.49 2.88
N ARG D 272 3.25 20.31 4.08
CA ARG D 272 1.85 19.90 4.19
C ARG D 272 0.92 20.95 3.60
N ALA D 273 1.20 22.23 3.86
CA ALA D 273 0.38 23.30 3.30
C ALA D 273 0.45 23.31 1.78
N TYR D 274 1.66 23.13 1.23
CA TYR D 274 1.80 23.12 -0.22
C TYR D 274 1.12 21.90 -0.83
N ASN D 275 1.17 20.75 -0.15
CA ASN D 275 0.46 19.57 -0.63
C ASN D 275 -1.05 19.73 -0.51
N THR D 276 -1.52 20.58 0.41
CA THR D 276 -2.94 20.83 0.52
C THR D 276 -3.45 21.82 -0.51
N VAL D 277 -2.64 22.84 -0.85
CA VAL D 277 -3.08 23.87 -1.78
C VAL D 277 -2.88 23.49 -3.25
N VAL D 278 -2.18 22.39 -3.52
CA VAL D 278 -1.94 21.98 -4.90
C VAL D 278 -3.17 21.24 -5.42
N PRO D 279 -3.63 21.54 -6.64
CA PRO D 279 -4.79 20.82 -7.18
C PRO D 279 -4.49 19.35 -7.38
N ALA D 280 -5.50 18.51 -7.16
CA ALA D 280 -5.35 17.07 -7.32
C ALA D 280 -5.13 16.72 -8.78
N SER D 281 -4.16 15.84 -9.03
CA SER D 281 -3.83 15.40 -10.38
C SER D 281 -4.15 13.93 -10.62
N GLY D 282 -4.86 13.29 -9.70
CA GLY D 282 -5.21 11.89 -9.86
C GLY D 282 -4.07 10.91 -9.64
N LYS D 283 -2.92 11.38 -9.16
CA LYS D 283 -1.77 10.53 -8.92
C LYS D 283 -1.22 10.84 -7.53
N VAL D 284 -1.30 9.87 -6.63
CA VAL D 284 -0.86 10.02 -5.25
C VAL D 284 0.27 9.03 -4.99
N LEU D 285 1.37 9.52 -4.43
CA LEU D 285 2.51 8.67 -4.11
C LEU D 285 2.32 8.00 -2.76
N THR D 286 3.35 7.28 -2.33
CA THR D 286 3.31 6.59 -1.05
C THR D 286 3.29 7.59 0.10
N GLY D 287 2.30 7.45 0.97
CA GLY D 287 2.16 8.32 2.12
C GLY D 287 1.20 9.49 1.95
N GLY D 288 0.66 9.68 0.75
CA GLY D 288 -0.24 10.80 0.51
C GLY D 288 0.43 12.07 0.07
N VAL D 289 1.53 11.98 -0.67
CA VAL D 289 2.27 13.14 -1.14
C VAL D 289 2.09 13.26 -2.65
N ASP D 290 1.74 14.46 -3.10
CA ASP D 290 1.58 14.69 -4.53
C ASP D 290 2.94 14.75 -5.21
N ALA D 291 2.96 14.44 -6.51
CA ALA D 291 4.22 14.42 -7.25
C ALA D 291 4.80 15.82 -7.41
N ASN D 292 3.95 16.85 -7.50
CA ASN D 292 4.39 18.22 -7.69
C ASN D 292 4.17 19.08 -6.46
N ALA D 293 4.01 18.46 -5.29
CA ALA D 293 3.77 19.23 -4.07
C ALA D 293 5.07 19.64 -3.39
N LEU D 294 6.11 18.84 -3.51
CA LEU D 294 7.38 19.12 -2.84
C LEU D 294 8.28 20.06 -3.63
N HIS D 295 7.86 20.48 -4.82
CA HIS D 295 8.71 21.34 -5.65
C HIS D 295 8.85 22.73 -5.03
N ARG D 296 7.74 23.31 -4.57
CA ARG D 296 7.80 24.63 -3.96
C ARG D 296 8.60 24.64 -2.65
N PRO D 297 8.41 23.70 -1.72
CA PRO D 297 9.31 23.67 -0.56
C PRO D 297 10.75 23.37 -0.95
N LYS D 298 10.96 22.56 -1.99
CA LYS D 298 12.32 22.32 -2.47
C LYS D 298 13.01 23.61 -2.89
N ARG D 299 12.31 24.44 -3.67
CA ARG D 299 12.88 25.72 -4.08
C ARG D 299 13.04 26.67 -2.90
N PHE D 300 12.07 26.69 -1.98
CA PHE D 300 12.19 27.54 -0.80
C PHE D 300 13.41 27.17 0.02
N PHE D 301 13.70 25.88 0.13
CA PHE D 301 14.88 25.44 0.88
C PHE D 301 16.16 25.77 0.11
N GLY D 302 16.18 25.48 -1.19
CA GLY D 302 17.36 25.71 -2.00
C GLY D 302 17.66 27.17 -2.27
N ALA D 303 16.74 28.08 -1.91
CA ALA D 303 17.00 29.50 -2.09
C ALA D 303 18.20 29.95 -1.28
N ALA D 304 18.45 29.30 -0.15
CA ALA D 304 19.60 29.65 0.69
C ALA D 304 20.91 29.37 -0.05
N ARG D 305 21.78 30.36 -0.06
CA ARG D 305 23.07 30.26 -0.74
C ARG D 305 23.95 31.41 -0.28
N ASN D 306 25.26 31.22 -0.46
CA ASN D 306 26.24 32.25 -0.14
C ASN D 306 26.66 32.96 -1.42
N VAL D 307 26.63 34.29 -1.39
CA VAL D 307 26.92 35.12 -2.56
C VAL D 307 28.35 35.62 -2.47
N GLU D 308 29.08 35.51 -3.58
CA GLU D 308 30.46 36.00 -3.62
C GLU D 308 30.52 37.51 -3.73
N GLU D 309 29.59 38.13 -4.47
CA GLU D 309 29.61 39.57 -4.62
C GLU D 309 29.28 40.28 -3.31
N GLY D 310 28.50 39.65 -2.44
CA GLY D 310 28.16 40.26 -1.17
C GLY D 310 26.87 39.72 -0.58
N GLY D 311 26.82 39.59 0.74
CA GLY D 311 25.64 39.09 1.41
C GLY D 311 25.59 37.57 1.42
N SER D 312 24.57 37.07 2.12
CA SER D 312 24.36 35.63 2.27
C SER D 312 22.93 35.39 2.72
N LEU D 313 22.49 34.14 2.61
CA LEU D 313 21.16 33.73 3.01
C LEU D 313 21.24 32.40 3.73
N THR D 314 20.95 32.42 5.02
CA THR D 314 21.00 31.21 5.85
C THR D 314 19.60 30.79 6.23
N ILE D 315 19.29 29.51 6.01
CA ILE D 315 17.98 28.94 6.31
C ILE D 315 18.19 27.70 7.16
N ILE D 316 17.72 27.74 8.40
CA ILE D 316 17.82 26.62 9.33
C ILE D 316 16.40 26.13 9.59
N ALA D 317 16.02 25.03 8.97
CA ALA D 317 14.69 24.46 9.09
C ALA D 317 14.72 23.26 10.03
N THR D 318 13.66 23.11 10.83
CA THR D 318 13.53 22.01 11.77
C THR D 318 12.49 21.03 11.22
N ALA D 319 12.96 19.83 10.87
CA ALA D 319 12.09 18.80 10.32
C ALA D 319 11.52 17.92 11.43
N LEU D 320 10.32 17.41 11.20
CA LEU D 320 9.63 16.56 12.16
C LEU D 320 9.68 15.10 11.70
N ILE D 321 10.03 14.21 12.63
CA ILE D 321 10.09 12.77 12.37
C ILE D 321 9.37 12.05 13.51
N ASP D 322 9.01 10.80 13.23
CA ASP D 322 8.36 9.93 14.22
C ASP D 322 7.07 10.55 14.73
N THR D 323 6.35 11.23 13.84
CA THR D 323 5.09 11.88 14.18
C THR D 323 3.88 10.98 13.96
N GLY D 324 4.08 9.72 13.57
CA GLY D 324 3.00 8.80 13.32
C GLY D 324 2.37 8.91 11.95
N SER D 325 2.76 9.89 11.13
CA SER D 325 2.23 10.08 9.80
C SER D 325 3.31 9.72 8.79
N LYS D 326 2.96 8.88 7.82
CA LYS D 326 3.92 8.48 6.80
C LYS D 326 4.27 9.61 5.86
N MET D 327 3.37 10.60 5.72
CA MET D 327 3.64 11.73 4.85
C MET D 327 4.82 12.53 5.34
N ASP D 328 4.88 12.80 6.65
CA ASP D 328 6.03 13.51 7.21
C ASP D 328 7.30 12.70 7.07
N GLU D 329 7.22 11.38 7.21
CA GLU D 329 8.40 10.54 7.02
C GLU D 329 8.91 10.62 5.59
N VAL D 330 8.01 10.60 4.61
CA VAL D 330 8.42 10.73 3.21
C VAL D 330 9.04 12.09 2.96
N ILE D 331 8.44 13.15 3.54
CA ILE D 331 8.98 14.49 3.37
C ILE D 331 10.38 14.59 3.95
N TYR D 332 10.46 14.31 5.26
CA TYR D 332 11.73 14.55 6.00
C TYR D 332 12.93 14.07 5.20
N GLU D 333 12.94 12.79 4.83
CA GLU D 333 14.15 12.27 4.18
C GLU D 333 14.21 12.74 2.71
N GLU D 334 13.06 12.85 2.03
CA GLU D 334 13.11 13.44 0.66
C GLU D 334 13.98 14.68 0.79
N PHE D 335 13.83 15.39 1.92
CA PHE D 335 14.64 16.56 2.23
C PHE D 335 15.97 16.21 2.89
N LYS D 336 16.17 14.95 3.27
CA LYS D 336 17.43 14.58 3.92
C LYS D 336 18.61 14.71 2.98
N GLY D 337 18.43 14.26 1.74
CA GLY D 337 19.50 14.46 0.74
C GLY D 337 19.78 15.94 0.53
N THR D 338 19.06 16.81 1.25
CA THR D 338 19.24 18.28 1.10
C THR D 338 20.10 18.82 2.22
N GLY D 339 19.55 19.68 3.10
CA GLY D 339 20.29 20.29 4.21
C GLY D 339 21.75 19.87 4.31
N ASN D 340 22.68 20.74 3.88
CA ASN D 340 24.14 20.44 3.99
C ASN D 340 24.53 20.47 5.47
N MET D 341 23.70 19.90 6.35
CA MET D 341 23.94 19.93 7.79
C MET D 341 22.74 19.29 8.48
N GLU D 342 22.99 18.28 9.30
CA GLU D 342 21.95 17.59 10.05
C GLU D 342 22.32 17.58 11.53
N LEU D 343 21.45 18.13 12.35
CA LEU D 343 21.63 18.17 13.80
C LEU D 343 20.50 17.34 14.41
N HIS D 344 20.78 16.05 14.64
CA HIS D 344 19.77 15.13 15.14
C HIS D 344 19.65 15.24 16.66
N LEU D 345 18.43 15.11 17.15
CA LEU D 345 18.14 15.09 18.58
C LEU D 345 17.51 13.76 18.94
N SER D 346 17.93 13.20 20.08
CA SER D 346 17.49 11.88 20.51
C SER D 346 16.37 12.01 21.54
N ARG D 347 15.28 11.27 21.30
CA ARG D 347 14.17 11.27 22.26
C ARG D 347 14.53 10.52 23.52
N LYS D 348 15.37 9.47 23.39
CA LYS D 348 15.78 8.70 24.57
C LYS D 348 16.57 9.55 25.54
N ILE D 349 17.40 10.46 25.04
CA ILE D 349 18.14 11.36 25.92
C ILE D 349 17.23 12.43 26.50
N ALA D 350 16.21 12.87 25.75
CA ALA D 350 15.30 13.87 26.26
C ALA D 350 14.40 13.31 27.37
N GLU D 351 14.09 12.01 27.28
CA GLU D 351 13.28 11.38 28.33
C GLU D 351 14.04 11.29 29.64
N LYS D 352 15.37 11.26 29.61
CA LYS D 352 16.18 11.25 30.81
C LYS D 352 16.40 12.64 31.39
N ARG D 353 15.75 13.66 30.83
CA ARG D 353 15.87 15.04 31.28
C ARG D 353 17.33 15.51 31.24
N VAL D 354 18.03 15.14 30.18
CA VAL D 354 19.42 15.54 29.96
C VAL D 354 19.40 16.57 28.83
N PHE D 355 19.43 17.85 29.18
CA PHE D 355 19.39 18.93 28.21
C PHE D 355 20.79 19.52 28.03
N PRO D 356 21.24 19.74 26.79
CA PRO D 356 20.47 19.43 25.56
C PRO D 356 20.59 17.97 25.15
N ALA D 357 19.54 17.45 24.50
CA ALA D 357 19.52 16.07 24.02
C ALA D 357 19.89 16.07 22.54
N ILE D 358 21.19 16.17 22.28
CA ILE D 358 21.72 16.25 20.92
C ILE D 358 22.43 14.95 20.59
N ASP D 359 22.14 14.41 19.41
CA ASP D 359 22.81 13.21 18.91
C ASP D 359 24.12 13.65 18.27
N TYR D 360 25.21 13.58 19.05
CA TYR D 360 26.50 14.06 18.57
C TYR D 360 27.05 13.15 17.49
N ASN D 361 26.68 11.86 17.51
CA ASN D 361 27.24 10.91 16.56
C ASN D 361 26.78 11.20 15.14
N ARG D 362 25.47 11.36 14.94
CA ARG D 362 24.94 11.57 13.59
C ARG D 362 25.05 13.01 13.14
N SER D 363 25.41 13.93 14.03
CA SER D 363 25.58 15.33 13.64
C SER D 363 26.89 15.50 12.86
N GLY D 364 27.03 16.66 12.26
CA GLY D 364 28.22 16.96 11.48
C GLY D 364 27.94 18.03 10.44
N THR D 365 29.03 18.54 9.87
CA THR D 365 28.97 19.57 8.84
C THR D 365 29.96 19.24 7.73
N ARG D 366 29.52 19.35 6.49
CA ARG D 366 30.39 19.11 5.34
C ARG D 366 31.23 20.35 5.07
N LYS D 367 32.47 20.11 4.64
CA LYS D 367 33.44 21.18 4.37
C LYS D 367 33.64 22.05 5.61
N GLU D 368 33.76 21.39 6.77
CA GLU D 368 33.94 22.12 8.02
C GLU D 368 35.32 22.77 8.13
N GLU D 369 36.27 22.36 7.29
CA GLU D 369 37.61 22.96 7.35
C GLU D 369 37.61 24.39 6.86
N LEU D 370 36.57 24.84 6.16
CA LEU D 370 36.48 26.20 5.68
C LEU D 370 36.00 27.18 6.75
N LEU D 371 35.58 26.68 7.90
CA LEU D 371 35.10 27.53 8.99
C LEU D 371 35.91 27.38 10.26
N THR D 372 36.86 26.45 10.32
CA THR D 372 37.67 26.23 11.51
C THR D 372 39.14 26.14 11.10
N THR D 373 40.01 26.42 12.06
CA THR D 373 41.44 26.35 11.81
C THR D 373 41.92 24.90 11.79
N GLN D 374 43.22 24.71 11.53
CA GLN D 374 43.77 23.37 11.46
C GLN D 374 43.77 22.70 12.82
N GLU D 375 44.28 23.40 13.85
CA GLU D 375 44.32 22.81 15.18
C GLU D 375 42.92 22.59 15.74
N GLU D 376 41.99 23.52 15.46
CA GLU D 376 40.62 23.34 15.91
C GLU D 376 39.98 22.13 15.24
N LEU D 377 40.21 21.95 13.94
CA LEU D 377 39.67 20.80 13.24
C LEU D 377 40.27 19.50 13.77
N GLN D 378 41.58 19.51 14.07
CA GLN D 378 42.20 18.32 14.62
C GLN D 378 41.65 17.97 16.00
N LYS D 379 41.44 18.99 16.84
CA LYS D 379 40.85 18.75 18.16
C LYS D 379 39.42 18.24 18.05
N MET D 380 38.64 18.77 17.11
CA MET D 380 37.28 18.27 16.91
C MET D 380 37.30 16.83 16.42
N TRP D 381 38.24 16.49 15.53
CA TRP D 381 38.35 15.12 15.05
C TRP D 381 38.72 14.18 16.20
N ILE D 382 39.66 14.59 17.05
CA ILE D 382 40.03 13.76 18.19
C ILE D 382 38.86 13.59 19.15
N LEU D 383 38.10 14.67 19.39
CA LEU D 383 36.95 14.58 20.27
C LEU D 383 35.89 13.65 19.70
N ARG D 384 35.68 13.69 18.38
CA ARG D 384 34.72 12.79 17.76
C ARG D 384 35.18 11.34 17.83
N LYS D 385 36.49 11.10 17.63
CA LYS D 385 37.00 9.74 17.71
C LYS D 385 36.95 9.20 19.13
N ILE D 386 37.02 10.08 20.13
CA ILE D 386 36.91 9.63 21.52
C ILE D 386 35.45 9.41 21.88
N ILE D 387 34.55 10.25 21.37
CA ILE D 387 33.14 10.15 21.74
C ILE D 387 32.45 8.99 21.02
N HIS D 388 32.86 8.68 19.79
CA HIS D 388 32.19 7.67 18.98
C HIS D 388 32.03 6.31 19.67
N PRO D 389 33.05 5.74 20.34
CA PRO D 389 32.84 4.43 20.96
C PRO D 389 31.79 4.45 22.07
N MET D 390 31.71 5.52 22.84
CA MET D 390 30.76 5.58 23.94
C MET D 390 29.33 5.71 23.43
N GLY D 391 28.38 5.30 24.27
CA GLY D 391 26.99 5.42 23.93
C GLY D 391 26.51 6.86 23.92
N GLU D 392 25.32 7.06 23.36
CA GLU D 392 24.78 8.41 23.21
C GLU D 392 24.60 9.10 24.56
N ILE D 393 23.89 8.44 25.48
CA ILE D 393 23.65 9.04 26.79
C ILE D 393 24.95 9.21 27.55
N ASP D 394 25.82 8.20 27.50
CA ASP D 394 27.11 8.27 28.17
C ASP D 394 27.98 9.39 27.59
N ALA D 395 28.00 9.52 26.26
CA ALA D 395 28.78 10.59 25.63
C ALA D 395 28.25 11.96 26.01
N MET D 396 26.92 12.10 26.05
CA MET D 396 26.33 13.38 26.44
C MET D 396 26.65 13.72 27.89
N GLU D 397 26.57 12.74 28.78
CA GLU D 397 26.92 12.99 30.18
C GLU D 397 28.39 13.37 30.32
N PHE D 398 29.27 12.67 29.60
CA PHE D 398 30.69 12.99 29.63
C PHE D 398 30.95 14.41 29.13
N LEU D 399 30.32 14.77 28.01
CA LEU D 399 30.51 16.10 27.45
C LEU D 399 30.00 17.18 28.41
N ILE D 400 28.85 16.96 29.04
CA ILE D 400 28.31 17.94 29.96
C ILE D 400 29.22 18.08 31.18
N ASN D 401 29.70 16.96 31.73
CA ASN D 401 30.54 17.02 32.91
C ASN D 401 31.89 17.64 32.60
N LYS D 402 32.37 17.51 31.36
CA LYS D 402 33.65 18.10 31.00
C LYS D 402 33.51 19.58 30.63
N LEU D 403 32.36 19.99 30.10
CA LEU D 403 32.16 21.40 29.77
C LEU D 403 31.75 22.20 31.00
N ALA D 404 31.19 21.55 32.02
CA ALA D 404 30.85 22.27 33.24
C ALA D 404 32.07 22.68 34.05
N MET D 405 33.22 22.03 33.82
CA MET D 405 34.42 22.35 34.59
C MET D 405 35.03 23.69 34.17
N THR D 406 34.94 24.04 32.89
CA THR D 406 35.54 25.26 32.37
C THR D 406 34.49 26.12 31.71
N LYS D 407 34.92 27.31 31.27
CA LYS D 407 34.03 28.24 30.59
C LYS D 407 34.16 28.19 29.08
N THR D 408 35.38 28.03 28.57
CA THR D 408 35.63 27.98 27.14
C THR D 408 36.02 26.58 26.72
N ASN D 409 35.73 26.25 25.45
CA ASN D 409 36.04 24.93 24.93
C ASN D 409 37.53 24.77 24.66
N ASP D 410 38.27 25.88 24.55
CA ASP D 410 39.71 25.80 24.34
C ASP D 410 40.40 25.16 25.54
N ASP D 411 39.97 25.51 26.76
CA ASP D 411 40.54 24.87 27.94
C ASP D 411 40.23 23.39 27.98
N PHE D 412 39.02 23.00 27.57
CA PHE D 412 38.68 21.57 27.52
C PHE D 412 39.56 20.85 26.51
N PHE D 413 39.76 21.43 25.33
CA PHE D 413 40.61 20.80 24.33
C PHE D 413 42.05 20.71 24.81
N GLU D 414 42.53 21.72 25.52
CA GLU D 414 43.90 21.69 26.04
C GLU D 414 44.05 20.65 27.15
N MET D 415 43.00 20.46 27.96
CA MET D 415 43.06 19.46 29.02
C MET D 415 42.87 18.04 28.50
N MET D 416 42.25 17.88 27.33
CA MET D 416 42.07 16.54 26.78
C MET D 416 43.42 15.94 26.35
N LYS D 417 44.33 16.77 25.88
CA LYS D 417 45.64 16.30 25.46
C LYS D 417 46.52 15.98 26.67
N MET E 1 35.99 37.59 -36.14
CA MET E 1 34.66 37.80 -35.59
C MET E 1 34.00 36.49 -35.22
N ASN E 2 34.23 36.04 -34.00
CA ASN E 2 33.66 34.81 -33.48
C ASN E 2 32.78 35.10 -32.29
N LEU E 3 31.72 34.29 -32.13
CA LEU E 3 30.77 34.51 -31.04
C LEU E 3 31.40 34.20 -29.69
N THR E 4 32.10 33.08 -29.59
CA THR E 4 32.71 32.69 -28.32
C THR E 4 33.79 33.67 -27.89
N GLU E 5 34.51 34.25 -28.85
CA GLU E 5 35.54 35.24 -28.51
C GLU E 5 34.92 36.48 -27.88
N LEU E 6 33.79 36.93 -28.40
CA LEU E 6 33.11 38.07 -27.80
C LEU E 6 32.43 37.69 -26.49
N LYS E 7 32.03 36.43 -26.33
CA LYS E 7 31.45 35.97 -25.07
C LYS E 7 32.50 35.87 -23.97
N ASN E 8 33.76 35.56 -24.31
CA ASN E 8 34.80 35.46 -23.30
C ASN E 8 35.33 36.82 -22.87
N THR E 9 35.13 37.86 -23.69
CA THR E 9 35.59 39.19 -23.34
C THR E 9 34.81 39.74 -22.15
N PRO E 10 35.45 40.56 -21.32
CA PRO E 10 34.74 41.13 -20.17
C PRO E 10 33.73 42.19 -20.58
N VAL E 11 32.97 42.66 -19.60
CA VAL E 11 31.90 43.62 -19.87
C VAL E 11 32.48 45.00 -20.15
N SER E 12 33.55 45.37 -19.42
CA SER E 12 34.10 46.71 -19.56
C SER E 12 34.68 46.95 -20.95
N GLU E 13 35.45 45.98 -21.45
CA GLU E 13 36.02 46.12 -22.78
C GLU E 13 34.96 46.15 -23.86
N LEU E 14 33.88 45.36 -23.71
CA LEU E 14 32.80 45.39 -24.68
C LEU E 14 32.07 46.73 -24.65
N ILE E 15 31.86 47.30 -23.46
CA ILE E 15 31.23 48.61 -23.35
C ILE E 15 32.11 49.66 -24.01
N THR E 16 33.42 49.59 -23.78
CA THR E 16 34.35 50.54 -24.38
C THR E 16 34.33 50.43 -25.91
N LEU E 17 34.35 49.20 -26.42
CA LEU E 17 34.33 49.00 -27.87
C LEU E 17 33.03 49.52 -28.47
N GLY E 18 31.91 49.25 -27.81
CA GLY E 18 30.63 49.76 -28.30
C GLY E 18 30.53 51.26 -28.28
N GLU E 19 31.09 51.91 -27.25
CA GLU E 19 31.11 53.36 -27.22
C GLU E 19 32.03 53.94 -28.29
N ASN E 20 33.13 53.24 -28.60
CA ASN E 20 34.00 53.69 -29.68
C ASN E 20 33.33 53.51 -31.03
N MET E 21 32.48 52.48 -31.19
CA MET E 21 31.81 52.27 -32.47
C MET E 21 30.72 53.30 -32.70
N GLY E 22 30.33 54.04 -31.66
CA GLY E 22 29.32 55.09 -31.81
C GLY E 22 27.90 54.56 -31.87
N LEU E 23 27.45 53.93 -30.78
CA LEU E 23 26.11 53.39 -30.68
C LEU E 23 25.44 53.97 -29.44
N GLU E 24 24.26 53.43 -29.13
CA GLU E 24 23.53 53.85 -27.94
C GLU E 24 24.31 53.47 -26.68
N ASN E 25 24.03 54.18 -25.59
CA ASN E 25 24.69 53.95 -24.31
C ASN E 25 24.60 52.49 -23.88
N LEU E 26 25.76 51.84 -23.78
CA LEU E 26 25.83 50.41 -23.46
C LEU E 26 26.02 50.14 -21.98
N ALA E 27 26.19 51.18 -21.15
CA ALA E 27 26.34 50.96 -19.71
C ALA E 27 25.07 50.36 -19.12
N ARG E 28 23.92 50.90 -19.50
CA ARG E 28 22.63 50.34 -19.08
C ARG E 28 22.10 49.34 -20.09
N MET E 29 22.92 48.36 -20.45
CA MET E 29 22.54 47.36 -21.43
C MET E 29 23.14 46.01 -21.04
N ARG E 30 22.46 44.94 -21.45
CA ARG E 30 22.95 43.59 -21.19
C ARG E 30 24.15 43.28 -22.08
N LYS E 31 25.01 42.38 -21.60
CA LYS E 31 26.19 41.99 -22.36
C LYS E 31 25.81 41.34 -23.69
N GLN E 32 24.75 40.52 -23.69
CA GLN E 32 24.31 39.90 -24.92
C GLN E 32 23.79 40.95 -25.92
N ASP E 33 23.06 41.95 -25.42
CA ASP E 33 22.61 43.02 -26.29
C ASP E 33 23.78 43.84 -26.82
N ILE E 34 24.80 44.04 -25.98
CA ILE E 34 26.00 44.75 -26.42
C ILE E 34 26.68 43.99 -27.56
N ILE E 35 26.83 42.66 -27.39
CA ILE E 35 27.45 41.85 -28.43
C ILE E 35 26.62 41.87 -29.70
N PHE E 36 25.29 41.83 -29.56
CA PHE E 36 24.40 41.87 -30.72
C PHE E 36 24.56 43.18 -31.48
N ALA E 37 24.59 44.31 -30.75
CA ALA E 37 24.75 45.61 -31.39
C ALA E 37 26.12 45.74 -32.05
N ILE E 38 27.16 45.20 -31.41
CA ILE E 38 28.50 45.25 -32.00
C ILE E 38 28.54 44.42 -33.28
N LEU E 39 27.90 43.26 -33.28
CA LEU E 39 27.86 42.44 -34.49
C LEU E 39 27.08 43.14 -35.61
N LYS E 40 25.97 43.78 -35.26
CA LYS E 40 25.21 44.53 -36.25
C LYS E 40 26.06 45.64 -36.86
N GLN E 41 26.72 46.42 -36.01
CA GLN E 41 27.53 47.55 -36.50
C GLN E 41 28.70 47.07 -37.33
N HIS E 42 29.27 45.90 -36.97
CA HIS E 42 30.40 45.39 -37.73
C HIS E 42 29.96 44.79 -39.07
N ALA E 43 28.75 44.23 -39.12
CA ALA E 43 28.22 43.71 -40.38
C ALA E 43 27.69 44.81 -41.29
N LYS E 44 27.33 45.97 -40.73
CA LYS E 44 26.93 47.09 -41.58
C LYS E 44 28.10 47.59 -42.43
N SER E 45 29.33 47.36 -41.97
CA SER E 45 30.51 47.76 -42.74
C SER E 45 30.85 46.79 -43.86
N GLY E 46 30.20 45.63 -43.90
CA GLY E 46 30.43 44.66 -44.95
C GLY E 46 31.26 43.46 -44.55
N GLU E 47 31.81 43.45 -43.34
CA GLU E 47 32.64 42.32 -42.91
C GLU E 47 31.77 41.11 -42.57
N ASP E 48 32.42 39.94 -42.53
CA ASP E 48 31.73 38.70 -42.25
C ASP E 48 31.74 38.39 -40.77
N ILE E 49 30.75 37.64 -40.32
CA ILE E 49 30.62 37.22 -38.93
C ILE E 49 30.55 35.70 -38.89
N PHE E 50 31.26 35.11 -37.93
CA PHE E 50 31.32 33.67 -37.77
C PHE E 50 30.80 33.27 -36.39
N GLY E 51 30.21 32.08 -36.32
CA GLY E 51 29.68 31.55 -35.08
C GLY E 51 29.80 30.05 -35.05
N ASP E 52 29.37 29.47 -33.93
CA ASP E 52 29.44 28.03 -33.73
C ASP E 52 28.47 27.65 -32.62
N GLY E 53 28.25 26.35 -32.48
CA GLY E 53 27.35 25.85 -31.45
C GLY E 53 26.85 24.46 -31.80
N VAL E 54 26.17 23.86 -30.84
CA VAL E 54 25.60 22.53 -31.00
C VAL E 54 24.19 22.65 -31.56
N LEU E 55 23.90 21.83 -32.57
CA LEU E 55 22.62 21.90 -33.25
C LEU E 55 21.52 21.23 -32.44
N GLU E 56 20.36 21.88 -32.38
CA GLU E 56 19.18 21.34 -31.69
C GLU E 56 18.00 21.44 -32.67
N ILE E 57 17.76 20.35 -33.40
CA ILE E 57 16.68 20.34 -34.39
C ILE E 57 15.34 20.28 -33.66
N LEU E 58 14.46 21.21 -34.00
CA LEU E 58 13.14 21.26 -33.41
C LEU E 58 12.21 20.26 -34.09
N GLN E 59 11.00 20.12 -33.54
CA GLN E 59 10.05 19.16 -34.07
C GLN E 59 9.48 19.63 -35.42
N ASP E 60 9.42 20.94 -35.64
CA ASP E 60 8.86 21.45 -36.89
C ASP E 60 9.79 21.19 -38.06
N GLY E 61 11.11 21.29 -37.84
CA GLY E 61 12.06 21.03 -38.91
C GLY E 61 13.27 21.95 -38.88
N PHE E 62 13.15 23.09 -38.21
CA PHE E 62 14.24 24.04 -38.09
C PHE E 62 15.05 23.72 -36.83
N GLY E 63 16.01 24.57 -36.50
CA GLY E 63 16.83 24.34 -35.33
C GLY E 63 17.66 25.55 -34.99
N PHE E 64 18.36 25.46 -33.87
CA PHE E 64 19.23 26.51 -33.38
C PHE E 64 20.58 25.93 -32.98
N LEU E 65 21.55 26.82 -32.76
CA LEU E 65 22.89 26.45 -32.33
C LEU E 65 23.06 26.91 -30.88
N ARG E 66 22.83 25.99 -29.95
CA ARG E 66 22.96 26.31 -28.54
C ARG E 66 24.42 26.54 -28.16
N SER E 67 24.63 27.23 -27.06
CA SER E 67 25.97 27.52 -26.55
C SER E 67 26.23 26.72 -25.27
N ALA E 68 27.50 26.37 -25.07
CA ALA E 68 27.87 25.53 -23.94
C ALA E 68 28.00 26.33 -22.65
N ASP E 69 28.31 27.63 -22.74
CA ASP E 69 28.48 28.44 -21.53
C ASP E 69 27.15 28.72 -20.84
N SER E 70 26.03 28.53 -21.53
CA SER E 70 24.70 28.76 -20.96
C SER E 70 23.95 27.47 -20.69
N SER E 71 24.66 26.34 -20.66
CA SER E 71 24.06 25.03 -20.39
C SER E 71 22.96 24.71 -21.40
N TYR E 72 23.19 25.08 -22.65
CA TYR E 72 22.26 24.81 -23.75
C TYR E 72 20.88 25.40 -23.49
N LEU E 73 20.87 26.62 -22.97
CA LEU E 73 19.62 27.33 -22.71
C LEU E 73 19.25 28.21 -23.90
N ALA E 74 17.95 28.37 -24.10
CA ALA E 74 17.44 29.17 -25.21
C ALA E 74 17.86 30.62 -25.06
N GLY E 75 18.74 31.09 -25.95
CA GLY E 75 19.23 32.45 -25.91
C GLY E 75 18.84 33.26 -27.12
N PRO E 76 18.86 34.58 -26.99
CA PRO E 76 18.54 35.43 -28.15
C PRO E 76 19.58 35.37 -29.24
N ASP E 77 20.83 35.00 -28.92
CA ASP E 77 21.92 34.95 -29.89
C ASP E 77 22.06 33.59 -30.54
N ASP E 78 21.00 32.78 -30.55
CA ASP E 78 21.06 31.49 -31.21
C ASP E 78 21.01 31.66 -32.72
N ILE E 79 21.78 30.83 -33.42
CA ILE E 79 21.87 30.90 -34.88
C ILE E 79 20.79 30.02 -35.48
N TYR E 80 19.91 30.62 -36.27
CA TYR E 80 18.85 29.86 -36.93
C TYR E 80 19.42 29.00 -38.04
N VAL E 81 18.95 27.76 -38.12
CA VAL E 81 19.37 26.80 -39.13
C VAL E 81 18.13 26.40 -39.91
N SER E 82 18.09 26.76 -41.20
CA SER E 82 16.95 26.45 -42.03
C SER E 82 16.86 24.95 -42.27
N PRO E 83 15.65 24.40 -42.44
CA PRO E 83 15.53 22.97 -42.72
C PRO E 83 16.09 22.58 -44.08
N SER E 84 16.19 23.53 -45.00
CA SER E 84 16.76 23.24 -46.31
C SER E 84 18.21 22.79 -46.18
N GLN E 85 19.00 23.52 -45.40
CA GLN E 85 20.40 23.12 -45.19
C GLN E 85 20.48 21.81 -44.42
N ILE E 86 19.55 21.59 -43.49
CA ILE E 86 19.53 20.33 -42.74
C ILE E 86 19.31 19.15 -43.69
N ARG E 87 18.40 19.34 -44.65
CA ARG E 87 18.04 18.31 -45.65
C ARG E 87 19.17 18.17 -46.68
N ARG E 88 19.96 19.23 -46.88
CA ARG E 88 21.06 19.25 -47.89
C ARG E 88 22.33 18.60 -47.33
N PHE E 89 22.57 18.72 -46.02
CA PHE E 89 23.77 18.18 -45.39
C PHE E 89 23.48 17.02 -44.43
N ASN E 90 22.22 16.61 -44.32
CA ASN E 90 21.81 15.51 -43.43
C ASN E 90 22.25 15.78 -42.00
N LEU E 91 21.93 16.97 -41.51
CA LEU E 91 22.28 17.35 -40.15
C LEU E 91 21.31 16.74 -39.14
N ARG E 92 21.84 16.43 -37.96
CA ARG E 92 21.03 15.88 -36.88
C ARG E 92 21.38 16.58 -35.58
N THR E 93 20.56 16.35 -34.57
CA THR E 93 20.76 16.96 -33.26
C THR E 93 22.08 16.50 -32.66
N GLY E 94 22.97 17.44 -32.36
CA GLY E 94 24.27 17.17 -31.78
C GLY E 94 25.45 17.50 -32.68
N ASP E 95 25.21 17.70 -33.98
CA ASP E 95 26.29 18.02 -34.90
C ASP E 95 26.82 19.42 -34.63
N THR E 96 28.12 19.51 -34.36
CA THR E 96 28.76 20.81 -34.16
C THR E 96 28.94 21.50 -35.51
N ILE E 97 28.34 22.68 -35.65
CA ILE E 97 28.38 23.43 -36.90
C ILE E 97 29.08 24.76 -36.65
N SER E 98 30.03 25.09 -37.54
CA SER E 98 30.77 26.35 -37.46
C SER E 98 30.83 26.95 -38.86
N GLY E 99 30.18 28.08 -39.05
CA GLY E 99 30.15 28.71 -40.35
C GLY E 99 29.82 30.19 -40.25
N LYS E 100 29.80 30.84 -41.41
CA LYS E 100 29.50 32.26 -41.46
C LYS E 100 28.04 32.52 -41.10
N ILE E 101 27.80 33.59 -40.36
CA ILE E 101 26.47 33.98 -39.93
C ILE E 101 26.24 35.44 -40.28
N ARG E 102 24.99 35.85 -40.26
CA ARG E 102 24.59 37.22 -40.56
C ARG E 102 23.56 37.69 -39.54
N PRO E 103 23.57 38.97 -39.19
CA PRO E 103 22.56 39.50 -38.26
C PRO E 103 21.17 39.39 -38.85
N PRO E 104 20.14 39.33 -38.01
CA PRO E 104 18.78 39.22 -38.53
C PRO E 104 18.32 40.51 -39.20
N LYS E 105 17.63 40.36 -40.32
CA LYS E 105 17.12 41.50 -41.07
C LYS E 105 15.81 41.98 -40.44
N GLU E 106 15.10 42.86 -41.14
CA GLU E 106 13.82 43.36 -40.65
C GLU E 106 12.80 42.24 -40.66
N GLY E 107 12.23 41.94 -39.49
CA GLY E 107 11.29 40.85 -39.35
C GLY E 107 11.88 39.54 -38.88
N GLU E 108 13.17 39.50 -38.59
CA GLU E 108 13.84 38.31 -38.10
C GLU E 108 14.35 38.57 -36.69
N ARG E 109 14.58 37.48 -35.95
CA ARG E 109 15.01 37.57 -34.56
C ARG E 109 16.28 36.79 -34.25
N TYR E 110 16.82 36.03 -35.20
CA TYR E 110 17.98 35.19 -34.95
C TYR E 110 18.91 35.23 -36.15
N PHE E 111 20.18 34.92 -35.89
CA PHE E 111 21.17 34.91 -36.95
C PHE E 111 20.92 33.74 -37.91
N ALA E 112 21.19 33.97 -39.19
CA ALA E 112 21.02 32.96 -40.22
C ALA E 112 22.37 32.37 -40.63
N LEU E 113 22.33 31.13 -41.10
CA LEU E 113 23.53 30.41 -41.52
C LEU E 113 23.60 30.42 -43.04
N LEU E 114 24.70 30.94 -43.58
CA LEU E 114 24.90 31.01 -45.02
C LEU E 114 25.70 29.82 -45.55
N LYS E 115 26.91 29.62 -45.03
CA LYS E 115 27.78 28.55 -45.48
C LYS E 115 28.44 27.89 -44.28
N VAL E 116 28.37 26.57 -44.23
CA VAL E 116 28.96 25.80 -43.14
C VAL E 116 30.41 25.48 -43.50
N ASN E 117 31.33 25.75 -42.57
CA ASN E 117 32.75 25.58 -42.83
C ASN E 117 33.30 24.28 -42.23
N GLU E 118 32.87 23.94 -41.02
CA GLU E 118 33.39 22.77 -40.32
C GLU E 118 32.26 22.06 -39.59
N VAL E 119 32.21 20.73 -39.74
CA VAL E 119 31.19 19.90 -39.12
C VAL E 119 31.86 18.94 -38.17
N ASN E 120 31.45 18.98 -36.90
CA ASN E 120 31.97 18.09 -35.85
C ASN E 120 33.50 18.19 -35.75
N PHE E 121 34.00 19.42 -35.89
CA PHE E 121 35.44 19.68 -35.83
C PHE E 121 36.19 18.88 -36.89
N ASP E 122 35.57 18.74 -38.07
CA ASP E 122 36.16 17.97 -39.15
C ASP E 122 35.56 18.45 -40.47
N LYS E 123 36.11 17.95 -41.56
CA LYS E 123 35.62 18.36 -42.87
C LYS E 123 34.23 17.76 -43.14
N PRO E 124 33.36 18.48 -43.84
CA PRO E 124 32.05 17.91 -44.16
C PRO E 124 32.12 16.69 -45.05
N GLU E 125 33.21 16.55 -45.83
CA GLU E 125 33.35 15.37 -46.68
C GLU E 125 33.57 14.10 -45.87
N ASN E 126 34.09 14.24 -44.64
CA ASN E 126 34.24 13.10 -43.76
C ASN E 126 33.00 12.84 -42.92
N ALA E 127 32.13 13.84 -42.76
CA ALA E 127 30.91 13.69 -41.99
C ALA E 127 29.74 13.22 -42.84
N ARG E 128 29.76 13.50 -44.14
CA ARG E 128 28.68 13.05 -45.01
C ARG E 128 28.63 11.53 -45.08
N ASN E 129 29.78 10.87 -45.00
CA ASN E 129 29.87 9.42 -45.01
C ASN E 129 30.30 8.96 -43.62
N LYS E 130 29.35 8.42 -42.86
CA LYS E 130 29.63 7.99 -41.50
C LYS E 130 28.63 6.91 -41.10
N ILE E 131 29.02 6.11 -40.11
CA ILE E 131 28.19 5.03 -39.59
C ILE E 131 27.46 5.54 -38.35
N LEU E 132 26.16 5.26 -38.28
CA LEU E 132 25.36 5.72 -37.16
C LEU E 132 25.80 5.04 -35.87
N PHE E 133 25.46 5.66 -34.74
CA PHE E 133 25.82 5.11 -33.44
C PHE E 133 25.04 3.83 -33.13
N GLU E 134 23.82 3.71 -33.67
CA GLU E 134 23.00 2.54 -33.41
C GLU E 134 23.51 1.29 -34.13
N ASN E 135 24.44 1.44 -35.07
CA ASN E 135 24.97 0.31 -35.82
C ASN E 135 26.35 -0.14 -35.34
N LEU E 136 26.99 0.60 -34.44
CA LEU E 136 28.31 0.23 -33.97
C LEU E 136 28.24 -1.02 -33.10
N THR E 137 29.20 -1.90 -33.27
CA THR E 137 29.22 -3.17 -32.52
C THR E 137 29.72 -2.93 -31.10
N PRO E 138 28.91 -3.21 -30.07
CA PRO E 138 29.38 -3.02 -28.70
C PRO E 138 30.43 -4.04 -28.31
N LEU E 139 31.21 -3.70 -27.28
CA LEU E 139 32.22 -4.59 -26.75
C LEU E 139 32.43 -4.26 -25.28
N HIS E 140 33.16 -5.14 -24.60
CA HIS E 140 33.49 -4.92 -23.21
C HIS E 140 34.66 -3.94 -23.07
N ALA E 141 34.90 -3.49 -21.85
CA ALA E 141 36.00 -2.58 -21.59
C ALA E 141 37.33 -3.27 -21.85
N ASN E 142 38.08 -2.76 -22.83
CA ASN E 142 39.38 -3.31 -23.21
C ASN E 142 40.52 -2.45 -22.71
N SER E 143 40.52 -1.16 -23.02
CA SER E 143 41.58 -0.26 -22.59
C SER E 143 41.42 0.07 -21.10
N ARG E 144 42.55 0.11 -20.39
CA ARG E 144 42.55 0.38 -18.96
C ARG E 144 42.68 1.89 -18.74
N LEU E 145 41.71 2.46 -18.02
CA LEU E 145 41.75 3.87 -17.62
C LEU E 145 42.17 3.94 -16.16
N ARG E 146 43.48 3.93 -15.94
CA ARG E 146 44.01 3.95 -14.58
C ARG E 146 43.75 5.30 -13.93
N MET E 147 43.26 5.28 -12.69
CA MET E 147 42.91 6.48 -11.96
C MET E 147 43.97 6.92 -10.96
N GLU E 148 45.03 6.12 -10.78
CA GLU E 148 46.06 6.45 -9.81
C GLU E 148 46.89 7.63 -10.30
N ARG E 149 47.08 8.61 -9.42
CA ARG E 149 47.89 9.78 -9.77
C ARG E 149 49.35 9.40 -9.97
N GLY E 150 49.96 8.81 -8.94
CA GLY E 150 51.36 8.45 -8.99
C GLY E 150 52.30 9.49 -8.41
N ASN E 151 51.79 10.66 -8.04
CA ASN E 151 52.62 11.73 -7.47
C ASN E 151 52.84 11.59 -5.97
N GLY E 152 52.29 10.55 -5.35
CA GLY E 152 52.47 10.36 -3.92
C GLY E 152 51.73 11.34 -3.05
N SER E 153 50.67 11.95 -3.57
CA SER E 153 49.90 12.92 -2.81
C SER E 153 48.98 12.20 -1.81
N THR E 154 48.59 12.94 -0.78
CA THR E 154 47.70 12.36 0.23
C THR E 154 46.29 12.12 -0.32
N GLU E 155 45.89 12.89 -1.33
CA GLU E 155 44.58 12.69 -1.94
C GLU E 155 44.55 11.50 -2.89
N ASP E 156 45.72 10.96 -3.25
CA ASP E 156 45.78 9.81 -4.13
C ASP E 156 45.28 8.53 -3.47
N LEU E 157 45.07 8.54 -2.15
CA LEU E 157 44.56 7.36 -1.46
C LEU E 157 43.19 6.96 -1.97
N THR E 158 42.34 7.95 -2.26
CA THR E 158 41.01 7.64 -2.80
C THR E 158 41.12 6.96 -4.16
N ALA E 159 41.98 7.47 -5.03
CA ALA E 159 42.15 6.85 -6.35
C ALA E 159 42.75 5.45 -6.22
N ARG E 160 43.66 5.26 -5.29
CA ARG E 160 44.26 3.93 -5.09
C ARG E 160 43.21 2.94 -4.60
N VAL E 161 42.35 3.36 -3.65
CA VAL E 161 41.30 2.49 -3.16
C VAL E 161 40.29 2.18 -4.28
N LEU E 162 40.00 3.18 -5.11
CA LEU E 162 39.08 2.96 -6.24
C LEU E 162 39.66 1.96 -7.23
N ASP E 163 40.96 2.07 -7.50
CA ASP E 163 41.60 1.12 -8.42
C ASP E 163 41.65 -0.28 -7.82
N LEU E 164 41.88 -0.39 -6.52
CA LEU E 164 41.90 -1.70 -5.88
C LEU E 164 40.50 -2.30 -5.76
N ALA E 165 39.47 -1.46 -5.76
CA ALA E 165 38.11 -1.96 -5.58
C ALA E 165 37.42 -2.22 -6.92
N SER E 166 37.51 -1.25 -7.85
CA SER E 166 36.80 -1.35 -9.12
C SER E 166 37.57 -0.55 -10.18
N PRO E 167 38.44 -1.21 -10.93
CA PRO E 167 39.12 -0.52 -12.03
C PRO E 167 38.12 -0.13 -13.12
N ILE E 168 38.37 1.02 -13.74
CA ILE E 168 37.48 1.59 -14.74
C ILE E 168 38.19 1.60 -16.08
N GLY E 169 37.48 1.15 -17.13
CA GLY E 169 38.00 1.14 -18.47
C GLY E 169 37.11 1.95 -19.40
N ARG E 170 37.52 2.00 -20.67
CA ARG E 170 36.77 2.74 -21.68
C ARG E 170 35.47 2.00 -22.00
N GLY E 171 34.37 2.74 -22.03
CA GLY E 171 33.07 2.16 -22.29
C GLY E 171 32.37 1.57 -21.09
N GLN E 172 32.90 1.79 -19.89
CA GLN E 172 32.30 1.22 -18.69
C GLN E 172 30.98 1.92 -18.36
N ARG E 173 30.05 1.16 -17.80
CA ARG E 173 28.73 1.64 -17.41
C ARG E 173 28.50 1.24 -15.95
N GLY E 174 28.94 2.11 -15.03
CA GLY E 174 28.89 1.82 -13.62
C GLY E 174 27.87 2.66 -12.87
N LEU E 175 27.84 2.43 -11.56
CA LEU E 175 26.92 3.13 -10.65
C LEU E 175 27.62 3.40 -9.34
N ILE E 176 27.45 4.62 -8.82
CA ILE E 176 28.01 5.01 -7.53
C ILE E 176 26.83 5.08 -6.55
N VAL E 177 26.57 3.98 -5.86
CA VAL E 177 25.47 3.90 -4.91
C VAL E 177 25.96 4.39 -3.55
N ALA E 178 25.26 5.38 -3.00
CA ALA E 178 25.66 5.96 -1.72
C ALA E 178 24.49 6.70 -1.12
N PRO E 179 24.25 6.55 0.18
CA PRO E 179 23.22 7.36 0.85
C PRO E 179 23.65 8.81 0.92
N PRO E 180 22.73 9.72 1.21
CA PRO E 180 23.10 11.13 1.32
C PRO E 180 24.05 11.38 2.48
N LYS E 181 24.77 12.49 2.38
CA LYS E 181 25.76 12.91 3.39
C LYS E 181 26.84 11.85 3.57
N ALA E 182 27.32 11.27 2.47
CA ALA E 182 28.37 10.26 2.51
C ALA E 182 29.71 10.75 1.99
N GLY E 183 29.71 11.73 1.10
CA GLY E 183 30.94 12.22 0.51
C GLY E 183 30.99 12.06 -0.99
N LYS E 184 29.81 12.06 -1.61
CA LYS E 184 29.75 11.88 -3.07
C LYS E 184 30.40 13.05 -3.80
N THR E 185 30.30 14.25 -3.24
CA THR E 185 30.85 15.43 -3.90
C THR E 185 32.38 15.35 -3.98
N MET E 186 33.03 15.08 -2.86
CA MET E 186 34.49 14.99 -2.84
C MET E 186 34.97 13.82 -3.71
N LEU E 187 34.23 12.70 -3.68
CA LEU E 187 34.62 11.56 -4.49
C LEU E 187 34.52 11.87 -5.97
N LEU E 188 33.45 12.55 -6.38
CA LEU E 188 33.30 12.94 -7.79
C LEU E 188 34.37 13.93 -8.20
N GLN E 189 34.69 14.88 -7.31
CA GLN E 189 35.75 15.84 -7.60
C GLN E 189 37.09 15.13 -7.80
N ASN E 190 37.40 14.18 -6.92
CA ASN E 190 38.65 13.43 -7.03
C ASN E 190 38.68 12.61 -8.32
N ILE E 191 37.56 11.99 -8.68
CA ILE E 191 37.50 11.21 -9.92
C ILE E 191 37.73 12.11 -11.12
N ALA E 192 37.08 13.28 -11.13
CA ALA E 192 37.24 14.18 -12.27
C ALA E 192 38.66 14.71 -12.36
N GLN E 193 39.27 15.04 -11.23
CA GLN E 193 40.66 15.52 -11.25
C GLN E 193 41.62 14.44 -11.72
N SER E 194 41.41 13.19 -11.25
CA SER E 194 42.27 12.10 -11.68
C SER E 194 42.09 11.81 -13.17
N ILE E 195 40.88 11.92 -13.70
CA ILE E 195 40.66 11.73 -15.12
C ILE E 195 41.33 12.84 -15.92
N ALA E 196 41.22 14.08 -15.47
CA ALA E 196 41.84 15.20 -16.18
C ALA E 196 43.36 15.14 -16.11
N TYR E 197 43.91 14.56 -15.04
CA TYR E 197 45.36 14.49 -14.88
C TYR E 197 45.97 13.31 -15.63
N ASN E 198 45.38 12.13 -15.48
CA ASN E 198 45.96 10.93 -16.09
C ASN E 198 45.65 10.83 -17.57
N HIS E 199 44.40 11.12 -17.96
CA HIS E 199 43.96 11.00 -19.34
C HIS E 199 43.40 12.33 -19.81
N PRO E 200 44.27 13.29 -20.15
CA PRO E 200 43.78 14.60 -20.62
C PRO E 200 43.22 14.56 -22.04
N ASP E 201 43.46 13.49 -22.80
CA ASP E 201 42.99 13.41 -24.18
C ASP E 201 41.50 13.10 -24.27
N CYS E 202 40.92 12.50 -23.24
CA CYS E 202 39.51 12.15 -23.26
C CYS E 202 38.64 13.38 -23.03
N VAL E 203 37.45 13.37 -23.65
CA VAL E 203 36.49 14.46 -23.52
C VAL E 203 35.68 14.23 -22.25
N LEU E 204 35.92 15.06 -21.24
CA LEU E 204 35.24 14.95 -19.95
C LEU E 204 34.02 15.87 -19.93
N MET E 205 32.87 15.32 -19.56
CA MET E 205 31.62 16.08 -19.47
C MET E 205 30.95 15.73 -18.15
N VAL E 206 30.72 16.73 -17.32
CA VAL E 206 30.10 16.56 -16.01
C VAL E 206 28.69 17.12 -16.08
N LEU E 207 27.70 16.25 -15.85
CA LEU E 207 26.29 16.64 -15.89
C LEU E 207 25.76 16.69 -14.46
N LEU E 208 25.25 17.85 -14.05
CA LEU E 208 24.70 18.06 -12.72
C LEU E 208 23.28 18.59 -12.88
N ILE E 209 22.29 17.73 -12.70
CA ILE E 209 20.89 18.08 -12.87
C ILE E 209 20.25 18.22 -11.49
N ASP E 210 19.51 19.32 -11.29
CA ASP E 210 18.75 19.56 -10.06
C ASP E 210 19.68 19.60 -8.84
N GLU E 211 20.68 20.49 -8.90
CA GLU E 211 21.63 20.68 -7.82
C GLU E 211 21.67 22.15 -7.43
N ARG E 212 22.43 22.46 -6.40
CA ARG E 212 22.50 23.81 -5.89
C ARG E 212 23.42 24.67 -6.76
N PRO E 213 23.12 25.96 -6.93
CA PRO E 213 24.00 26.80 -7.76
C PRO E 213 25.40 26.93 -7.21
N GLU E 214 25.57 26.95 -5.88
CA GLU E 214 26.89 26.99 -5.30
C GLU E 214 27.73 25.78 -5.69
N GLU E 215 27.16 24.57 -5.60
CA GLU E 215 27.88 23.39 -6.05
C GLU E 215 28.18 23.44 -7.54
N VAL E 216 27.27 24.00 -8.34
CA VAL E 216 27.51 24.12 -9.78
C VAL E 216 28.71 25.00 -10.06
N THR E 217 28.73 26.19 -9.46
CA THR E 217 29.84 27.11 -9.72
C THR E 217 31.13 26.63 -9.06
N GLU E 218 31.01 25.77 -8.04
CA GLU E 218 32.21 25.15 -7.48
C GLU E 218 32.80 24.13 -8.44
N MET E 219 31.95 23.23 -8.96
CA MET E 219 32.43 22.21 -9.90
C MET E 219 32.95 22.86 -11.18
N GLN E 220 32.34 23.96 -11.62
CA GLN E 220 32.77 24.61 -12.85
C GLN E 220 34.15 25.21 -12.72
N ARG E 221 34.52 25.67 -11.52
CA ARG E 221 35.82 26.30 -11.29
C ARG E 221 36.83 25.35 -10.67
N LEU E 222 36.53 24.05 -10.62
CA LEU E 222 37.43 23.08 -10.01
C LEU E 222 37.95 22.04 -10.99
N VAL E 223 37.10 21.51 -11.87
CA VAL E 223 37.51 20.47 -12.80
C VAL E 223 38.03 21.11 -14.08
N LYS E 224 38.91 20.39 -14.77
CA LYS E 224 39.47 20.86 -16.03
C LYS E 224 38.73 20.21 -17.20
N GLY E 225 37.55 20.73 -17.47
CA GLY E 225 36.73 20.21 -18.54
C GLY E 225 35.46 21.01 -18.72
N GLU E 226 34.51 20.39 -19.42
CA GLU E 226 33.22 21.01 -19.68
C GLU E 226 32.22 20.65 -18.58
N VAL E 227 31.46 21.65 -18.14
CA VAL E 227 30.47 21.46 -17.08
C VAL E 227 29.13 21.99 -17.57
N VAL E 228 28.19 21.08 -17.79
CA VAL E 228 26.83 21.42 -18.17
C VAL E 228 25.91 21.02 -17.02
N ALA E 229 25.28 22.02 -16.38
CA ALA E 229 24.46 21.78 -15.20
C ALA E 229 23.13 22.50 -15.34
N SER E 230 22.18 22.10 -14.49
CA SER E 230 20.85 22.68 -14.47
C SER E 230 20.36 22.65 -13.02
N THR E 231 20.31 23.83 -12.39
CA THR E 231 19.94 23.94 -10.99
C THR E 231 18.46 23.57 -10.80
N PHE E 232 18.08 23.41 -9.53
CA PHE E 232 16.72 23.05 -9.19
C PHE E 232 15.71 24.14 -9.51
N ASP E 233 16.16 25.38 -9.71
CA ASP E 233 15.25 26.47 -10.06
C ASP E 233 14.65 26.32 -11.44
N GLU E 234 15.12 25.37 -12.24
CA GLU E 234 14.60 25.15 -13.57
C GLU E 234 13.62 23.98 -13.58
N PRO E 235 12.62 24.01 -14.45
CA PRO E 235 11.66 22.90 -14.50
C PRO E 235 12.30 21.63 -15.05
N ALA E 236 11.55 20.53 -14.92
CA ALA E 236 12.05 19.24 -15.39
C ALA E 236 12.19 19.19 -16.90
N SER E 237 11.46 20.07 -17.61
CA SER E 237 11.57 20.12 -19.06
C SER E 237 12.98 20.51 -19.49
N ARG E 238 13.57 21.50 -18.82
CA ARG E 238 14.94 21.89 -19.13
C ARG E 238 15.92 20.77 -18.78
N HIS E 239 15.63 20.03 -17.71
CA HIS E 239 16.46 18.90 -17.35
C HIS E 239 16.46 17.85 -18.47
N VAL E 240 15.27 17.51 -18.97
CA VAL E 240 15.16 16.54 -20.06
C VAL E 240 15.87 17.05 -21.31
N GLN E 241 15.70 18.35 -21.61
CA GLN E 241 16.33 18.92 -22.80
C GLN E 241 17.85 18.87 -22.69
N VAL E 242 18.39 19.21 -21.52
CA VAL E 242 19.84 19.18 -21.32
C VAL E 242 20.36 17.75 -21.43
N ALA E 243 19.66 16.80 -20.82
CA ALA E 243 20.09 15.41 -20.91
C ALA E 243 20.09 14.93 -22.36
N GLU E 244 19.05 15.27 -23.11
CA GLU E 244 18.99 14.86 -24.52
C GLU E 244 20.12 15.49 -25.33
N MET E 245 20.36 16.79 -25.13
CA MET E 245 21.44 17.45 -25.86
C MET E 245 22.79 16.84 -25.52
N VAL E 246 23.03 16.56 -24.25
CA VAL E 246 24.31 15.99 -23.84
C VAL E 246 24.50 14.60 -24.44
N ILE E 247 23.47 13.76 -24.38
CA ILE E 247 23.63 12.41 -24.91
C ILE E 247 23.76 12.42 -26.43
N GLU E 248 23.07 13.36 -27.11
CA GLU E 248 23.21 13.44 -28.56
C GLU E 248 24.60 13.93 -28.95
N LYS E 249 25.13 14.90 -28.22
CA LYS E 249 26.50 15.35 -28.49
C LYS E 249 27.50 14.23 -28.23
N ALA E 250 27.28 13.44 -27.17
CA ALA E 250 28.16 12.33 -26.88
C ALA E 250 28.12 11.29 -27.99
N LYS E 251 26.92 10.98 -28.50
CA LYS E 251 26.80 10.03 -29.59
C LYS E 251 27.48 10.56 -30.86
N ARG E 252 27.29 11.84 -31.16
CA ARG E 252 27.92 12.41 -32.35
C ARG E 252 29.44 12.41 -32.23
N LEU E 253 29.96 12.62 -31.02
CA LEU E 253 31.41 12.56 -30.82
C LEU E 253 31.93 11.14 -30.95
N VAL E 254 31.22 10.16 -30.37
CA VAL E 254 31.63 8.77 -30.47
C VAL E 254 31.61 8.30 -31.93
N GLU E 255 30.66 8.82 -32.72
CA GLU E 255 30.61 8.48 -34.13
C GLU E 255 31.86 8.90 -34.89
N HIS E 256 32.62 9.87 -34.37
CA HIS E 256 33.88 10.29 -34.96
C HIS E 256 35.07 9.69 -34.22
N LYS E 257 34.89 8.54 -33.57
CA LYS E 257 35.96 7.83 -32.89
C LYS E 257 36.59 8.68 -31.78
N LYS E 258 35.76 9.26 -30.92
CA LYS E 258 36.21 10.03 -29.80
C LYS E 258 35.88 9.32 -28.48
N ASP E 259 36.69 9.58 -27.47
CA ASP E 259 36.53 8.97 -26.14
C ASP E 259 35.78 9.97 -25.27
N VAL E 260 34.47 9.74 -25.08
CA VAL E 260 33.63 10.61 -24.28
C VAL E 260 33.46 10.01 -22.89
N ILE E 261 33.54 10.86 -21.88
CA ILE E 261 33.37 10.46 -20.49
C ILE E 261 32.30 11.34 -19.87
N ILE E 262 31.23 10.74 -19.36
CA ILE E 262 30.11 11.47 -18.77
C ILE E 262 30.03 11.08 -17.30
N LEU E 263 30.20 12.06 -16.41
CA LEU E 263 30.12 11.84 -14.96
C LEU E 263 28.78 12.38 -14.50
N LEU E 264 27.78 11.50 -14.48
CA LEU E 264 26.43 11.86 -14.06
C LEU E 264 26.33 11.77 -12.55
N ASP E 265 25.66 12.76 -11.94
CA ASP E 265 25.48 12.81 -10.50
C ASP E 265 24.00 12.90 -10.11
N SER E 266 23.10 12.70 -11.05
CA SER E 266 21.67 12.91 -10.80
C SER E 266 20.78 11.92 -11.52
N ILE E 267 21.21 10.66 -11.67
CA ILE E 267 20.41 9.65 -12.34
C ILE E 267 19.04 9.54 -11.67
N THR E 268 19.02 9.60 -10.34
CA THR E 268 17.76 9.60 -9.60
C THR E 268 16.94 10.85 -9.91
N ARG E 269 17.60 12.01 -9.91
CA ARG E 269 16.91 13.25 -10.24
C ARG E 269 16.44 13.25 -11.68
N LEU E 270 17.22 12.67 -12.59
CA LEU E 270 16.80 12.57 -13.98
C LEU E 270 15.58 11.68 -14.12
N ALA E 271 15.56 10.56 -13.39
CA ALA E 271 14.39 9.68 -13.42
C ALA E 271 13.16 10.38 -12.84
N ARG E 272 13.35 11.16 -11.77
CA ARG E 272 12.25 11.93 -11.22
C ARG E 272 11.72 12.95 -12.23
N ALA E 273 12.63 13.62 -12.94
CA ALA E 273 12.22 14.59 -13.95
C ALA E 273 11.44 13.91 -15.07
N TYR E 274 11.90 12.74 -15.51
CA TYR E 274 11.19 12.03 -16.57
C TYR E 274 9.83 11.53 -16.09
N ASN E 275 9.74 11.11 -14.84
CA ASN E 275 8.45 10.70 -14.27
C ASN E 275 7.51 11.90 -14.09
N THR E 276 8.08 13.10 -13.94
CA THR E 276 7.24 14.30 -13.82
C THR E 276 6.75 14.79 -15.17
N VAL E 277 7.58 14.69 -16.21
CA VAL E 277 7.21 15.21 -17.54
C VAL E 277 6.37 14.24 -18.35
N VAL E 278 6.24 12.99 -17.91
CA VAL E 278 5.47 12.00 -18.66
C VAL E 278 3.98 12.21 -18.37
N PRO E 279 3.12 12.20 -19.39
CA PRO E 279 1.68 12.35 -19.12
C PRO E 279 1.13 11.19 -18.31
N ALA E 280 0.16 11.50 -17.45
CA ALA E 280 -0.45 10.49 -16.61
C ALA E 280 -1.27 9.52 -17.45
N SER E 281 -1.11 8.23 -17.17
CA SER E 281 -1.81 7.17 -17.90
C SER E 281 -2.83 6.44 -17.03
N GLY E 282 -3.10 6.93 -15.83
CA GLY E 282 -4.05 6.28 -14.95
C GLY E 282 -3.56 5.02 -14.29
N LYS E 283 -2.27 4.69 -14.44
CA LYS E 283 -1.70 3.49 -13.84
C LYS E 283 -0.41 3.87 -13.12
N VAL E 284 -0.40 3.72 -11.79
CA VAL E 284 0.74 4.08 -10.97
C VAL E 284 1.23 2.83 -10.27
N LEU E 285 2.55 2.59 -10.35
CA LEU E 285 3.15 1.43 -9.71
C LEU E 285 3.47 1.74 -8.25
N THR E 286 4.10 0.77 -7.59
CA THR E 286 4.48 0.93 -6.19
C THR E 286 5.55 2.00 -6.04
N GLY E 287 5.26 2.98 -5.17
CA GLY E 287 6.19 4.06 -4.91
C GLY E 287 5.93 5.34 -5.70
N GLY E 288 4.97 5.33 -6.62
CA GLY E 288 4.70 6.51 -7.41
C GLY E 288 5.49 6.61 -8.70
N VAL E 289 5.82 5.49 -9.31
CA VAL E 289 6.60 5.45 -10.54
C VAL E 289 5.68 5.03 -11.69
N ASP E 290 5.73 5.78 -12.78
CA ASP E 290 4.92 5.43 -13.95
C ASP E 290 5.54 4.25 -14.68
N ALA E 291 4.69 3.51 -15.40
CA ALA E 291 5.18 2.32 -16.10
C ALA E 291 6.10 2.67 -17.25
N ASN E 292 5.91 3.82 -17.89
CA ASN E 292 6.72 4.25 -19.02
C ASN E 292 7.63 5.42 -18.68
N ALA E 293 7.88 5.65 -17.39
CA ALA E 293 8.73 6.78 -16.99
C ALA E 293 10.20 6.41 -16.97
N LEU E 294 10.53 5.15 -16.65
CA LEU E 294 11.91 4.72 -16.54
C LEU E 294 12.53 4.32 -17.88
N HIS E 295 11.77 4.36 -18.97
CA HIS E 295 12.29 3.93 -20.26
C HIS E 295 13.35 4.91 -20.77
N ARG E 296 13.07 6.20 -20.68
CA ARG E 296 14.03 7.20 -21.13
C ARG E 296 15.32 7.19 -20.32
N PRO E 297 15.30 7.16 -18.98
CA PRO E 297 16.56 7.00 -18.24
C PRO E 297 17.23 5.67 -18.52
N LYS E 298 16.44 4.60 -18.77
CA LYS E 298 17.03 3.32 -19.13
C LYS E 298 17.85 3.44 -20.40
N ARG E 299 17.30 4.09 -21.43
CA ARG E 299 18.04 4.27 -22.68
C ARG E 299 19.24 5.20 -22.48
N PHE E 300 19.06 6.27 -21.70
CA PHE E 300 20.17 7.18 -21.45
C PHE E 300 21.33 6.46 -20.77
N PHE E 301 21.02 5.54 -19.87
CA PHE E 301 22.06 4.77 -19.20
C PHE E 301 22.69 3.76 -20.14
N GLY E 302 21.86 3.03 -20.88
CA GLY E 302 22.36 2.02 -21.80
C GLY E 302 23.06 2.55 -23.02
N ALA E 303 23.00 3.87 -23.25
CA ALA E 303 23.72 4.46 -24.38
C ALA E 303 25.22 4.22 -24.27
N ALA E 304 25.73 4.13 -23.04
CA ALA E 304 27.16 3.88 -22.83
C ALA E 304 27.55 2.51 -23.36
N ARG E 305 28.61 2.48 -24.16
CA ARG E 305 29.10 1.25 -24.76
C ARG E 305 30.48 1.50 -25.34
N ASN E 306 31.22 0.41 -25.52
CA ASN E 306 32.55 0.47 -26.12
C ASN E 306 32.45 0.06 -27.59
N VAL E 307 33.04 0.87 -28.46
CA VAL E 307 32.96 0.68 -29.90
C VAL E 307 34.24 0.02 -30.38
N GLU E 308 34.09 -1.02 -31.22
CA GLU E 308 35.26 -1.71 -31.77
C GLU E 308 35.92 -0.91 -32.88
N GLU E 309 35.12 -0.21 -33.70
CA GLU E 309 35.68 0.58 -34.79
C GLU E 309 36.50 1.76 -34.28
N GLY E 310 36.16 2.29 -33.12
CA GLY E 310 36.88 3.42 -32.56
C GLY E 310 36.05 4.24 -31.59
N GLY E 311 36.69 4.75 -30.54
CA GLY E 311 36.00 5.55 -29.56
C GLY E 311 35.30 4.71 -28.51
N SER E 312 34.75 5.40 -27.51
CA SER E 312 34.05 4.76 -26.41
C SER E 312 33.19 5.80 -25.72
N LEU E 313 32.26 5.32 -24.90
CA LEU E 313 31.35 6.18 -24.15
C LEU E 313 31.23 5.63 -22.73
N THR E 314 31.73 6.38 -21.76
CA THR E 314 31.70 5.99 -20.36
C THR E 314 30.72 6.88 -19.60
N ILE E 315 29.82 6.24 -18.85
CA ILE E 315 28.80 6.94 -18.07
C ILE E 315 28.88 6.42 -16.65
N ILE E 316 29.25 7.29 -15.71
CA ILE E 316 29.33 6.94 -14.30
C ILE E 316 28.26 7.75 -13.57
N ALA E 317 27.16 7.10 -13.22
CA ALA E 317 26.04 7.75 -12.56
C ALA E 317 26.04 7.42 -11.08
N THR E 318 25.67 8.39 -10.26
CA THR E 318 25.61 8.24 -8.81
C THR E 318 24.14 8.14 -8.39
N ALA E 319 23.74 6.97 -7.91
CA ALA E 319 22.37 6.73 -7.47
C ALA E 319 22.20 7.07 -6.00
N LEU E 320 20.99 7.51 -5.65
CA LEU E 320 20.65 7.88 -4.29
C LEU E 320 19.79 6.81 -3.63
N ILE E 321 20.16 6.42 -2.42
CA ILE E 321 19.42 5.43 -1.64
C ILE E 321 19.22 5.99 -0.23
N ASP E 322 18.26 5.39 0.48
CA ASP E 322 17.96 5.74 1.87
C ASP E 322 17.61 7.22 2.00
N THR E 323 16.90 7.74 0.99
CA THR E 323 16.49 9.14 0.98
C THR E 323 15.11 9.35 1.60
N GLY E 324 14.49 8.31 2.14
CA GLY E 324 13.17 8.42 2.73
C GLY E 324 12.02 8.34 1.76
N SER E 325 12.29 8.32 0.45
CA SER E 325 11.25 8.24 -0.57
C SER E 325 11.30 6.86 -1.22
N LYS E 326 10.14 6.21 -1.28
CA LYS E 326 10.08 4.87 -1.88
C LYS E 326 10.31 4.92 -3.39
N MET E 327 10.03 6.05 -4.02
CA MET E 327 10.24 6.17 -5.46
C MET E 327 11.72 6.02 -5.81
N ASP E 328 12.59 6.69 -5.05
CA ASP E 328 14.02 6.55 -5.29
C ASP E 328 14.49 5.13 -5.02
N GLU E 329 13.92 4.47 -4.02
CA GLU E 329 14.28 3.07 -3.75
C GLU E 329 13.89 2.17 -4.92
N VAL E 330 12.70 2.38 -5.48
CA VAL E 330 12.27 1.58 -6.63
C VAL E 330 13.18 1.86 -7.83
N ILE E 331 13.55 3.12 -8.03
CA ILE E 331 14.42 3.47 -9.15
C ILE E 331 15.78 2.80 -8.99
N TYR E 332 16.46 3.22 -7.91
CA TYR E 332 17.87 2.82 -7.70
C TYR E 332 18.09 1.39 -8.15
N GLU E 333 17.51 0.47 -7.41
CA GLU E 333 17.78 -0.95 -7.74
C GLU E 333 17.10 -1.26 -9.07
N GLU E 334 15.99 -0.59 -9.42
CA GLU E 334 15.42 -0.85 -10.78
C GLU E 334 16.59 -0.85 -11.75
N PHE E 335 17.55 0.05 -11.54
CA PHE E 335 18.76 0.08 -12.40
C PHE E 335 19.87 -0.75 -11.75
N LYS E 336 19.66 -1.29 -10.54
CA LYS E 336 20.74 -2.11 -9.99
C LYS E 336 21.11 -3.24 -10.92
N GLY E 337 20.10 -3.92 -11.48
CA GLY E 337 20.38 -4.96 -12.48
C GLY E 337 20.84 -4.31 -13.78
N THR E 338 20.78 -2.99 -13.86
CA THR E 338 21.20 -2.26 -15.08
C THR E 338 22.51 -1.51 -14.80
N GLY E 339 23.61 -2.23 -14.64
CA GLY E 339 24.93 -1.60 -14.40
C GLY E 339 25.95 -2.65 -14.05
N ASN E 340 27.07 -2.70 -14.79
CA ASN E 340 28.04 -3.76 -14.52
C ASN E 340 29.12 -3.34 -13.55
N MET E 341 28.87 -2.33 -12.72
CA MET E 341 29.83 -1.87 -11.73
C MET E 341 29.10 -1.13 -10.63
N GLU E 342 29.28 -1.56 -9.39
CA GLU E 342 28.65 -0.93 -8.24
C GLU E 342 29.71 -0.58 -7.22
N LEU E 343 29.81 0.70 -6.87
CA LEU E 343 30.74 1.20 -5.87
C LEU E 343 29.93 1.74 -4.70
N HIS E 344 29.67 0.89 -3.72
CA HIS E 344 28.83 1.26 -2.59
C HIS E 344 29.63 2.03 -1.55
N LEU E 345 28.98 3.02 -0.92
CA LEU E 345 29.56 3.80 0.15
C LEU E 345 28.72 3.60 1.41
N SER E 346 29.40 3.46 2.55
CA SER E 346 28.74 3.16 3.81
C SER E 346 28.57 4.45 4.62
N ARG E 347 27.35 4.68 5.11
CA ARG E 347 27.10 5.84 5.95
C ARG E 347 27.72 5.67 7.33
N LYS E 348 27.78 4.42 7.82
CA LYS E 348 28.37 4.17 9.14
C LYS E 348 29.85 4.54 9.15
N ILE E 349 30.55 4.28 8.05
CA ILE E 349 31.96 4.66 7.98
C ILE E 349 32.11 6.16 7.81
N ALA E 350 31.17 6.81 7.10
CA ALA E 350 31.26 8.26 6.92
C ALA E 350 30.98 9.00 8.22
N GLU E 351 30.14 8.43 9.09
CA GLU E 351 29.87 9.04 10.39
C GLU E 351 31.09 9.02 11.30
N LYS E 352 32.00 8.06 11.11
CA LYS E 352 33.23 8.00 11.87
C LYS E 352 34.32 8.90 11.31
N ARG E 353 34.00 9.71 10.30
CA ARG E 353 34.96 10.63 9.67
C ARG E 353 36.16 9.88 9.12
N VAL E 354 35.91 8.73 8.51
CA VAL E 354 36.95 7.92 7.89
C VAL E 354 36.76 8.05 6.38
N PHE E 355 37.55 8.93 5.76
CA PHE E 355 37.46 9.19 4.33
C PHE E 355 38.61 8.49 3.61
N PRO E 356 38.33 7.79 2.50
CA PRO E 356 36.99 7.64 1.93
C PRO E 356 36.19 6.52 2.61
N ALA E 357 34.86 6.67 2.63
CA ALA E 357 33.97 5.68 3.23
C ALA E 357 33.42 4.81 2.11
N ILE E 358 34.23 3.85 1.67
CA ILE E 358 33.90 2.97 0.55
C ILE E 358 33.64 1.57 1.10
N ASP E 359 32.54 0.97 0.65
CA ASP E 359 32.21 -0.41 1.01
C ASP E 359 32.97 -1.33 0.07
N TYR E 360 34.15 -1.79 0.52
CA TYR E 360 35.00 -2.61 -0.33
C TYR E 360 34.38 -3.99 -0.57
N ASN E 361 33.57 -4.47 0.37
CA ASN E 361 33.01 -5.81 0.25
C ASN E 361 32.03 -5.91 -0.91
N ARG E 362 31.07 -5.00 -0.98
CA ARG E 362 30.05 -5.07 -2.02
C ARG E 362 30.51 -4.49 -3.34
N SER E 363 31.66 -3.82 -3.37
CA SER E 363 32.18 -3.28 -4.62
C SER E 363 32.77 -4.41 -5.48
N GLY E 364 33.05 -4.09 -6.73
CA GLY E 364 33.60 -5.05 -7.66
C GLY E 364 33.30 -4.66 -9.10
N THR E 365 33.97 -5.36 -10.01
CA THR E 365 33.81 -5.15 -11.43
C THR E 365 33.76 -6.48 -12.15
N ARG E 366 32.80 -6.63 -13.06
CA ARG E 366 32.68 -7.85 -13.84
C ARG E 366 33.67 -7.82 -15.00
N LYS E 367 34.21 -9.01 -15.33
CA LYS E 367 35.22 -9.15 -16.38
C LYS E 367 36.43 -8.27 -16.10
N GLU E 368 36.87 -8.25 -14.84
CA GLU E 368 38.00 -7.44 -14.45
C GLU E 368 39.31 -7.96 -15.00
N GLU E 369 39.36 -9.20 -15.46
CA GLU E 369 40.59 -9.77 -16.01
C GLU E 369 40.97 -9.12 -17.35
N LEU E 370 40.04 -8.44 -18.00
CA LEU E 370 40.32 -7.77 -19.26
C LEU E 370 40.99 -6.42 -19.08
N LEU E 371 41.11 -5.93 -17.85
CA LEU E 371 41.75 -4.65 -17.57
C LEU E 371 42.97 -4.77 -16.68
N THR E 372 43.25 -5.96 -16.13
CA THR E 372 44.38 -6.15 -15.24
C THR E 372 45.15 -7.39 -15.68
N THR E 373 46.41 -7.44 -15.29
CA THR E 373 47.27 -8.57 -15.63
C THR E 373 46.95 -9.76 -14.73
N GLN E 374 47.65 -10.88 -14.97
CA GLN E 374 47.40 -12.09 -14.19
C GLN E 374 47.86 -11.92 -12.76
N GLU E 375 49.09 -11.42 -12.55
CA GLU E 375 49.60 -11.25 -11.20
C GLU E 375 48.82 -10.17 -10.45
N GLU E 376 48.41 -9.11 -11.15
CA GLU E 376 47.62 -8.06 -10.51
C GLU E 376 46.25 -8.61 -10.08
N LEU E 377 45.63 -9.41 -10.94
CA LEU E 377 44.34 -10.01 -10.58
C LEU E 377 44.49 -10.97 -9.41
N GLN E 378 45.58 -11.75 -9.38
CA GLN E 378 45.81 -12.66 -8.26
C GLN E 378 46.01 -11.90 -6.96
N LYS E 379 46.78 -10.80 -7.01
CA LYS E 379 46.99 -9.99 -5.82
C LYS E 379 45.70 -9.34 -5.35
N MET E 380 44.86 -8.87 -6.28
CA MET E 380 43.57 -8.31 -5.89
C MET E 380 42.67 -9.38 -5.27
N TRP E 381 42.69 -10.60 -5.82
CA TRP E 381 41.90 -11.68 -5.24
C TRP E 381 42.38 -12.02 -3.84
N ILE E 382 43.69 -12.06 -3.63
CA ILE E 382 44.22 -12.34 -2.29
C ILE E 382 43.84 -11.22 -1.32
N LEU E 383 43.92 -9.96 -1.78
CA LEU E 383 43.55 -8.84 -0.92
C LEU E 383 42.07 -8.89 -0.55
N ARG E 384 41.22 -9.29 -1.51
CA ARG E 384 39.79 -9.40 -1.21
C ARG E 384 39.52 -10.55 -0.24
N LYS E 385 40.23 -11.66 -0.41
CA LYS E 385 40.03 -12.80 0.50
C LYS E 385 40.54 -12.49 1.90
N ILE E 386 41.54 -11.61 2.02
CA ILE E 386 42.02 -11.21 3.34
C ILE E 386 41.09 -10.18 3.96
N ILE E 387 40.54 -9.27 3.15
CA ILE E 387 39.70 -8.20 3.68
C ILE E 387 38.31 -8.70 4.05
N HIS E 388 37.79 -9.67 3.30
CA HIS E 388 36.41 -10.14 3.50
C HIS E 388 36.08 -10.55 4.93
N PRO E 389 36.92 -11.30 5.66
CA PRO E 389 36.54 -11.67 7.04
C PRO E 389 36.40 -10.48 7.96
N MET E 390 37.26 -9.47 7.81
CA MET E 390 37.22 -8.32 8.70
C MET E 390 35.98 -7.47 8.44
N GLY E 391 35.59 -6.69 9.45
CA GLY E 391 34.47 -5.80 9.32
C GLY E 391 34.77 -4.62 8.41
N GLU E 392 33.72 -3.91 8.04
CA GLU E 392 33.85 -2.81 7.09
C GLU E 392 34.77 -1.72 7.63
N ILE E 393 34.49 -1.22 8.83
CA ILE E 393 35.30 -0.16 9.41
C ILE E 393 36.73 -0.65 9.66
N ASP E 394 36.86 -1.88 10.19
CA ASP E 394 38.18 -2.44 10.44
C ASP E 394 38.96 -2.63 9.14
N ALA E 395 38.30 -3.12 8.09
CA ALA E 395 38.98 -3.31 6.81
C ALA E 395 39.41 -1.96 6.22
N MET E 396 38.56 -0.94 6.35
CA MET E 396 38.92 0.37 5.84
C MET E 396 40.11 0.95 6.60
N GLU E 397 40.11 0.81 7.94
CA GLU E 397 41.24 1.30 8.73
C GLU E 397 42.52 0.56 8.36
N PHE E 398 42.44 -0.77 8.19
CA PHE E 398 43.60 -1.55 7.80
C PHE E 398 44.13 -1.10 6.44
N LEU E 399 43.23 -0.91 5.47
CA LEU E 399 43.65 -0.50 4.13
C LEU E 399 44.29 0.88 4.17
N ILE E 400 43.72 1.81 4.94
CA ILE E 400 44.30 3.15 5.02
C ILE E 400 45.67 3.11 5.68
N ASN E 401 45.81 2.35 6.77
CA ASN E 401 47.08 2.28 7.47
C ASN E 401 48.15 1.59 6.63
N LYS E 402 47.74 0.67 5.76
CA LYS E 402 48.70 -0.03 4.91
C LYS E 402 49.06 0.78 3.67
N LEU E 403 48.13 1.60 3.16
CA LEU E 403 48.44 2.43 2.00
C LEU E 403 49.18 3.70 2.39
N ALA E 404 49.07 4.13 3.66
CA ALA E 404 49.82 5.30 4.10
C ALA E 404 51.30 5.02 4.23
N MET E 405 51.70 3.75 4.34
CA MET E 405 53.11 3.43 4.52
C MET E 405 53.91 3.61 3.23
N THR E 406 53.29 3.36 2.08
CA THR E 406 53.98 3.43 0.79
C THR E 406 53.25 4.40 -0.13
N LYS E 407 53.83 4.62 -1.30
CA LYS E 407 53.25 5.50 -2.31
C LYS E 407 52.48 4.74 -3.38
N THR E 408 52.98 3.59 -3.81
CA THR E 408 52.35 2.80 -4.85
C THR E 408 51.77 1.52 -4.26
N ASN E 409 50.72 1.01 -4.91
CA ASN E 409 50.07 -0.21 -4.43
C ASN E 409 50.91 -1.44 -4.72
N ASP E 410 51.85 -1.34 -5.67
CA ASP E 410 52.72 -2.49 -5.97
C ASP E 410 53.59 -2.84 -4.77
N ASP E 411 54.11 -1.84 -4.06
CA ASP E 411 54.88 -2.10 -2.85
C ASP E 411 54.02 -2.75 -1.77
N PHE E 412 52.78 -2.31 -1.62
CA PHE E 412 51.88 -2.93 -0.66
C PHE E 412 51.61 -4.39 -1.02
N PHE E 413 51.36 -4.67 -2.29
CA PHE E 413 51.14 -6.05 -2.71
C PHE E 413 52.38 -6.90 -2.50
N GLU E 414 53.56 -6.34 -2.74
CA GLU E 414 54.80 -7.10 -2.53
C GLU E 414 55.06 -7.34 -1.05
N MET E 415 54.67 -6.40 -0.19
CA MET E 415 54.86 -6.59 1.25
C MET E 415 53.81 -7.51 1.85
N MET E 416 52.65 -7.65 1.21
CA MET E 416 51.63 -8.55 1.73
C MET E 416 52.08 -10.01 1.65
N LYS E 417 52.84 -10.36 0.61
CA LYS E 417 53.33 -11.72 0.45
C LYS E 417 54.47 -12.00 1.42
N MET F 1 21.07 -17.73 -57.16
CA MET F 1 20.56 -16.43 -56.72
C MET F 1 19.73 -16.58 -55.45
N ASN F 2 20.39 -16.52 -54.30
CA ASN F 2 19.75 -16.64 -53.00
C ASN F 2 19.95 -15.36 -52.21
N LEU F 3 18.96 -15.01 -51.39
CA LEU F 3 19.03 -13.78 -50.61
C LEU F 3 20.11 -13.87 -49.53
N THR F 4 20.13 -14.98 -48.80
CA THR F 4 21.11 -15.13 -47.71
C THR F 4 22.54 -15.16 -48.25
N GLU F 5 22.74 -15.72 -49.45
CA GLU F 5 24.08 -15.73 -50.03
C GLU F 5 24.57 -14.32 -50.32
N LEU F 6 23.69 -13.45 -50.83
CA LEU F 6 24.07 -12.07 -51.06
C LEU F 6 24.20 -11.29 -49.76
N LYS F 7 23.44 -11.68 -48.73
CA LYS F 7 23.57 -11.04 -47.44
C LYS F 7 24.87 -11.40 -46.73
N ASN F 8 25.41 -12.60 -46.97
CA ASN F 8 26.65 -13.00 -46.34
C ASN F 8 27.87 -12.41 -47.04
N THR F 9 27.73 -11.99 -48.30
CA THR F 9 28.84 -11.41 -49.03
C THR F 9 29.23 -10.06 -48.42
N PRO F 10 30.51 -9.71 -48.49
CA PRO F 10 30.94 -8.40 -47.94
C PRO F 10 30.47 -7.25 -48.80
N VAL F 11 30.72 -6.04 -48.29
CA VAL F 11 30.26 -4.83 -48.98
C VAL F 11 31.12 -4.55 -50.20
N SER F 12 32.43 -4.79 -50.10
CA SER F 12 33.34 -4.45 -51.20
C SER F 12 33.04 -5.29 -52.44
N GLU F 13 32.85 -6.60 -52.27
CA GLU F 13 32.55 -7.45 -53.41
C GLU F 13 31.20 -7.11 -54.04
N LEU F 14 30.20 -6.74 -53.22
CA LEU F 14 28.92 -6.35 -53.76
C LEU F 14 29.03 -5.04 -54.54
N ILE F 15 29.81 -4.08 -54.04
CA ILE F 15 30.03 -2.84 -54.76
C ILE F 15 30.72 -3.10 -56.08
N THR F 16 31.73 -3.99 -56.07
CA THR F 16 32.44 -4.33 -57.30
C THR F 16 31.52 -4.99 -58.31
N LEU F 17 30.69 -5.92 -57.85
CA LEU F 17 29.74 -6.60 -58.74
C LEU F 17 28.74 -5.62 -59.32
N GLY F 18 28.22 -4.71 -58.50
CA GLY F 18 27.29 -3.71 -58.99
C GLY F 18 27.90 -2.76 -59.99
N GLU F 19 29.16 -2.37 -59.77
CA GLU F 19 29.85 -1.52 -60.74
C GLU F 19 30.12 -2.26 -62.04
N ASN F 20 30.40 -3.57 -61.96
CA ASN F 20 30.57 -4.36 -63.17
C ASN F 20 29.25 -4.54 -63.92
N MET F 21 28.13 -4.59 -63.20
CA MET F 21 26.84 -4.74 -63.87
C MET F 21 26.41 -3.46 -64.57
N GLY F 22 27.06 -2.34 -64.28
CA GLY F 22 26.75 -1.09 -64.92
C GLY F 22 25.51 -0.41 -64.39
N LEU F 23 25.54 -0.01 -63.12
CA LEU F 23 24.43 0.66 -62.46
C LEU F 23 24.94 1.97 -61.86
N GLU F 24 24.07 2.62 -61.08
CA GLU F 24 24.43 3.85 -60.40
C GLU F 24 25.52 3.58 -59.37
N ASN F 25 26.27 4.62 -59.02
CA ASN F 25 27.36 4.52 -58.05
C ASN F 25 26.89 3.90 -56.74
N LEU F 26 27.46 2.76 -56.40
CA LEU F 26 27.05 2.00 -55.22
C LEU F 26 27.91 2.31 -54.00
N ALA F 27 28.97 3.11 -54.15
CA ALA F 27 29.79 3.44 -53.00
C ALA F 27 29.00 4.23 -51.96
N ARG F 28 28.22 5.22 -52.41
CA ARG F 28 27.32 5.98 -51.53
C ARG F 28 25.94 5.36 -51.50
N MET F 29 25.86 4.06 -51.21
CA MET F 29 24.59 3.36 -51.17
C MET F 29 24.63 2.31 -50.07
N ARG F 30 23.45 2.00 -49.53
CA ARG F 30 23.34 0.97 -48.51
C ARG F 30 23.51 -0.42 -49.12
N LYS F 31 23.97 -1.36 -48.29
CA LYS F 31 24.18 -2.72 -48.76
C LYS F 31 22.87 -3.35 -49.21
N GLN F 32 21.78 -3.09 -48.49
CA GLN F 32 20.48 -3.62 -48.88
C GLN F 32 20.03 -3.05 -50.22
N ASP F 33 20.26 -1.75 -50.44
CA ASP F 33 19.92 -1.15 -51.72
C ASP F 33 20.79 -1.71 -52.83
N ILE F 34 22.06 -1.99 -52.53
CA ILE F 34 22.95 -2.61 -53.52
C ILE F 34 22.43 -3.98 -53.92
N ILE F 35 22.03 -4.79 -52.92
CA ILE F 35 21.51 -6.12 -53.20
C ILE F 35 20.21 -6.02 -54.00
N PHE F 36 19.37 -5.05 -53.66
CA PHE F 36 18.12 -4.86 -54.38
C PHE F 36 18.36 -4.50 -55.84
N ALA F 37 19.31 -3.58 -56.09
CA ALA F 37 19.63 -3.19 -57.47
C ALA F 37 20.25 -4.35 -58.24
N ILE F 38 21.09 -5.15 -57.58
CA ILE F 38 21.69 -6.30 -58.24
C ILE F 38 20.63 -7.32 -58.61
N LEU F 39 19.66 -7.55 -57.71
CA LEU F 39 18.58 -8.47 -58.01
C LEU F 39 17.72 -7.96 -59.16
N LYS F 40 17.43 -6.66 -59.17
CA LYS F 40 16.68 -6.08 -60.28
C LYS F 40 17.41 -6.27 -61.61
N GLN F 41 18.71 -5.96 -61.63
CA GLN F 41 19.47 -6.07 -62.87
C GLN F 41 19.59 -7.51 -63.33
N HIS F 42 19.67 -8.45 -62.37
CA HIS F 42 19.78 -9.85 -62.75
C HIS F 42 18.45 -10.42 -63.22
N ALA F 43 17.33 -9.90 -62.68
CA ALA F 43 16.02 -10.33 -63.15
C ALA F 43 15.63 -9.69 -64.47
N LYS F 44 16.21 -8.53 -64.80
CA LYS F 44 15.95 -7.93 -66.12
C LYS F 44 16.49 -8.81 -67.24
N SER F 45 17.50 -9.64 -66.95
CA SER F 45 18.05 -10.54 -67.96
C SER F 45 17.20 -11.79 -68.15
N GLY F 46 16.21 -12.02 -67.29
CA GLY F 46 15.34 -13.17 -67.42
C GLY F 46 15.62 -14.30 -66.45
N GLU F 47 16.67 -14.21 -65.65
CA GLU F 47 16.99 -15.28 -64.72
C GLU F 47 16.05 -15.24 -63.52
N ASP F 48 15.99 -16.37 -62.79
CA ASP F 48 15.13 -16.49 -61.64
C ASP F 48 15.86 -16.09 -60.37
N ILE F 49 15.08 -15.64 -59.38
CA ILE F 49 15.61 -15.24 -58.08
C ILE F 49 14.91 -16.06 -57.00
N PHE F 50 15.68 -16.51 -56.03
CA PHE F 50 15.17 -17.35 -54.94
C PHE F 50 15.43 -16.66 -53.61
N GLY F 51 14.54 -16.91 -52.64
CA GLY F 51 14.64 -16.33 -51.32
C GLY F 51 14.07 -17.28 -50.29
N ASP F 52 14.18 -16.88 -49.03
CA ASP F 52 13.68 -17.68 -47.91
C ASP F 52 13.49 -16.78 -46.71
N GLY F 53 12.84 -17.31 -45.69
CA GLY F 53 12.58 -16.57 -44.48
C GLY F 53 11.42 -17.16 -43.71
N VAL F 54 11.24 -16.64 -42.50
CA VAL F 54 10.16 -17.08 -41.62
C VAL F 54 8.92 -16.24 -41.89
N LEU F 55 7.78 -16.91 -42.01
CA LEU F 55 6.53 -16.22 -42.34
C LEU F 55 5.95 -15.52 -41.13
N GLU F 56 5.47 -14.30 -41.34
CA GLU F 56 4.82 -13.49 -40.30
C GLU F 56 3.48 -12.99 -40.88
N ILE F 57 2.42 -13.76 -40.63
CA ILE F 57 1.10 -13.38 -41.15
C ILE F 57 0.57 -12.18 -40.40
N LEU F 58 0.20 -11.14 -41.14
CA LEU F 58 -0.37 -9.94 -40.53
C LEU F 58 -1.84 -10.15 -40.19
N GLN F 59 -2.41 -9.16 -39.51
CA GLN F 59 -3.81 -9.24 -39.11
C GLN F 59 -4.76 -9.10 -40.30
N ASP F 60 -4.34 -8.39 -41.33
CA ASP F 60 -5.21 -8.18 -42.49
C ASP F 60 -5.36 -9.47 -43.29
N GLY F 61 -4.29 -10.25 -43.42
CA GLY F 61 -4.35 -11.50 -44.15
C GLY F 61 -3.11 -11.82 -44.94
N PHE F 62 -2.29 -10.80 -45.22
CA PHE F 62 -1.05 -10.97 -45.94
C PHE F 62 0.09 -11.23 -44.96
N GLY F 63 1.32 -11.28 -45.45
CA GLY F 63 2.45 -11.53 -44.58
C GLY F 63 3.76 -11.28 -45.30
N PHE F 64 4.84 -11.38 -44.53
CA PHE F 64 6.19 -11.19 -45.05
C PHE F 64 7.08 -12.32 -44.57
N LEU F 65 8.27 -12.41 -45.17
CA LEU F 65 9.27 -13.41 -44.82
C LEU F 65 10.43 -12.68 -44.12
N ARG F 66 10.40 -12.67 -42.80
CA ARG F 66 11.44 -12.02 -42.02
C ARG F 66 12.76 -12.78 -42.14
N SER F 67 13.85 -12.08 -41.84
CA SER F 67 15.18 -12.65 -41.89
C SER F 67 15.73 -12.81 -40.47
N ALA F 68 16.57 -13.83 -40.29
CA ALA F 68 17.10 -14.12 -38.96
C ALA F 68 18.28 -13.23 -38.60
N ASP F 69 19.03 -12.74 -39.59
CA ASP F 69 20.19 -11.91 -39.30
C ASP F 69 19.80 -10.52 -38.80
N SER F 70 18.55 -10.11 -38.98
CA SER F 70 18.07 -8.81 -38.53
C SER F 70 17.14 -8.92 -37.33
N SER F 71 17.13 -10.08 -36.66
CA SER F 71 16.29 -10.31 -35.48
C SER F 71 14.81 -10.11 -35.81
N TYR F 72 14.41 -10.56 -37.00
CA TYR F 72 13.02 -10.50 -37.47
C TYR F 72 12.50 -9.07 -37.45
N LEU F 73 13.32 -8.14 -37.92
CA LEU F 73 12.94 -6.74 -38.01
C LEU F 73 12.39 -6.44 -39.40
N ALA F 74 11.44 -5.50 -39.46
CA ALA F 74 10.81 -5.12 -40.72
C ALA F 74 11.83 -4.51 -41.67
N GLY F 75 12.14 -5.22 -42.75
CA GLY F 75 13.12 -4.76 -43.72
C GLY F 75 12.51 -4.49 -45.08
N PRO F 76 13.18 -3.69 -45.90
CA PRO F 76 12.68 -3.43 -47.24
C PRO F 76 12.74 -4.64 -48.15
N ASP F 77 13.61 -5.61 -47.86
CA ASP F 77 13.79 -6.79 -48.70
C ASP F 77 12.91 -7.95 -48.26
N ASP F 78 11.82 -7.67 -47.55
CA ASP F 78 10.90 -8.72 -47.15
C ASP F 78 10.08 -9.20 -48.34
N ILE F 79 9.83 -10.51 -48.40
CA ILE F 79 9.09 -11.11 -49.50
C ILE F 79 7.61 -11.09 -49.17
N TYR F 80 6.82 -10.43 -50.01
CA TYR F 80 5.38 -10.38 -49.80
C TYR F 80 4.76 -11.74 -50.10
N VAL F 81 3.83 -12.15 -49.23
CA VAL F 81 3.12 -13.42 -49.37
C VAL F 81 1.63 -13.08 -49.47
N SER F 82 1.04 -13.35 -50.63
CA SER F 82 -0.37 -13.06 -50.84
C SER F 82 -1.23 -13.97 -49.97
N PRO F 83 -2.41 -13.49 -49.54
CA PRO F 83 -3.29 -14.35 -48.74
C PRO F 83 -3.86 -15.52 -49.53
N SER F 84 -3.89 -15.41 -50.86
CA SER F 84 -4.38 -16.50 -51.69
C SER F 84 -3.50 -17.74 -51.52
N GLN F 85 -2.19 -17.57 -51.58
CA GLN F 85 -1.28 -18.70 -51.38
C GLN F 85 -1.37 -19.22 -49.95
N ILE F 86 -1.58 -18.32 -48.98
CA ILE F 86 -1.73 -18.73 -47.59
C ILE F 86 -2.94 -19.65 -47.43
N ARG F 87 -4.04 -19.27 -48.10
CA ARG F 87 -5.32 -20.01 -48.07
C ARG F 87 -5.20 -21.30 -48.89
N ARG F 88 -4.29 -21.33 -49.88
CA ARG F 88 -4.10 -22.50 -50.78
C ARG F 88 -3.19 -23.56 -50.13
N PHE F 89 -2.22 -23.13 -49.31
CA PHE F 89 -1.29 -24.05 -48.69
C PHE F 89 -1.45 -24.13 -47.17
N ASN F 90 -2.44 -23.43 -46.60
CA ASN F 90 -2.70 -23.44 -45.17
C ASN F 90 -1.45 -23.03 -44.39
N LEU F 91 -0.86 -21.90 -44.79
CA LEU F 91 0.33 -21.39 -44.13
C LEU F 91 -0.03 -20.65 -42.85
N ARG F 92 0.87 -20.73 -41.87
CA ARG F 92 0.68 -20.05 -40.60
C ARG F 92 1.98 -19.37 -40.20
N THR F 93 1.90 -18.52 -39.18
CA THR F 93 3.06 -17.79 -38.70
C THR F 93 4.10 -18.76 -38.15
N GLY F 94 5.31 -18.72 -38.74
CA GLY F 94 6.40 -19.57 -38.33
C GLY F 94 6.85 -20.56 -39.38
N ASP F 95 6.04 -20.79 -40.41
CA ASP F 95 6.39 -21.75 -41.46
C ASP F 95 7.53 -21.21 -42.30
N THR F 96 8.62 -21.96 -42.37
CA THR F 96 9.75 -21.59 -43.21
C THR F 96 9.43 -21.84 -44.67
N ILE F 97 9.45 -20.79 -45.48
CA ILE F 97 9.10 -20.87 -46.90
C ILE F 97 10.30 -20.49 -47.73
N SER F 98 10.60 -21.33 -48.74
CA SER F 98 11.71 -21.09 -49.65
C SER F 98 11.22 -21.35 -51.06
N GLY F 99 11.17 -20.29 -51.87
CA GLY F 99 10.69 -20.43 -53.23
C GLY F 99 11.18 -19.29 -54.11
N LYS F 100 10.79 -19.37 -55.38
CA LYS F 100 11.18 -18.35 -56.34
C LYS F 100 10.50 -17.02 -56.02
N ILE F 101 11.24 -15.93 -56.18
CA ILE F 101 10.74 -14.58 -55.93
C ILE F 101 11.03 -13.73 -57.16
N ARG F 102 10.37 -12.57 -57.22
CA ARG F 102 10.52 -11.62 -58.30
C ARG F 102 10.61 -10.21 -57.73
N PRO F 103 11.38 -9.33 -58.35
CA PRO F 103 11.46 -7.94 -57.89
C PRO F 103 10.12 -7.25 -58.02
N PRO F 104 9.87 -6.21 -57.22
CA PRO F 104 8.58 -5.52 -57.30
C PRO F 104 8.47 -4.71 -58.59
N LYS F 105 7.27 -4.76 -59.19
CA LYS F 105 7.01 -4.03 -60.42
C LYS F 105 6.68 -2.58 -60.08
N GLU F 106 6.18 -1.84 -61.07
CA GLU F 106 5.81 -0.45 -60.85
C GLU F 106 4.59 -0.37 -59.94
N GLY F 107 4.74 0.32 -58.81
CA GLY F 107 3.68 0.41 -57.83
C GLY F 107 3.78 -0.58 -56.69
N GLU F 108 4.82 -1.41 -56.66
CA GLU F 108 5.03 -2.38 -55.60
C GLU F 108 6.31 -2.03 -54.84
N ARG F 109 6.40 -2.53 -53.61
CA ARG F 109 7.53 -2.23 -52.74
C ARG F 109 8.23 -3.47 -52.18
N TYR F 110 7.72 -4.66 -52.43
CA TYR F 110 8.29 -5.87 -51.87
C TYR F 110 8.27 -6.99 -52.90
N PHE F 111 9.14 -7.97 -52.71
CA PHE F 111 9.21 -9.11 -53.62
C PHE F 111 7.98 -9.98 -53.47
N ALA F 112 7.53 -10.56 -54.58
CA ALA F 112 6.37 -11.43 -54.60
C ALA F 112 6.80 -12.89 -54.70
N LEU F 113 5.96 -13.78 -54.19
CA LEU F 113 6.22 -15.21 -54.19
C LEU F 113 5.40 -15.87 -55.30
N LEU F 114 6.08 -16.55 -56.22
CA LEU F 114 5.42 -17.24 -57.32
C LEU F 114 5.13 -18.70 -57.01
N LYS F 115 6.17 -19.47 -56.70
CA LYS F 115 6.05 -20.89 -56.43
C LYS F 115 6.89 -21.25 -55.22
N VAL F 116 6.28 -21.97 -54.27
CA VAL F 116 6.97 -22.40 -53.06
C VAL F 116 7.62 -23.75 -53.34
N ASN F 117 8.91 -23.87 -53.00
CA ASN F 117 9.65 -25.09 -53.28
C ASN F 117 9.81 -25.98 -52.06
N GLU F 118 10.04 -25.40 -50.89
CA GLU F 118 10.28 -26.18 -49.68
C GLU F 118 9.61 -25.51 -48.49
N VAL F 119 8.90 -26.29 -47.70
CA VAL F 119 8.18 -25.80 -46.53
C VAL F 119 8.76 -26.46 -45.29
N ASN F 120 9.22 -25.63 -44.34
CA ASN F 120 9.79 -26.11 -43.07
C ASN F 120 10.93 -27.09 -43.31
N PHE F 121 11.75 -26.79 -44.32
CA PHE F 121 12.90 -27.64 -44.69
C PHE F 121 12.44 -29.06 -45.01
N ASP F 122 11.28 -29.17 -45.66
CA ASP F 122 10.72 -30.46 -46.00
C ASP F 122 9.77 -30.28 -47.18
N LYS F 123 9.29 -31.40 -47.72
CA LYS F 123 8.39 -31.34 -48.86
C LYS F 123 7.02 -30.81 -48.42
N PRO F 124 6.34 -30.05 -49.27
CA PRO F 124 4.99 -29.58 -48.92
C PRO F 124 3.99 -30.70 -48.73
N GLU F 125 4.22 -31.86 -49.37
CA GLU F 125 3.32 -32.98 -49.20
C GLU F 125 3.38 -33.56 -47.78
N ASN F 126 4.49 -33.35 -47.08
CA ASN F 126 4.59 -33.78 -45.69
C ASN F 126 4.11 -32.72 -44.73
N ALA F 127 4.05 -31.45 -45.16
CA ALA F 127 3.58 -30.36 -44.31
C ALA F 127 2.08 -30.15 -44.41
N ARG F 128 1.47 -30.52 -45.54
CA ARG F 128 0.03 -30.37 -45.69
C ARG F 128 -0.73 -31.25 -44.71
N ASN F 129 -0.18 -32.41 -44.37
CA ASN F 129 -0.77 -33.33 -43.41
C ASN F 129 0.11 -33.34 -42.17
N LYS F 130 -0.34 -32.68 -41.11
CA LYS F 130 0.44 -32.59 -39.88
C LYS F 130 -0.50 -32.35 -38.71
N ILE F 131 -0.03 -32.69 -37.52
CA ILE F 131 -0.78 -32.52 -36.28
C ILE F 131 -0.35 -31.22 -35.63
N LEU F 132 -1.32 -30.43 -35.18
CA LEU F 132 -1.02 -29.15 -34.56
C LEU F 132 -0.29 -29.35 -33.24
N PHE F 133 0.40 -28.29 -32.80
CA PHE F 133 1.16 -28.36 -31.55
C PHE F 133 0.23 -28.42 -30.35
N GLU F 134 -0.97 -27.84 -30.45
CA GLU F 134 -1.91 -27.84 -29.35
C GLU F 134 -2.53 -29.20 -29.09
N ASN F 135 -2.36 -30.16 -30.01
CA ASN F 135 -2.93 -31.50 -29.86
C ASN F 135 -1.91 -32.54 -29.43
N LEU F 136 -0.63 -32.21 -29.40
CA LEU F 136 0.39 -33.18 -29.01
C LEU F 136 0.28 -33.50 -27.52
N THR F 137 0.46 -34.77 -27.18
CA THR F 137 0.34 -35.21 -25.80
C THR F 137 1.60 -34.86 -25.02
N PRO F 138 1.51 -34.05 -23.97
CA PRO F 138 2.70 -33.71 -23.19
C PRO F 138 3.18 -34.91 -22.37
N LEU F 139 4.46 -34.84 -22.00
CA LEU F 139 5.07 -35.87 -21.17
C LEU F 139 6.20 -35.24 -20.37
N HIS F 140 6.70 -36.00 -19.41
CA HIS F 140 7.83 -35.55 -18.60
C HIS F 140 9.14 -35.76 -19.36
N ALA F 141 10.21 -35.18 -18.82
CA ALA F 141 11.53 -35.32 -19.43
C ALA F 141 11.99 -36.77 -19.36
N ASN F 142 12.16 -37.39 -20.52
CA ASN F 142 12.59 -38.78 -20.62
C ASN F 142 14.06 -38.90 -21.03
N SER F 143 14.44 -38.26 -22.13
CA SER F 143 15.82 -38.33 -22.59
C SER F 143 16.71 -37.43 -21.73
N ARG F 144 17.91 -37.93 -21.43
CA ARG F 144 18.85 -37.20 -20.59
C ARG F 144 19.75 -36.31 -21.46
N LEU F 145 19.75 -35.01 -21.19
CA LEU F 145 20.62 -34.07 -21.88
C LEU F 145 21.78 -33.73 -20.94
N ARG F 146 22.80 -34.58 -20.97
CA ARG F 146 23.95 -34.40 -20.10
C ARG F 146 24.75 -33.17 -20.51
N MET F 147 25.12 -32.35 -19.53
CA MET F 147 25.82 -31.10 -19.78
C MET F 147 27.32 -31.21 -19.52
N GLU F 148 27.80 -32.35 -19.01
CA GLU F 148 29.22 -32.51 -18.70
C GLU F 148 30.03 -32.60 -19.98
N ARG F 149 31.10 -31.81 -20.05
CA ARG F 149 31.97 -31.84 -21.23
C ARG F 149 32.70 -33.18 -21.34
N GLY F 150 33.45 -33.55 -20.30
CA GLY F 150 34.23 -34.76 -20.30
C GLY F 150 35.66 -34.60 -20.75
N ASN F 151 36.06 -33.40 -21.19
CA ASN F 151 37.42 -33.15 -21.64
C ASN F 151 38.37 -32.79 -20.51
N GLY F 152 37.88 -32.75 -19.27
CA GLY F 152 38.74 -32.43 -18.15
C GLY F 152 39.16 -30.97 -18.08
N SER F 153 38.41 -30.08 -18.70
CA SER F 153 38.75 -28.66 -18.67
C SER F 153 38.37 -28.03 -17.35
N THR F 154 39.01 -26.91 -17.03
CA THR F 154 38.72 -26.22 -15.79
C THR F 154 37.33 -25.58 -15.80
N GLU F 155 36.82 -25.25 -16.98
CA GLU F 155 35.48 -24.68 -17.08
C GLU F 155 34.40 -25.74 -16.95
N ASP F 156 34.75 -27.03 -17.02
CA ASP F 156 33.77 -28.09 -16.88
C ASP F 156 33.24 -28.21 -15.45
N LEU F 157 33.85 -27.53 -14.49
CA LEU F 157 33.37 -27.58 -13.11
C LEU F 157 31.96 -27.05 -12.99
N THR F 158 31.64 -25.99 -13.73
CA THR F 158 30.29 -25.44 -13.70
C THR F 158 29.28 -26.45 -14.23
N ALA F 159 29.60 -27.11 -15.34
CA ALA F 159 28.69 -28.12 -15.88
C ALA F 159 28.53 -29.31 -14.94
N ARG F 160 29.63 -29.69 -14.28
CA ARG F 160 29.55 -30.80 -13.33
C ARG F 160 28.68 -30.44 -12.14
N VAL F 161 28.81 -29.22 -11.62
CA VAL F 161 27.98 -28.79 -10.50
C VAL F 161 26.52 -28.69 -10.93
N LEU F 162 26.28 -28.24 -12.17
CA LEU F 162 24.91 -28.16 -12.68
C LEU F 162 24.29 -29.55 -12.80
N ASP F 163 25.08 -30.52 -13.27
CA ASP F 163 24.57 -31.89 -13.39
C ASP F 163 24.32 -32.51 -12.02
N LEU F 164 25.17 -32.21 -11.04
CA LEU F 164 24.97 -32.74 -9.69
C LEU F 164 23.81 -32.04 -8.98
N ALA F 165 23.47 -30.82 -9.39
CA ALA F 165 22.41 -30.08 -8.71
C ALA F 165 21.06 -30.27 -9.40
N SER F 166 21.02 -30.15 -10.72
CA SER F 166 19.76 -30.21 -11.46
C SER F 166 20.04 -30.70 -12.87
N PRO F 167 19.92 -32.01 -13.10
CA PRO F 167 20.05 -32.52 -14.47
C PRO F 167 18.93 -32.03 -15.36
N ILE F 168 19.25 -31.79 -16.62
CA ILE F 168 18.32 -31.21 -17.58
C ILE F 168 18.04 -32.25 -18.67
N GLY F 169 16.76 -32.42 -18.99
CA GLY F 169 16.34 -33.33 -20.03
C GLY F 169 15.56 -32.60 -21.12
N ARG F 170 15.14 -33.37 -22.13
CA ARG F 170 14.37 -32.80 -23.23
C ARG F 170 12.97 -32.44 -22.75
N GLY F 171 12.51 -31.24 -23.11
CA GLY F 171 11.22 -30.77 -22.70
C GLY F 171 11.17 -30.14 -21.33
N GLN F 172 12.31 -29.90 -20.69
CA GLN F 172 12.34 -29.33 -19.35
C GLN F 172 11.93 -27.86 -19.40
N ARG F 173 11.27 -27.42 -18.32
CA ARG F 173 10.79 -26.04 -18.17
C ARG F 173 11.30 -25.54 -16.82
N GLY F 174 12.50 -24.98 -16.81
CA GLY F 174 13.16 -24.55 -15.60
C GLY F 174 13.25 -23.03 -15.48
N LEU F 175 13.89 -22.62 -14.37
CA LEU F 175 14.07 -21.21 -14.06
C LEU F 175 15.44 -21.02 -13.41
N ILE F 176 16.16 -19.98 -13.84
CA ILE F 176 17.46 -19.63 -13.27
C ILE F 176 17.23 -18.38 -12.44
N VAL F 177 16.96 -18.56 -11.16
CA VAL F 177 16.72 -17.45 -10.24
C VAL F 177 18.05 -16.97 -9.68
N ALA F 178 18.33 -15.67 -9.84
CA ALA F 178 19.59 -15.11 -9.39
C ALA F 178 19.46 -13.60 -9.28
N PRO F 179 19.97 -13.01 -8.21
CA PRO F 179 20.01 -11.55 -8.11
C PRO F 179 20.99 -10.97 -9.12
N PRO F 180 20.94 -9.67 -9.39
CA PRO F 180 21.88 -9.08 -10.33
C PRO F 180 23.31 -9.14 -9.81
N LYS F 181 24.25 -9.04 -10.75
CA LYS F 181 25.69 -9.10 -10.47
C LYS F 181 26.06 -10.41 -9.78
N ALA F 182 25.50 -11.52 -10.26
CA ALA F 182 25.80 -12.83 -9.70
C ALA F 182 26.64 -13.71 -10.62
N GLY F 183 26.57 -13.49 -11.93
CA GLY F 183 27.30 -14.32 -12.87
C GLY F 183 26.41 -15.04 -13.84
N LYS F 184 25.23 -14.45 -14.12
CA LYS F 184 24.27 -15.09 -15.02
C LYS F 184 24.82 -15.17 -16.44
N THR F 185 25.61 -14.17 -16.84
CA THR F 185 26.14 -14.14 -18.20
C THR F 185 27.10 -15.30 -18.45
N MET F 186 28.07 -15.47 -17.56
CA MET F 186 29.04 -16.55 -17.71
C MET F 186 28.36 -17.91 -17.62
N LEU F 187 27.38 -18.04 -16.72
CA LEU F 187 26.66 -19.29 -16.58
C LEU F 187 25.89 -19.64 -17.84
N LEU F 188 25.22 -18.65 -18.43
CA LEU F 188 24.48 -18.88 -19.67
C LEU F 188 25.43 -19.21 -20.81
N GLN F 189 26.57 -18.54 -20.87
CA GLN F 189 27.57 -18.85 -21.90
C GLN F 189 28.06 -20.29 -21.76
N ASN F 190 28.35 -20.71 -20.53
CA ASN F 190 28.82 -22.08 -20.31
C ASN F 190 27.74 -23.09 -20.67
N ILE F 191 26.49 -22.80 -20.32
CA ILE F 191 25.38 -23.71 -20.68
C ILE F 191 25.25 -23.83 -22.18
N ALA F 192 25.32 -22.70 -22.90
CA ALA F 192 25.18 -22.72 -24.35
C ALA F 192 26.34 -23.47 -24.99
N GLN F 193 27.57 -23.26 -24.51
CA GLN F 193 28.71 -23.96 -25.06
C GLN F 193 28.62 -25.46 -24.80
N SER F 194 28.19 -25.85 -23.60
CA SER F 194 28.04 -27.27 -23.30
C SER F 194 26.94 -27.91 -24.14
N ILE F 195 25.86 -27.18 -24.40
CA ILE F 195 24.81 -27.72 -25.25
C ILE F 195 25.30 -27.87 -26.68
N ALA F 196 26.05 -26.88 -27.18
CA ALA F 196 26.55 -26.96 -28.55
C ALA F 196 27.62 -28.04 -28.70
N TYR F 197 28.35 -28.34 -27.63
CA TYR F 197 29.41 -29.34 -27.69
C TYR F 197 28.88 -30.75 -27.53
N ASN F 198 28.02 -30.98 -26.51
CA ASN F 198 27.55 -32.32 -26.22
C ASN F 198 26.43 -32.74 -27.18
N HIS F 199 25.49 -31.85 -27.46
CA HIS F 199 24.33 -32.17 -28.30
C HIS F 199 24.27 -31.16 -29.45
N PRO F 200 25.11 -31.36 -30.48
CA PRO F 200 25.08 -30.45 -31.63
C PRO F 200 23.87 -30.64 -32.54
N ASP F 201 23.12 -31.73 -32.39
CA ASP F 201 21.98 -31.99 -33.25
C ASP F 201 20.75 -31.15 -32.87
N CYS F 202 20.68 -30.68 -31.63
CA CYS F 202 19.54 -29.90 -31.19
C CYS F 202 19.61 -28.47 -31.73
N VAL F 203 18.44 -27.89 -31.97
CA VAL F 203 18.34 -26.52 -32.48
C VAL F 203 18.42 -25.57 -31.29
N LEU F 204 19.53 -24.85 -31.16
CA LEU F 204 19.73 -23.92 -30.06
C LEU F 204 19.33 -22.52 -30.48
N MET F 205 18.50 -21.88 -29.66
CA MET F 205 18.03 -20.52 -29.91
C MET F 205 18.17 -19.71 -28.63
N VAL F 206 18.94 -18.63 -28.69
CA VAL F 206 19.19 -17.77 -27.53
C VAL F 206 18.43 -16.48 -27.74
N LEU F 207 17.49 -16.18 -26.83
CA LEU F 207 16.68 -14.98 -26.90
C LEU F 207 17.15 -14.01 -25.83
N LEU F 208 17.54 -12.81 -26.24
CA LEU F 208 18.02 -11.76 -25.34
C LEU F 208 17.19 -10.50 -25.60
N ILE F 209 16.23 -10.24 -24.73
CA ILE F 209 15.32 -9.11 -24.87
C ILE F 209 15.73 -8.03 -23.87
N ASP F 210 15.82 -6.78 -24.36
CA ASP F 210 16.12 -5.62 -23.53
C ASP F 210 17.48 -5.76 -22.84
N GLU F 211 18.52 -5.97 -23.63
CA GLU F 211 19.89 -6.10 -23.13
C GLU F 211 20.78 -5.13 -23.87
N ARG F 212 22.05 -5.08 -23.46
CA ARG F 212 22.99 -4.13 -24.03
C ARG F 212 23.49 -4.63 -25.37
N PRO F 213 23.77 -3.74 -26.33
CA PRO F 213 24.27 -4.19 -27.63
C PRO F 213 25.61 -4.90 -27.54
N GLU F 214 26.49 -4.47 -26.62
CA GLU F 214 27.77 -5.16 -26.45
C GLU F 214 27.58 -6.61 -26.02
N GLU F 215 26.69 -6.88 -25.07
CA GLU F 215 26.40 -8.25 -24.68
C GLU F 215 25.78 -9.04 -25.84
N VAL F 216 24.95 -8.39 -26.65
CA VAL F 216 24.33 -9.05 -27.80
C VAL F 216 25.40 -9.50 -28.79
N THR F 217 26.29 -8.59 -29.17
CA THR F 217 27.31 -8.93 -30.15
C THR F 217 28.36 -9.87 -29.56
N GLU F 218 28.48 -9.89 -28.23
CA GLU F 218 29.34 -10.86 -27.58
C GLU F 218 28.74 -12.26 -27.67
N MET F 219 27.47 -12.40 -27.30
CA MET F 219 26.81 -13.69 -27.36
C MET F 219 26.71 -14.21 -28.79
N GLN F 220 26.54 -13.30 -29.76
CA GLN F 220 26.41 -13.72 -31.15
C GLN F 220 27.71 -14.30 -31.69
N ARG F 221 28.86 -13.81 -31.20
CA ARG F 221 30.16 -14.26 -31.67
C ARG F 221 30.79 -15.29 -30.73
N LEU F 222 30.04 -15.82 -29.77
CA LEU F 222 30.56 -16.78 -28.80
C LEU F 222 29.90 -18.15 -28.88
N VAL F 223 28.59 -18.20 -29.02
CA VAL F 223 27.86 -19.47 -29.04
C VAL F 223 27.77 -19.97 -30.47
N LYS F 224 27.65 -21.29 -30.62
CA LYS F 224 27.54 -21.92 -31.93
C LYS F 224 26.06 -22.24 -32.20
N GLY F 225 25.33 -21.19 -32.57
CA GLY F 225 23.92 -21.36 -32.85
C GLY F 225 23.30 -20.06 -33.32
N GLU F 226 21.98 -20.02 -33.26
CA GLU F 226 21.20 -18.85 -33.67
C GLU F 226 20.99 -17.92 -32.48
N VAL F 227 21.17 -16.62 -32.72
CA VAL F 227 21.02 -15.61 -31.68
C VAL F 227 20.04 -14.55 -32.18
N VAL F 228 18.86 -14.49 -31.57
CA VAL F 228 17.87 -13.48 -31.87
C VAL F 228 17.71 -12.61 -30.63
N ALA F 229 18.07 -11.33 -30.76
CA ALA F 229 18.09 -10.42 -29.62
C ALA F 229 17.42 -9.10 -30.00
N SER F 230 17.07 -8.33 -28.96
CA SER F 230 16.42 -7.03 -29.14
C SER F 230 16.91 -6.12 -28.00
N THR F 231 17.76 -5.16 -28.35
CA THR F 231 18.35 -4.28 -27.37
C THR F 231 17.28 -3.37 -26.74
N PHE F 232 17.68 -2.68 -25.67
CA PHE F 232 16.76 -1.80 -24.96
C PHE F 232 16.38 -0.57 -25.77
N ASP F 233 17.13 -0.25 -26.84
CA ASP F 233 16.80 0.89 -27.68
C ASP F 233 15.51 0.68 -28.48
N GLU F 234 14.97 -0.52 -28.48
CA GLU F 234 13.74 -0.81 -29.21
C GLU F 234 12.55 -0.81 -28.26
N PRO F 235 11.36 -0.43 -28.74
CA PRO F 235 10.18 -0.41 -27.88
C PRO F 235 9.75 -1.82 -27.51
N ALA F 236 8.82 -1.89 -26.55
CA ALA F 236 8.32 -3.17 -26.08
C ALA F 236 7.52 -3.89 -27.16
N SER F 237 7.00 -3.16 -28.15
CA SER F 237 6.27 -3.79 -29.24
C SER F 237 7.17 -4.73 -30.02
N ARG F 238 8.40 -4.29 -30.32
CA ARG F 238 9.34 -5.17 -31.03
C ARG F 238 9.71 -6.37 -30.17
N HIS F 239 9.80 -6.17 -28.85
CA HIS F 239 10.07 -7.29 -27.94
C HIS F 239 8.96 -8.34 -28.05
N VAL F 240 7.71 -7.89 -27.98
CA VAL F 240 6.57 -8.82 -28.08
C VAL F 240 6.58 -9.51 -29.43
N GLN F 241 6.86 -8.76 -30.50
CA GLN F 241 6.87 -9.35 -31.84
C GLN F 241 7.96 -10.41 -31.96
N VAL F 242 9.14 -10.12 -31.44
CA VAL F 242 10.24 -11.09 -31.51
C VAL F 242 9.92 -12.33 -30.70
N ALA F 243 9.35 -12.15 -29.51
CA ALA F 243 8.97 -13.30 -28.69
C ALA F 243 7.94 -14.16 -29.40
N GLU F 244 6.93 -13.53 -30.01
CA GLU F 244 5.91 -14.28 -30.73
C GLU F 244 6.50 -15.03 -31.92
N MET F 245 7.36 -14.37 -32.69
CA MET F 245 7.97 -15.04 -33.84
C MET F 245 8.83 -16.22 -33.39
N VAL F 246 9.61 -16.05 -32.32
CA VAL F 246 10.46 -17.12 -31.84
C VAL F 246 9.63 -18.30 -31.36
N ILE F 247 8.58 -18.04 -30.58
CA ILE F 247 7.78 -19.15 -30.06
C ILE F 247 7.00 -19.84 -31.18
N GLU F 248 6.56 -19.08 -32.19
CA GLU F 248 5.86 -19.70 -33.32
C GLU F 248 6.81 -20.57 -34.14
N LYS F 249 8.03 -20.08 -34.38
CA LYS F 249 9.02 -20.90 -35.08
C LYS F 249 9.36 -22.15 -34.28
N ALA F 250 9.47 -22.03 -32.96
CA ALA F 250 9.74 -23.20 -32.13
C ALA F 250 8.60 -24.21 -32.22
N LYS F 251 7.36 -23.74 -32.18
CA LYS F 251 6.22 -24.65 -32.30
C LYS F 251 6.20 -25.32 -33.67
N ARG F 252 6.47 -24.57 -34.74
CA ARG F 252 6.47 -25.15 -36.07
C ARG F 252 7.60 -26.18 -36.22
N LEU F 253 8.74 -25.95 -35.57
CA LEU F 253 9.82 -26.92 -35.62
C LEU F 253 9.47 -28.18 -34.82
N VAL F 254 8.88 -28.01 -33.64
CA VAL F 254 8.48 -29.16 -32.83
C VAL F 254 7.42 -29.99 -33.55
N GLU F 255 6.55 -29.32 -34.32
CA GLU F 255 5.55 -30.06 -35.09
C GLU F 255 6.17 -31.00 -36.11
N HIS F 256 7.41 -30.75 -36.52
CA HIS F 256 8.15 -31.64 -37.43
C HIS F 256 9.12 -32.55 -36.68
N LYS F 257 8.85 -32.83 -35.40
CA LYS F 257 9.66 -33.73 -34.59
C LYS F 257 11.11 -33.24 -34.48
N LYS F 258 11.27 -31.98 -34.12
CA LYS F 258 12.59 -31.38 -33.92
C LYS F 258 12.79 -31.05 -32.44
N ASP F 259 14.04 -31.08 -32.02
CA ASP F 259 14.42 -30.78 -30.64
C ASP F 259 14.86 -29.32 -30.56
N VAL F 260 13.96 -28.46 -30.07
CA VAL F 260 14.22 -27.04 -29.95
C VAL F 260 14.63 -26.71 -28.53
N ILE F 261 15.66 -25.87 -28.39
CA ILE F 261 16.14 -25.42 -27.10
C ILE F 261 16.16 -23.90 -27.10
N ILE F 262 15.45 -23.30 -26.15
CA ILE F 262 15.34 -21.85 -26.04
C ILE F 262 15.96 -21.43 -24.70
N LEU F 263 17.01 -20.63 -24.76
CA LEU F 263 17.69 -20.11 -23.58
C LEU F 263 17.27 -18.66 -23.38
N LEU F 264 16.20 -18.46 -22.62
CA LEU F 264 15.68 -17.13 -22.37
C LEU F 264 16.44 -16.50 -21.20
N ASP F 265 16.77 -15.22 -21.33
CA ASP F 265 17.49 -14.49 -20.30
C ASP F 265 16.74 -13.24 -19.86
N SER F 266 15.48 -13.08 -20.26
CA SER F 266 14.74 -11.85 -20.01
C SER F 266 13.27 -12.07 -19.69
N ILE F 267 12.92 -13.18 -19.02
CA ILE F 267 11.54 -13.47 -18.68
C ILE F 267 10.93 -12.29 -17.92
N THR F 268 11.71 -11.72 -17.00
CA THR F 268 11.26 -10.53 -16.27
C THR F 268 11.08 -9.34 -17.21
N ARG F 269 12.05 -9.14 -18.11
CA ARG F 269 11.94 -8.05 -19.08
C ARG F 269 10.79 -8.29 -20.04
N LEU F 270 10.55 -9.54 -20.41
CA LEU F 270 9.42 -9.86 -21.28
C LEU F 270 8.10 -9.58 -20.58
N ALA F 271 8.00 -9.92 -19.30
CA ALA F 271 6.79 -9.62 -18.53
C ALA F 271 6.60 -8.11 -18.40
N ARG F 272 7.69 -7.36 -18.20
CA ARG F 272 7.58 -5.90 -18.16
C ARG F 272 7.10 -5.34 -19.49
N ALA F 273 7.62 -5.88 -20.60
CA ALA F 273 7.18 -5.43 -21.92
C ALA F 273 5.70 -5.72 -22.13
N TYR F 274 5.25 -6.91 -21.73
CA TYR F 274 3.84 -7.24 -21.89
C TYR F 274 2.95 -6.38 -21.01
N ASN F 275 3.42 -6.05 -19.80
CA ASN F 275 2.67 -5.15 -18.92
C ASN F 275 2.67 -3.72 -19.45
N THR F 276 3.67 -3.36 -20.25
CA THR F 276 3.70 -2.02 -20.84
C THR F 276 2.81 -1.93 -22.08
N VAL F 277 2.74 -2.99 -22.88
CA VAL F 277 1.96 -2.95 -24.12
C VAL F 277 0.48 -3.25 -23.92
N VAL F 278 0.08 -3.70 -22.73
CA VAL F 278 -1.32 -4.02 -22.48
C VAL F 278 -2.07 -2.74 -22.18
N PRO F 279 -3.26 -2.54 -22.76
CA PRO F 279 -4.03 -1.32 -22.46
C PRO F 279 -4.46 -1.28 -21.00
N ALA F 280 -4.49 -0.07 -20.44
CA ALA F 280 -4.89 0.10 -19.05
C ALA F 280 -6.37 -0.22 -18.87
N SER F 281 -6.68 -0.97 -17.82
CA SER F 281 -8.04 -1.38 -17.51
C SER F 281 -8.56 -0.75 -16.23
N GLY F 282 -7.85 0.23 -15.67
CA GLY F 282 -8.29 0.86 -14.45
C GLY F 282 -8.13 0.04 -13.18
N LYS F 283 -7.48 -1.12 -13.27
CA LYS F 283 -7.28 -1.98 -12.11
C LYS F 283 -5.81 -2.39 -12.05
N VAL F 284 -5.11 -1.95 -11.02
CA VAL F 284 -3.69 -2.22 -10.85
C VAL F 284 -3.50 -3.02 -9.57
N LEU F 285 -2.76 -4.13 -9.66
CA LEU F 285 -2.48 -4.97 -8.51
C LEU F 285 -1.30 -4.44 -7.73
N THR F 286 -0.91 -5.20 -6.70
CA THR F 286 0.21 -4.81 -5.86
C THR F 286 1.51 -4.87 -6.65
N GLY F 287 2.26 -3.77 -6.66
CA GLY F 287 3.53 -3.68 -7.35
C GLY F 287 3.46 -3.08 -8.74
N GLY F 288 2.28 -2.77 -9.24
CA GLY F 288 2.16 -2.20 -10.57
C GLY F 288 2.01 -3.21 -11.68
N VAL F 289 1.38 -4.35 -11.40
CA VAL F 289 1.20 -5.41 -12.39
C VAL F 289 -0.27 -5.46 -12.77
N ASP F 290 -0.54 -5.49 -14.08
CA ASP F 290 -1.91 -5.59 -14.55
C ASP F 290 -2.44 -7.00 -14.37
N ALA F 291 -3.77 -7.13 -14.24
CA ALA F 291 -4.37 -8.44 -14.01
C ALA F 291 -4.22 -9.36 -15.22
N ASN F 292 -4.20 -8.79 -16.43
CA ASN F 292 -4.11 -9.58 -17.65
C ASN F 292 -2.77 -9.40 -18.36
N ALA F 293 -1.75 -8.94 -17.63
CA ALA F 293 -0.44 -8.72 -18.24
C ALA F 293 0.43 -9.97 -18.20
N LEU F 294 0.27 -10.80 -17.18
CA LEU F 294 1.10 -11.99 -17.01
C LEU F 294 0.57 -13.19 -17.79
N HIS F 295 -0.56 -13.06 -18.48
CA HIS F 295 -1.13 -14.20 -19.20
C HIS F 295 -0.27 -14.59 -20.39
N ARG F 296 0.18 -13.60 -21.16
CA ARG F 296 1.03 -13.88 -22.33
C ARG F 296 2.38 -14.47 -21.93
N PRO F 297 3.11 -13.93 -20.95
CA PRO F 297 4.33 -14.63 -20.50
C PRO F 297 4.03 -16.00 -19.91
N LYS F 298 2.88 -16.15 -19.24
CA LYS F 298 2.51 -17.46 -18.72
C LYS F 298 2.39 -18.49 -19.84
N ARG F 299 1.72 -18.13 -20.93
CA ARG F 299 1.60 -19.04 -22.06
C ARG F 299 2.94 -19.26 -22.74
N PHE F 300 3.75 -18.21 -22.88
CA PHE F 300 5.06 -18.37 -23.50
C PHE F 300 5.92 -19.34 -22.70
N PHE F 301 5.82 -19.29 -21.37
CA PHE F 301 6.59 -20.21 -20.54
C PHE F 301 6.02 -21.62 -20.62
N GLY F 302 4.69 -21.76 -20.53
CA GLY F 302 4.06 -23.06 -20.57
C GLY F 302 4.08 -23.73 -21.92
N ALA F 303 4.50 -23.02 -22.98
CA ALA F 303 4.61 -23.65 -24.29
C ALA F 303 5.60 -24.80 -24.28
N ALA F 304 6.62 -24.72 -23.43
CA ALA F 304 7.61 -25.79 -23.33
C ALA F 304 6.97 -27.07 -22.84
N ARG F 305 7.21 -28.16 -23.57
CA ARG F 305 6.65 -29.47 -23.23
C ARG F 305 7.39 -30.52 -24.03
N ASN F 306 7.32 -31.76 -23.54
CA ASN F 306 7.91 -32.91 -24.20
C ASN F 306 6.82 -33.66 -24.97
N VAL F 307 7.08 -33.94 -26.23
CA VAL F 307 6.11 -34.58 -27.13
C VAL F 307 6.43 -36.06 -27.22
N GLU F 308 5.39 -36.90 -27.09
CA GLU F 308 5.58 -38.34 -27.19
C GLU F 308 5.73 -38.79 -28.64
N GLU F 309 5.03 -38.15 -29.58
CA GLU F 309 5.15 -38.53 -30.99
C GLU F 309 6.52 -38.21 -31.55
N GLY F 310 7.19 -37.19 -31.01
CA GLY F 310 8.51 -36.82 -31.50
C GLY F 310 8.86 -35.37 -31.23
N GLY F 311 10.13 -35.11 -30.93
CA GLY F 311 10.58 -33.76 -30.66
C GLY F 311 10.32 -33.34 -29.23
N SER F 312 10.82 -32.16 -28.91
CA SER F 312 10.68 -31.60 -27.57
C SER F 312 10.95 -30.09 -27.65
N LEU F 313 10.57 -29.39 -26.59
CA LEU F 313 10.76 -27.94 -26.49
C LEU F 313 11.24 -27.61 -25.08
N THR F 314 12.48 -27.14 -24.98
CA THR F 314 13.08 -26.79 -23.71
C THR F 314 13.23 -25.28 -23.61
N ILE F 315 12.77 -24.71 -22.50
CA ILE F 315 12.83 -23.28 -22.26
C ILE F 315 13.47 -23.06 -20.89
N ILE F 316 14.64 -22.45 -20.87
CA ILE F 316 15.35 -22.14 -19.63
C ILE F 316 15.38 -20.63 -19.51
N ALA F 317 14.54 -20.09 -18.64
CA ALA F 317 14.43 -18.65 -18.43
C ALA F 317 15.14 -18.26 -17.14
N THR F 318 15.80 -17.09 -17.16
CA THR F 318 16.51 -16.57 -16.00
C THR F 318 15.70 -15.42 -15.41
N ALA F 319 15.18 -15.63 -14.20
CA ALA F 319 14.38 -14.62 -13.53
C ALA F 319 15.25 -13.71 -12.68
N LEU F 320 14.82 -12.46 -12.52
CA LEU F 320 15.54 -11.46 -11.75
C LEU F 320 14.84 -11.21 -10.43
N ILE F 321 15.61 -11.22 -9.35
CA ILE F 321 15.11 -10.95 -8.00
C ILE F 321 16.02 -9.93 -7.34
N ASP F 322 15.51 -9.33 -6.26
CA ASP F 322 16.26 -8.35 -5.46
C ASP F 322 16.75 -7.19 -6.32
N THR F 323 15.92 -6.78 -7.28
CA THR F 323 16.25 -5.68 -8.18
C THR F 323 15.76 -4.33 -7.67
N GLY F 324 15.16 -4.29 -6.48
CA GLY F 324 14.65 -3.05 -5.93
C GLY F 324 13.27 -2.68 -6.39
N SER F 325 12.69 -3.40 -7.35
CA SER F 325 11.36 -3.11 -7.86
C SER F 325 10.41 -4.21 -7.39
N LYS F 326 9.27 -3.80 -6.82
CA LYS F 326 8.30 -4.77 -6.32
C LYS F 326 7.61 -5.50 -7.47
N MET F 327 7.56 -4.89 -8.66
CA MET F 327 6.94 -5.55 -9.81
C MET F 327 7.68 -6.82 -10.18
N ASP F 328 9.01 -6.75 -10.23
CA ASP F 328 9.80 -7.94 -10.53
C ASP F 328 9.66 -9.00 -9.44
N GLU F 329 9.53 -8.57 -8.18
CA GLU F 329 9.32 -9.53 -7.11
C GLU F 329 7.98 -10.25 -7.25
N VAL F 330 6.93 -9.50 -7.62
CA VAL F 330 5.63 -10.13 -7.84
C VAL F 330 5.68 -11.08 -9.02
N ILE F 331 6.38 -10.69 -10.09
CA ILE F 331 6.50 -11.55 -11.26
C ILE F 331 7.22 -12.84 -10.90
N TYR F 332 8.30 -12.74 -10.12
CA TYR F 332 9.04 -13.92 -9.70
C TYR F 332 8.20 -14.81 -8.80
N GLU F 333 7.47 -14.18 -7.87
CA GLU F 333 6.60 -14.95 -6.94
C GLU F 333 5.56 -15.71 -7.76
N GLU F 334 5.01 -15.08 -8.81
CA GLU F 334 3.97 -15.71 -9.60
C GLU F 334 4.54 -16.84 -10.47
N PHE F 335 5.71 -16.63 -11.05
CA PHE F 335 6.31 -17.64 -11.92
C PHE F 335 7.02 -18.74 -11.14
N LYS F 336 7.18 -18.59 -9.83
CA LYS F 336 7.88 -19.61 -9.05
C LYS F 336 7.09 -20.91 -9.01
N GLY F 337 5.79 -20.83 -8.75
CA GLY F 337 4.95 -22.01 -8.69
C GLY F 337 4.54 -22.59 -10.03
N THR F 338 5.18 -22.17 -11.12
CA THR F 338 4.82 -22.63 -12.45
C THR F 338 5.79 -23.66 -13.02
N GLY F 339 7.09 -23.38 -12.99
CA GLY F 339 8.07 -24.30 -13.52
C GLY F 339 8.31 -25.49 -12.62
N ASN F 340 9.22 -26.36 -13.08
CA ASN F 340 9.56 -27.56 -12.31
C ASN F 340 11.06 -27.68 -12.08
N MET F 341 11.80 -26.59 -12.14
CA MET F 341 13.24 -26.62 -11.88
C MET F 341 13.69 -25.22 -11.49
N GLU F 342 14.34 -25.10 -10.34
CA GLU F 342 14.84 -23.83 -9.84
C GLU F 342 16.32 -23.98 -9.51
N LEU F 343 17.15 -23.16 -10.15
CA LEU F 343 18.59 -23.14 -9.91
C LEU F 343 18.94 -21.77 -9.32
N HIS F 344 18.96 -21.69 -7.99
CA HIS F 344 19.19 -20.43 -7.31
C HIS F 344 20.68 -20.14 -7.21
N LEU F 345 21.01 -18.86 -7.34
CA LEU F 345 22.39 -18.39 -7.18
C LEU F 345 22.45 -17.40 -6.02
N SER F 346 23.50 -17.52 -5.22
CA SER F 346 23.64 -16.72 -4.00
C SER F 346 24.56 -15.53 -4.28
N ARG F 347 24.09 -14.33 -3.89
CA ARG F 347 24.92 -13.14 -4.04
C ARG F 347 26.06 -13.13 -3.03
N LYS F 348 25.83 -13.70 -1.84
CA LYS F 348 26.88 -13.74 -0.82
C LYS F 348 28.07 -14.57 -1.28
N ILE F 349 27.81 -15.66 -2.01
CA ILE F 349 28.90 -16.47 -2.54
C ILE F 349 29.58 -15.76 -3.71
N ALA F 350 28.83 -15.01 -4.50
CA ALA F 350 29.42 -14.29 -5.63
C ALA F 350 30.30 -13.15 -5.15
N GLU F 351 29.97 -12.53 -4.02
CA GLU F 351 30.79 -11.48 -3.47
C GLU F 351 32.15 -12.00 -3.00
N LYS F 352 32.24 -13.26 -2.63
CA LYS F 352 33.49 -13.88 -2.22
C LYS F 352 34.33 -14.35 -3.41
N ARG F 353 33.89 -14.05 -4.63
CA ARG F 353 34.60 -14.44 -5.85
C ARG F 353 34.78 -15.95 -5.93
N VAL F 354 33.74 -16.68 -5.54
CA VAL F 354 33.74 -18.14 -5.60
C VAL F 354 32.80 -18.53 -6.74
N PHE F 355 33.39 -18.81 -7.91
CA PHE F 355 32.62 -19.17 -9.09
C PHE F 355 32.68 -20.68 -9.32
N PRO F 356 31.54 -21.34 -9.60
CA PRO F 356 30.23 -20.71 -9.69
C PRO F 356 29.57 -20.52 -8.32
N ALA F 357 28.74 -19.48 -8.19
CA ALA F 357 28.02 -19.19 -6.95
C ALA F 357 26.61 -19.75 -7.08
N ILE F 358 26.49 -21.06 -6.86
CA ILE F 358 25.24 -21.78 -7.01
C ILE F 358 24.74 -22.19 -5.64
N ASP F 359 23.46 -21.94 -5.37
CA ASP F 359 22.83 -22.37 -4.12
C ASP F 359 22.41 -23.82 -4.29
N TYR F 360 23.26 -24.73 -3.83
CA TYR F 360 23.00 -26.17 -4.02
C TYR F 360 21.83 -26.63 -3.16
N ASN F 361 21.58 -25.95 -2.03
CA ASN F 361 20.55 -26.39 -1.12
C ASN F 361 19.16 -26.22 -1.73
N ARG F 362 18.86 -25.02 -2.25
CA ARG F 362 17.53 -24.76 -2.78
C ARG F 362 17.35 -25.28 -4.21
N SER F 363 18.42 -25.72 -4.86
CA SER F 363 18.31 -26.27 -6.19
C SER F 363 17.71 -27.68 -6.13
N GLY F 364 17.33 -28.18 -7.29
CA GLY F 364 16.75 -29.51 -7.40
C GLY F 364 15.89 -29.64 -8.64
N THR F 365 15.52 -30.88 -8.93
CA THR F 365 14.69 -31.22 -10.07
C THR F 365 13.65 -32.25 -9.66
N ARG F 366 12.40 -32.01 -10.06
CA ARG F 366 11.33 -32.95 -9.78
C ARG F 366 11.36 -34.11 -10.78
N LYS F 367 11.02 -35.30 -10.29
CA LYS F 367 11.04 -36.52 -11.11
C LYS F 367 12.43 -36.75 -11.70
N GLU F 368 13.45 -36.55 -10.87
CA GLU F 368 14.83 -36.72 -11.32
C GLU F 368 15.18 -38.18 -11.57
N GLU F 369 14.39 -39.12 -11.05
CA GLU F 369 14.67 -40.54 -11.27
C GLU F 369 14.46 -40.96 -12.71
N LEU F 370 13.74 -40.17 -13.51
CA LEU F 370 13.51 -40.47 -14.91
C LEU F 370 14.68 -40.10 -15.81
N LEU F 371 15.69 -39.41 -15.27
CA LEU F 371 16.86 -39.01 -16.04
C LEU F 371 18.16 -39.58 -15.50
N THR F 372 18.14 -40.25 -14.35
CA THR F 372 19.33 -40.81 -13.75
C THR F 372 19.06 -42.25 -13.35
N THR F 373 20.13 -43.03 -13.24
CA THR F 373 20.02 -44.42 -12.84
C THR F 373 19.79 -44.53 -11.33
N GLN F 374 19.62 -45.77 -10.87
CA GLN F 374 19.37 -45.99 -9.44
C GLN F 374 20.58 -45.64 -8.60
N GLU F 375 21.76 -46.15 -8.98
CA GLU F 375 22.97 -45.86 -8.21
C GLU F 375 23.34 -44.39 -8.29
N GLU F 376 23.14 -43.76 -9.45
CA GLU F 376 23.42 -42.34 -9.58
C GLU F 376 22.48 -41.52 -8.69
N LEU F 377 21.20 -41.88 -8.66
CA LEU F 377 20.26 -41.18 -7.80
C LEU F 377 20.61 -41.37 -6.32
N GLN F 378 21.02 -42.59 -5.95
CA GLN F 378 21.41 -42.83 -4.56
C GLN F 378 22.64 -42.02 -4.18
N LYS F 379 23.62 -41.94 -5.08
CA LYS F 379 24.82 -41.14 -4.81
C LYS F 379 24.48 -39.66 -4.71
N MET F 380 23.58 -39.17 -5.57
CA MET F 380 23.17 -37.77 -5.47
C MET F 380 22.43 -37.50 -4.16
N TRP F 381 21.59 -38.45 -3.72
CA TRP F 381 20.89 -38.29 -2.45
C TRP F 381 21.88 -38.26 -1.29
N ILE F 382 22.88 -39.13 -1.31
CA ILE F 382 23.89 -39.13 -0.25
C ILE F 382 24.68 -37.84 -0.26
N LEU F 383 25.03 -37.35 -1.44
CA LEU F 383 25.77 -36.09 -1.53
C LEU F 383 24.94 -34.93 -1.01
N ARG F 384 23.63 -34.92 -1.29
CA ARG F 384 22.77 -33.87 -0.78
C ARG F 384 22.63 -33.95 0.73
N LYS F 385 22.52 -35.17 1.26
CA LYS F 385 22.40 -35.33 2.71
C LYS F 385 23.70 -34.96 3.42
N ILE F 386 24.84 -35.10 2.76
CA ILE F 386 26.10 -34.68 3.36
C ILE F 386 26.28 -33.17 3.25
N ILE F 387 25.84 -32.58 2.13
CA ILE F 387 26.04 -31.16 1.90
C ILE F 387 25.07 -30.32 2.73
N HIS F 388 23.85 -30.81 2.95
CA HIS F 388 22.81 -30.03 3.62
C HIS F 388 23.22 -29.46 4.98
N PRO F 389 23.87 -30.20 5.88
CA PRO F 389 24.24 -29.60 7.17
C PRO F 389 25.21 -28.44 7.05
N MET F 390 26.16 -28.52 6.12
CA MET F 390 27.16 -27.46 5.98
C MET F 390 26.54 -26.19 5.40
N GLY F 391 27.20 -25.07 5.67
CA GLY F 391 26.75 -23.80 5.14
C GLY F 391 26.96 -23.69 3.65
N GLU F 392 26.34 -22.67 3.06
CA GLU F 392 26.37 -22.51 1.60
C GLU F 392 27.79 -22.31 1.10
N ILE F 393 28.52 -21.34 1.67
CA ILE F 393 29.88 -21.07 1.24
C ILE F 393 30.78 -22.27 1.54
N ASP F 394 30.63 -22.87 2.72
CA ASP F 394 31.43 -24.03 3.08
C ASP F 394 31.14 -25.21 2.16
N ALA F 395 29.87 -25.44 1.83
CA ALA F 395 29.52 -26.54 0.94
C ALA F 395 30.08 -26.30 -0.46
N MET F 396 30.02 -25.05 -0.93
CA MET F 396 30.57 -24.74 -2.25
C MET F 396 32.08 -24.94 -2.28
N GLU F 397 32.77 -24.50 -1.23
CA GLU F 397 34.22 -24.70 -1.17
C GLU F 397 34.57 -26.19 -1.12
N PHE F 398 33.81 -26.96 -0.33
CA PHE F 398 34.04 -28.40 -0.26
C PHE F 398 33.83 -29.06 -1.63
N LEU F 399 32.74 -28.70 -2.31
CA LEU F 399 32.45 -29.28 -3.61
C LEU F 399 33.52 -28.92 -4.62
N ILE F 400 33.99 -27.67 -4.62
CA ILE F 400 35.03 -27.26 -5.56
C ILE F 400 36.33 -28.01 -5.28
N ASN F 401 36.71 -28.11 -4.01
CA ASN F 401 37.97 -28.77 -3.65
C ASN F 401 37.90 -30.26 -3.95
N LYS F 402 36.70 -30.86 -3.88
CA LYS F 402 36.58 -32.28 -4.16
C LYS F 402 36.47 -32.56 -5.66
N LEU F 403 35.91 -31.63 -6.44
CA LEU F 403 35.83 -31.82 -7.88
C LEU F 403 37.13 -31.45 -8.58
N ALA F 404 37.97 -30.62 -7.95
CA ALA F 404 39.26 -30.29 -8.55
C ALA F 404 40.23 -31.46 -8.49
N MET F 405 40.00 -32.43 -7.61
CA MET F 405 40.93 -33.54 -7.49
C MET F 405 40.82 -34.51 -8.66
N THR F 406 39.63 -34.70 -9.22
CA THR F 406 39.39 -35.64 -10.29
C THR F 406 38.79 -34.93 -11.49
N LYS F 407 38.62 -35.69 -12.58
CA LYS F 407 38.03 -35.16 -13.80
C LYS F 407 36.55 -35.48 -13.94
N THR F 408 36.14 -36.67 -13.54
CA THR F 408 34.76 -37.11 -13.65
C THR F 408 34.13 -37.21 -12.27
N ASN F 409 32.80 -37.01 -12.22
CA ASN F 409 32.09 -37.08 -10.95
C ASN F 409 31.95 -38.51 -10.45
N ASP F 410 32.11 -39.49 -11.34
CA ASP F 410 32.03 -40.88 -10.92
C ASP F 410 33.15 -41.23 -9.94
N ASP F 411 34.36 -40.73 -10.21
CA ASP F 411 35.46 -40.96 -9.29
C ASP F 411 35.21 -40.30 -7.93
N PHE F 412 34.62 -39.10 -7.94
CA PHE F 412 34.28 -38.44 -6.68
C PHE F 412 33.25 -39.25 -5.90
N PHE F 413 32.22 -39.74 -6.59
CA PHE F 413 31.21 -40.56 -5.92
C PHE F 413 31.80 -41.84 -5.37
N GLU F 414 32.73 -42.45 -6.11
CA GLU F 414 33.37 -43.68 -5.64
C GLU F 414 34.28 -43.42 -4.45
N MET F 415 34.93 -42.26 -4.41
CA MET F 415 35.80 -41.93 -3.29
C MET F 415 35.02 -41.48 -2.06
N MET F 416 33.79 -40.99 -2.25
CA MET F 416 32.98 -40.59 -1.11
C MET F 416 32.59 -41.79 -0.25
N LYS F 417 32.36 -42.94 -0.86
CA LYS F 417 32.00 -44.14 -0.13
C LYS F 417 33.21 -44.73 0.58
N MET G 1 -42.03 31.94 35.23
CA MET G 1 -42.23 31.14 34.02
C MET G 1 -40.93 30.99 33.25
N ASN G 2 -40.17 29.96 33.59
CA ASN G 2 -38.89 29.66 32.94
C ASN G 2 -38.96 28.30 32.27
N LEU G 3 -38.25 28.16 31.15
CA LEU G 3 -38.27 26.90 30.41
C LEU G 3 -37.58 25.79 31.17
N THR G 4 -36.40 26.07 31.73
CA THR G 4 -35.65 25.05 32.45
C THR G 4 -36.38 24.59 33.71
N GLU G 5 -37.12 25.50 34.35
CA GLU G 5 -37.88 25.11 35.53
C GLU G 5 -38.97 24.11 35.18
N LEU G 6 -39.65 24.32 34.05
CA LEU G 6 -40.66 23.35 33.62
C LEU G 6 -40.02 22.08 33.09
N LYS G 7 -38.81 22.16 32.55
CA LYS G 7 -38.10 20.96 32.11
C LYS G 7 -37.63 20.11 33.27
N ASN G 8 -37.31 20.72 34.42
CA ASN G 8 -36.85 19.94 35.57
C ASN G 8 -38.01 19.31 36.33
N THR G 9 -39.23 19.82 36.16
CA THR G 9 -40.39 19.25 36.84
C THR G 9 -40.69 17.85 36.31
N PRO G 10 -41.20 16.97 37.15
CA PRO G 10 -41.52 15.61 36.70
C PRO G 10 -42.75 15.59 35.78
N VAL G 11 -43.02 14.41 35.24
CA VAL G 11 -44.11 14.27 34.28
C VAL G 11 -45.46 14.31 35.00
N SER G 12 -45.54 13.70 36.18
CA SER G 12 -46.81 13.60 36.89
C SER G 12 -47.33 14.98 37.30
N GLU G 13 -46.45 15.82 37.86
CA GLU G 13 -46.88 17.16 38.25
C GLU G 13 -47.28 18.00 37.05
N LEU G 14 -46.58 17.86 35.92
CA LEU G 14 -46.96 18.60 34.73
C LEU G 14 -48.31 18.14 34.20
N ILE G 15 -48.57 16.83 34.22
CA ILE G 15 -49.87 16.31 33.79
C ILE G 15 -50.97 16.85 34.71
N THR G 16 -50.71 16.86 36.01
CA THR G 16 -51.70 17.36 36.96
C THR G 16 -51.97 18.85 36.72
N LEU G 17 -50.92 19.64 36.50
CA LEU G 17 -51.08 21.07 36.25
C LEU G 17 -51.87 21.31 34.96
N GLY G 18 -51.55 20.54 33.91
CA GLY G 18 -52.27 20.69 32.67
C GLY G 18 -53.74 20.30 32.78
N GLU G 19 -54.03 19.25 33.55
CA GLU G 19 -55.43 18.88 33.77
C GLU G 19 -56.16 19.92 34.59
N ASN G 20 -55.47 20.57 35.54
CA ASN G 20 -56.09 21.64 36.29
C ASN G 20 -56.32 22.88 35.42
N MET G 21 -55.46 23.12 34.45
CA MET G 21 -55.64 24.27 33.57
C MET G 21 -56.80 24.07 32.60
N GLY G 22 -57.28 22.84 32.47
CA GLY G 22 -58.42 22.57 31.60
C GLY G 22 -58.05 22.51 30.12
N LEU G 23 -57.22 21.54 29.75
CA LEU G 23 -56.80 21.35 28.38
C LEU G 23 -57.10 19.91 27.96
N GLU G 24 -56.62 19.54 26.78
CA GLU G 24 -56.80 18.17 26.29
C GLU G 24 -56.04 17.20 27.18
N ASN G 25 -56.46 15.93 27.15
CA ASN G 25 -55.86 14.88 27.95
C ASN G 25 -54.36 14.80 27.73
N LEU G 26 -53.60 15.04 28.79
CA LEU G 26 -52.14 15.08 28.72
C LEU G 26 -51.48 13.76 29.07
N ALA G 27 -52.25 12.76 29.50
CA ALA G 27 -51.67 11.46 29.82
C ALA G 27 -51.07 10.81 28.58
N ARG G 28 -51.77 10.86 27.46
CA ARG G 28 -51.26 10.36 26.18
C ARG G 28 -50.61 11.48 25.38
N MET G 29 -49.67 12.20 26.01
CA MET G 29 -48.99 13.31 25.37
C MET G 29 -47.54 13.34 25.83
N ARG G 30 -46.67 13.88 24.98
CA ARG G 30 -45.27 14.03 25.32
C ARG G 30 -45.07 15.15 26.32
N LYS G 31 -44.00 15.05 27.11
CA LYS G 31 -43.71 16.06 28.11
C LYS G 31 -43.46 17.43 27.47
N GLN G 32 -42.77 17.44 26.33
CA GLN G 32 -42.53 18.69 25.63
C GLN G 32 -43.82 19.31 25.13
N ASP G 33 -44.73 18.48 24.61
CA ASP G 33 -46.03 18.99 24.18
C ASP G 33 -46.84 19.49 25.37
N ILE G 34 -46.72 18.83 26.52
CA ILE G 34 -47.41 19.29 27.72
C ILE G 34 -46.90 20.66 28.13
N ILE G 35 -45.57 20.83 28.13
CA ILE G 35 -44.99 22.12 28.49
C ILE G 35 -45.42 23.20 27.49
N PHE G 36 -45.47 22.84 26.20
CA PHE G 36 -45.87 23.80 25.18
C PHE G 36 -47.32 24.25 25.39
N ALA G 37 -48.20 23.28 25.67
CA ALA G 37 -49.61 23.62 25.92
C ALA G 37 -49.77 24.46 27.18
N ILE G 38 -49.00 24.14 28.22
CA ILE G 38 -49.07 24.93 29.46
C ILE G 38 -48.60 26.35 29.21
N LEU G 39 -47.53 26.52 28.43
CA LEU G 39 -47.04 27.85 28.11
C LEU G 39 -48.07 28.63 27.29
N LYS G 40 -48.71 27.96 26.32
CA LYS G 40 -49.76 28.60 25.54
C LYS G 40 -50.90 29.07 26.43
N GLN G 41 -51.38 28.18 27.31
CA GLN G 41 -52.50 28.53 28.17
C GLN G 41 -52.13 29.64 29.16
N HIS G 42 -50.88 29.66 29.60
CA HIS G 42 -50.47 30.70 30.54
C HIS G 42 -50.27 32.04 29.84
N ALA G 43 -49.86 32.02 28.58
CA ALA G 43 -49.73 33.26 27.81
C ALA G 43 -51.07 33.78 27.32
N LYS G 44 -52.07 32.92 27.19
CA LYS G 44 -53.41 33.40 26.82
C LYS G 44 -53.99 34.29 27.92
N SER G 45 -53.54 34.11 29.16
CA SER G 45 -54.01 34.95 30.26
C SER G 45 -53.33 36.31 30.30
N GLY G 46 -52.28 36.51 29.50
CA GLY G 46 -51.58 37.78 29.46
C GLY G 46 -50.25 37.82 30.18
N GLU G 47 -49.88 36.76 30.88
CA GLU G 47 -48.62 36.76 31.61
C GLU G 47 -47.44 36.56 30.65
N ASP G 48 -46.26 36.91 31.13
CA ASP G 48 -45.05 36.82 30.33
C ASP G 48 -44.37 35.47 30.51
N ILE G 49 -43.63 35.05 29.49
CA ILE G 49 -42.89 33.80 29.51
C ILE G 49 -41.42 34.11 29.25
N PHE G 50 -40.54 33.44 30.00
CA PHE G 50 -39.11 33.64 29.89
C PHE G 50 -38.43 32.32 29.52
N GLY G 51 -37.31 32.44 28.80
CA GLY G 51 -36.54 31.28 28.37
C GLY G 51 -35.08 31.63 28.30
N ASP G 52 -34.28 30.62 27.97
CA ASP G 52 -32.83 30.78 27.86
C ASP G 52 -32.27 29.64 27.02
N GLY G 53 -31.01 29.77 26.65
CA GLY G 53 -30.34 28.76 25.85
C GLY G 53 -29.15 29.34 25.14
N VAL G 54 -28.39 28.44 24.51
CA VAL G 54 -27.20 28.80 23.76
C VAL G 54 -27.59 29.08 22.32
N LEU G 55 -27.09 30.19 21.77
CA LEU G 55 -27.46 30.61 20.42
C LEU G 55 -26.70 29.80 19.38
N GLU G 56 -27.41 29.40 18.33
CA GLU G 56 -26.85 28.66 17.20
C GLU G 56 -27.29 29.38 15.92
N ILE G 57 -26.44 30.29 15.44
CA ILE G 57 -26.78 31.06 14.24
C ILE G 57 -26.67 30.16 13.02
N LEU G 58 -27.74 30.11 12.23
CA LEU G 58 -27.75 29.30 11.01
C LEU G 58 -27.05 30.04 9.89
N GLN G 59 -26.89 29.34 8.76
CA GLN G 59 -26.19 29.92 7.61
C GLN G 59 -27.04 31.00 6.93
N ASP G 60 -28.37 30.89 7.02
CA ASP G 60 -29.22 31.88 6.37
C ASP G 60 -29.17 33.22 7.07
N GLY G 61 -29.09 33.21 8.41
CA GLY G 61 -29.02 34.45 9.16
C GLY G 61 -29.79 34.41 10.47
N PHE G 62 -30.73 33.48 10.59
CA PHE G 62 -31.51 33.33 11.81
C PHE G 62 -30.81 32.33 12.74
N GLY G 63 -31.46 31.97 13.84
CA GLY G 63 -30.86 31.06 14.78
C GLY G 63 -31.87 30.58 15.81
N PHE G 64 -31.43 29.65 16.63
CA PHE G 64 -32.24 29.08 17.70
C PHE G 64 -31.45 29.06 19.00
N LEU G 65 -32.17 28.80 20.09
CA LEU G 65 -31.57 28.70 21.43
C LEU G 65 -31.63 27.25 21.85
N ARG G 66 -30.55 26.52 21.63
CA ARG G 66 -30.48 25.12 22.01
C ARG G 66 -30.46 24.96 23.53
N SER G 67 -30.83 23.76 23.98
CA SER G 67 -30.85 23.43 25.39
C SER G 67 -29.73 22.45 25.72
N ALA G 68 -29.23 22.56 26.96
CA ALA G 68 -28.10 21.72 27.37
C ALA G 68 -28.54 20.32 27.78
N ASP G 69 -29.77 20.15 28.25
CA ASP G 69 -30.24 18.84 28.68
C ASP G 69 -30.47 17.89 27.52
N SER G 70 -30.55 18.40 26.29
CA SER G 70 -30.76 17.58 25.11
C SER G 70 -29.51 17.49 24.23
N SER G 71 -28.36 17.85 24.78
CA SER G 71 -27.08 17.80 24.06
C SER G 71 -27.13 18.65 22.80
N TYR G 72 -27.79 19.81 22.89
CA TYR G 72 -27.89 20.77 21.80
C TYR G 72 -28.51 20.14 20.55
N LEU G 73 -29.57 19.36 20.77
CA LEU G 73 -30.30 18.73 19.69
C LEU G 73 -31.47 19.60 19.27
N ALA G 74 -31.81 19.54 17.98
CA ALA G 74 -32.90 20.33 17.43
C ALA G 74 -34.23 19.92 18.06
N GLY G 75 -34.82 20.80 18.85
CA GLY G 75 -36.07 20.52 19.53
C GLY G 75 -37.19 21.44 19.08
N PRO G 76 -38.43 21.01 19.29
CA PRO G 76 -39.57 21.87 18.93
C PRO G 76 -39.69 23.11 19.79
N ASP G 77 -39.13 23.09 21.01
CA ASP G 77 -39.23 24.21 21.94
C ASP G 77 -38.07 25.18 21.81
N ASP G 78 -37.39 25.20 20.66
CA ASP G 78 -36.31 26.14 20.45
C ASP G 78 -36.86 27.53 20.22
N ILE G 79 -36.17 28.54 20.76
CA ILE G 79 -36.59 29.92 20.66
C ILE G 79 -35.99 30.53 19.39
N TYR G 80 -36.86 31.00 18.50
CA TYR G 80 -36.40 31.62 17.27
C TYR G 80 -35.79 32.99 17.56
N VAL G 81 -34.66 33.27 16.92
CA VAL G 81 -33.96 34.54 17.07
C VAL G 81 -33.88 35.18 15.68
N SER G 82 -34.56 36.31 15.52
CA SER G 82 -34.58 36.99 14.23
C SER G 82 -33.20 37.56 13.92
N PRO G 83 -32.83 37.64 12.63
CA PRO G 83 -31.52 38.23 12.29
C PRO G 83 -31.44 39.71 12.59
N SER G 84 -32.58 40.39 12.69
CA SER G 84 -32.58 41.81 13.03
C SER G 84 -31.99 42.04 14.41
N GLN G 85 -32.41 41.25 15.39
CA GLN G 85 -31.84 41.38 16.74
C GLN G 85 -30.38 40.97 16.76
N ILE G 86 -30.01 39.98 15.94
CA ILE G 86 -28.62 39.55 15.86
C ILE G 86 -27.74 40.69 15.36
N ARG G 87 -28.25 41.41 14.36
CA ARG G 87 -27.56 42.56 13.72
C ARG G 87 -27.57 43.77 14.67
N ARG G 88 -28.56 43.84 15.55
CA ARG G 88 -28.73 44.98 16.50
C ARG G 88 -27.85 44.81 17.74
N PHE G 89 -27.61 43.57 18.18
CA PHE G 89 -26.82 43.30 19.36
C PHE G 89 -25.50 42.59 19.06
N ASN G 90 -25.18 42.38 17.78
CA ASN G 90 -23.95 41.72 17.36
C ASN G 90 -23.80 40.35 18.04
N LEU G 91 -24.85 39.55 17.94
CA LEU G 91 -24.83 38.23 18.54
C LEU G 91 -24.09 37.23 17.65
N ARG G 92 -23.45 36.26 18.28
CA ARG G 92 -22.71 35.23 17.56
C ARG G 92 -23.03 33.87 18.18
N THR G 93 -22.62 32.81 17.49
CA THR G 93 -22.87 31.46 17.96
C THR G 93 -22.15 31.21 19.27
N GLY G 94 -22.91 30.86 20.31
CA GLY G 94 -22.37 30.59 21.63
C GLY G 94 -22.81 31.56 22.70
N ASP G 95 -23.34 32.72 22.31
CA ASP G 95 -23.78 33.72 23.29
C ASP G 95 -25.01 33.21 24.04
N THR G 96 -24.91 33.16 25.36
CA THR G 96 -26.05 32.77 26.18
C THR G 96 -27.04 33.92 26.27
N ILE G 97 -28.27 33.68 25.82
CA ILE G 97 -29.31 34.71 25.78
C ILE G 97 -30.46 34.28 26.67
N SER G 98 -30.91 35.20 27.51
CA SER G 98 -32.03 34.96 28.42
C SER G 98 -32.95 36.17 28.38
N GLY G 99 -34.16 35.98 27.85
CA GLY G 99 -35.10 37.08 27.73
C GLY G 99 -36.52 36.57 27.61
N LYS G 100 -37.44 37.52 27.51
CA LYS G 100 -38.85 37.19 27.40
C LYS G 100 -39.14 36.54 26.05
N ILE G 101 -40.01 35.54 26.07
CA ILE G 101 -40.40 34.81 24.87
C ILE G 101 -41.93 34.78 24.80
N ARG G 102 -42.42 34.44 23.61
CA ARG G 102 -43.86 34.34 23.36
C ARG G 102 -44.14 33.09 22.56
N PRO G 103 -45.30 32.46 22.78
CA PRO G 103 -45.66 31.27 22.00
C PRO G 103 -45.84 31.62 20.53
N PRO G 104 -45.67 30.65 19.63
CA PRO G 104 -45.83 30.95 18.20
C PRO G 104 -47.27 31.21 17.84
N LYS G 105 -47.48 32.20 16.99
CA LYS G 105 -48.82 32.57 16.53
C LYS G 105 -49.23 31.64 15.40
N GLU G 106 -50.32 31.98 14.72
CA GLU G 106 -50.81 31.17 13.59
C GLU G 106 -49.83 31.27 12.44
N GLY G 107 -49.29 30.12 12.01
CA GLY G 107 -48.30 30.10 10.96
C GLY G 107 -46.86 30.05 11.43
N GLU G 108 -46.63 30.00 12.74
CA GLU G 108 -45.30 29.91 13.29
C GLU G 108 -45.14 28.60 14.04
N ARG G 109 -43.88 28.18 14.22
CA ARG G 109 -43.58 26.90 14.85
C ARG G 109 -42.62 27.00 16.03
N TYR G 110 -42.09 28.18 16.33
CA TYR G 110 -41.11 28.33 17.39
C TYR G 110 -41.37 29.63 18.15
N PHE G 111 -40.88 29.68 19.38
CA PHE G 111 -41.04 30.86 20.21
C PHE G 111 -40.19 32.01 19.68
N ALA G 112 -40.70 33.23 19.79
CA ALA G 112 -40.01 34.42 19.34
C ALA G 112 -39.41 35.17 20.54
N LEU G 113 -38.34 35.91 20.27
CA LEU G 113 -37.65 36.67 21.29
C LEU G 113 -38.02 38.15 21.15
N LEU G 114 -38.57 38.72 22.22
CA LEU G 114 -38.97 40.12 22.22
C LEU G 114 -37.88 41.04 22.77
N LYS G 115 -37.45 40.80 24.01
CA LYS G 115 -36.45 41.63 24.67
C LYS G 115 -35.45 40.74 25.39
N VAL G 116 -34.17 40.99 25.15
CA VAL G 116 -33.10 40.23 25.78
C VAL G 116 -32.75 40.90 27.12
N ASN G 117 -32.70 40.10 28.19
CA ASN G 117 -32.45 40.63 29.51
C ASN G 117 -31.01 40.44 29.97
N GLU G 118 -30.41 39.29 29.67
CA GLU G 118 -29.06 38.99 30.12
C GLU G 118 -28.30 38.27 29.03
N VAL G 119 -27.07 38.71 28.77
CA VAL G 119 -26.21 38.14 27.75
C VAL G 119 -24.96 37.56 28.42
N ASN G 120 -24.73 36.27 28.20
CA ASN G 120 -23.56 35.57 28.74
C ASN G 120 -23.49 35.70 30.26
N PHE G 121 -24.66 35.63 30.90
CA PHE G 121 -24.76 35.76 32.36
C PHE G 121 -24.18 37.09 32.84
N ASP G 122 -24.40 38.14 32.05
CA ASP G 122 -23.88 39.46 32.36
C ASP G 122 -24.74 40.50 31.66
N LYS G 123 -24.48 41.76 31.98
CA LYS G 123 -25.25 42.84 31.38
C LYS G 123 -24.87 43.00 29.90
N PRO G 124 -25.82 43.35 29.03
CA PRO G 124 -25.48 43.57 27.63
C PRO G 124 -24.51 44.73 27.41
N GLU G 125 -24.47 45.69 28.34
CA GLU G 125 -23.54 46.80 28.21
C GLU G 125 -22.10 46.36 28.39
N ASN G 126 -21.88 45.24 29.08
CA ASN G 126 -20.53 44.68 29.20
C ASN G 126 -20.19 43.73 28.06
N ALA G 127 -21.20 43.20 27.36
CA ALA G 127 -20.97 42.29 26.25
C ALA G 127 -20.83 43.02 24.93
N ARG G 128 -21.43 44.20 24.80
CA ARG G 128 -21.32 44.96 23.56
C ARG G 128 -19.88 45.38 23.30
N ASN G 129 -19.12 45.64 24.35
CA ASN G 129 -17.71 46.02 24.25
C ASN G 129 -16.88 44.87 24.80
N LYS G 130 -16.26 44.10 23.91
CA LYS G 130 -15.47 42.95 24.31
C LYS G 130 -14.43 42.65 23.25
N ILE G 131 -13.37 41.96 23.67
CA ILE G 131 -12.28 41.58 22.78
C ILE G 131 -12.52 40.14 22.30
N LEU G 132 -12.37 39.92 21.00
CA LEU G 132 -12.59 38.59 20.43
C LEU G 132 -11.56 37.61 20.95
N PHE G 133 -11.92 36.31 20.87
CA PHE G 133 -11.02 35.27 21.33
C PHE G 133 -9.79 35.13 20.43
N GLU G 134 -9.92 35.47 19.15
CA GLU G 134 -8.80 35.37 18.23
C GLU G 134 -7.75 36.43 18.46
N ASN G 135 -8.03 37.45 19.27
CA ASN G 135 -7.09 38.53 19.53
C ASN G 135 -6.40 38.40 20.88
N LEU G 136 -6.83 37.49 21.74
CA LEU G 136 -6.23 37.34 23.05
C LEU G 136 -4.81 36.79 22.93
N THR G 137 -3.90 37.30 23.74
CA THR G 137 -2.50 36.90 23.69
C THR G 137 -2.33 35.56 24.41
N PRO G 138 -1.87 34.51 23.73
CA PRO G 138 -1.67 33.22 24.40
C PRO G 138 -0.48 33.28 25.35
N LEU G 139 -0.49 32.35 26.30
CA LEU G 139 0.61 32.21 27.27
C LEU G 139 0.67 30.77 27.72
N HIS G 140 1.77 30.45 28.41
CA HIS G 140 1.93 29.11 28.97
C HIS G 140 1.14 28.96 30.25
N ALA G 141 1.04 27.70 30.72
CA ALA G 141 0.33 27.43 31.97
C ALA G 141 1.05 28.07 33.15
N ASN G 142 0.38 29.01 33.80
CA ASN G 142 0.93 29.72 34.95
C ASN G 142 0.34 29.24 36.26
N SER G 143 -0.98 29.23 36.38
CA SER G 143 -1.63 28.78 37.60
C SER G 143 -1.60 27.26 37.70
N ARG G 144 -1.34 26.76 38.91
CA ARG G 144 -1.25 25.33 39.14
C ARG G 144 -2.63 24.78 39.51
N LEU G 145 -3.10 23.79 38.72
CA LEU G 145 -4.35 23.10 39.01
C LEU G 145 -4.01 21.74 39.63
N ARG G 146 -3.81 21.76 40.94
CA ARG G 146 -3.44 20.54 41.66
C ARG G 146 -4.60 19.56 41.67
N MET G 147 -4.31 18.30 41.37
CA MET G 147 -5.32 17.26 41.28
C MET G 147 -5.39 16.38 42.52
N GLU G 148 -4.48 16.56 43.48
CA GLU G 148 -4.44 15.74 44.68
C GLU G 148 -5.64 16.06 45.58
N ARG G 149 -6.35 15.03 46.02
CA ARG G 149 -7.48 15.22 46.92
C ARG G 149 -7.02 15.75 48.27
N GLY G 150 -6.15 15.00 48.94
CA GLY G 150 -5.68 15.36 50.26
C GLY G 150 -6.46 14.74 51.40
N ASN G 151 -7.53 14.01 51.11
CA ASN G 151 -8.33 13.36 52.14
C ASN G 151 -7.80 12.00 52.55
N GLY G 152 -6.69 11.55 51.95
CA GLY G 152 -6.13 10.26 52.31
C GLY G 152 -6.93 9.07 51.84
N SER G 153 -7.75 9.24 50.80
CA SER G 153 -8.55 8.15 50.27
C SER G 153 -7.71 7.22 49.42
N THR G 154 -8.18 5.98 49.27
CA THR G 154 -7.46 5.01 48.46
C THR G 154 -7.50 5.36 46.98
N GLU G 155 -8.53 6.08 46.55
CA GLU G 155 -8.62 6.48 45.15
C GLU G 155 -7.72 7.68 44.84
N ASP G 156 -7.17 8.34 45.86
CA ASP G 156 -6.28 9.46 45.64
C ASP G 156 -4.93 9.04 45.08
N LEU G 157 -4.63 7.73 45.05
CA LEU G 157 -3.36 7.27 44.50
C LEU G 157 -3.23 7.64 43.03
N THR G 158 -4.34 7.53 42.27
CA THR G 158 -4.30 7.89 40.86
C THR G 158 -3.98 9.37 40.68
N ALA G 159 -4.61 10.24 41.48
CA ALA G 159 -4.34 11.67 41.38
C ALA G 159 -2.90 11.97 41.79
N ARG G 160 -2.39 11.28 42.80
CA ARG G 160 -1.01 11.49 43.23
C ARG G 160 -0.03 11.08 42.14
N VAL G 161 -0.27 9.94 41.49
CA VAL G 161 0.60 9.50 40.40
C VAL G 161 0.51 10.46 39.22
N LEU G 162 -0.69 10.99 38.95
CA LEU G 162 -0.84 11.95 37.87
C LEU G 162 -0.08 13.24 38.16
N ASP G 163 -0.13 13.69 39.42
CA ASP G 163 0.61 14.90 39.79
C ASP G 163 2.12 14.67 39.73
N LEU G 164 2.57 13.48 40.13
CA LEU G 164 4.00 13.19 40.06
C LEU G 164 4.48 12.98 38.62
N ALA G 165 3.57 12.60 37.72
CA ALA G 165 3.96 12.32 36.35
C ALA G 165 3.80 13.55 35.46
N SER G 166 2.66 14.22 35.53
CA SER G 166 2.36 15.35 34.65
C SER G 166 1.40 16.30 35.35
N PRO G 167 1.93 17.32 36.03
CA PRO G 167 1.04 18.34 36.63
C PRO G 167 0.30 19.10 35.56
N ILE G 168 -0.93 19.48 35.87
CA ILE G 168 -1.82 20.14 34.92
C ILE G 168 -2.10 21.55 35.43
N GLY G 169 -2.00 22.54 34.53
CA GLY G 169 -2.29 23.91 34.85
C GLY G 169 -3.38 24.47 33.95
N ARG G 170 -3.71 25.74 34.19
CA ARG G 170 -4.74 26.41 33.40
C ARG G 170 -4.24 26.66 31.99
N GLY G 171 -5.06 26.33 31.00
CA GLY G 171 -4.70 26.50 29.61
C GLY G 171 -3.88 25.38 29.02
N GLN G 172 -3.74 24.26 29.73
CA GLN G 172 -2.95 23.14 29.24
C GLN G 172 -3.67 22.44 28.08
N ARG G 173 -2.87 21.93 27.15
CA ARG G 173 -3.37 21.22 25.96
C ARG G 173 -2.63 19.88 25.90
N GLY G 174 -3.19 18.87 26.56
CA GLY G 174 -2.57 17.58 26.68
C GLY G 174 -3.28 16.49 25.89
N LEU G 175 -2.73 15.28 26.01
CA LEU G 175 -3.26 14.11 25.33
C LEU G 175 -3.13 12.89 26.25
N ILE G 176 -4.18 12.08 26.30
CA ILE G 176 -4.18 10.85 27.09
C ILE G 176 -4.12 9.70 26.08
N VAL G 177 -2.90 9.25 25.77
CA VAL G 177 -2.69 8.17 24.82
C VAL G 177 -2.77 6.84 25.56
N ALA G 178 -3.65 5.96 25.07
CA ALA G 178 -3.86 4.67 25.73
C ALA G 178 -4.53 3.72 24.76
N PRO G 179 -4.07 2.47 24.69
CA PRO G 179 -4.77 1.47 23.87
C PRO G 179 -6.11 1.13 24.50
N PRO G 180 -7.01 0.48 23.76
CA PRO G 180 -8.31 0.11 24.32
C PRO G 180 -8.17 -0.89 25.45
N LYS G 181 -9.19 -0.94 26.29
CA LYS G 181 -9.24 -1.84 27.46
C LYS G 181 -8.07 -1.58 28.41
N ALA G 182 -7.75 -0.30 28.64
CA ALA G 182 -6.67 0.06 29.54
C ALA G 182 -7.15 0.67 30.84
N GLY G 183 -8.32 1.30 30.86
CA GLY G 183 -8.82 1.95 32.06
C GLY G 183 -9.04 3.43 31.86
N LYS G 184 -9.31 3.83 30.62
CA LYS G 184 -9.51 5.26 30.33
C LYS G 184 -10.75 5.79 31.02
N THR G 185 -11.79 4.96 31.15
CA THR G 185 -13.04 5.40 31.76
C THR G 185 -12.84 5.77 33.24
N MET G 186 -12.23 4.86 34.00
CA MET G 186 -12.01 5.12 35.42
C MET G 186 -11.05 6.30 35.61
N LEU G 187 -10.04 6.40 34.76
CA LEU G 187 -9.11 7.51 34.86
C LEU G 187 -9.79 8.84 34.60
N LEU G 188 -10.66 8.90 33.58
CA LEU G 188 -11.38 10.13 33.29
C LEU G 188 -12.35 10.47 34.42
N GLN G 189 -13.01 9.45 34.98
CA GLN G 189 -13.91 9.68 36.10
C GLN G 189 -13.15 10.26 37.30
N ASN G 190 -11.98 9.70 37.60
CA ASN G 190 -11.17 10.19 38.71
C ASN G 190 -10.70 11.62 38.46
N ILE G 191 -10.30 11.91 37.23
CA ILE G 191 -9.86 13.27 36.89
C ILE G 191 -11.02 14.25 37.07
N ALA G 192 -12.20 13.89 36.58
CA ALA G 192 -13.35 14.78 36.70
C ALA G 192 -13.74 15.00 38.16
N GLN G 193 -13.72 13.94 38.95
CA GLN G 193 -14.06 14.07 40.36
C GLN G 193 -13.04 14.93 41.10
N SER G 194 -11.75 14.75 40.80
CA SER G 194 -10.73 15.56 41.44
C SER G 194 -10.84 17.03 41.02
N ILE G 195 -11.19 17.29 39.77
CA ILE G 195 -11.38 18.67 39.32
C ILE G 195 -12.59 19.29 40.02
N ALA G 196 -13.69 18.54 40.15
CA ALA G 196 -14.87 19.07 40.79
C ALA G 196 -14.66 19.27 42.29
N TYR G 197 -13.79 18.47 42.91
CA TYR G 197 -13.55 18.58 44.34
C TYR G 197 -12.54 19.67 44.68
N ASN G 198 -11.41 19.71 43.97
CA ASN G 198 -10.36 20.68 44.29
C ASN G 198 -10.67 22.07 43.76
N HIS G 199 -11.17 22.15 42.52
CA HIS G 199 -11.45 23.44 41.88
C HIS G 199 -12.90 23.48 41.44
N PRO G 200 -13.83 23.72 42.37
CA PRO G 200 -15.25 23.79 42.00
C PRO G 200 -15.63 25.07 41.25
N ASP G 201 -14.76 26.08 41.24
CA ASP G 201 -15.08 27.33 40.57
C ASP G 201 -14.94 27.25 39.05
N CYS G 202 -14.15 26.30 38.55
CA CYS G 202 -13.95 26.18 37.11
C CYS G 202 -15.16 25.52 36.45
N VAL G 203 -15.41 25.92 35.20
CA VAL G 203 -16.53 25.37 34.43
C VAL G 203 -16.06 24.07 33.78
N LEU G 204 -16.59 22.95 34.26
CA LEU G 204 -16.21 21.63 33.75
C LEU G 204 -17.21 21.19 32.69
N MET G 205 -16.70 20.78 31.53
CA MET G 205 -17.52 20.30 30.43
C MET G 205 -16.92 19.01 29.90
N VAL G 206 -17.69 17.92 29.93
CA VAL G 206 -17.25 16.61 29.48
C VAL G 206 -17.94 16.31 28.16
N LEU G 207 -17.15 16.12 27.11
CA LEU G 207 -17.66 15.83 25.78
C LEU G 207 -17.39 14.36 25.45
N LEU G 208 -18.46 13.62 25.17
CA LEU G 208 -18.37 12.19 24.83
C LEU G 208 -19.06 11.98 23.50
N ILE G 209 -18.28 11.85 22.44
CA ILE G 209 -18.79 11.69 21.07
C ILE G 209 -18.64 10.24 20.67
N ASP G 210 -19.71 9.66 20.11
CA ASP G 210 -19.70 8.30 19.58
C ASP G 210 -19.35 7.28 20.66
N GLU G 211 -20.13 7.30 21.75
CA GLU G 211 -19.94 6.38 22.86
C GLU G 211 -21.27 5.67 23.15
N ARG G 212 -21.22 4.73 24.08
CA ARG G 212 -22.40 3.94 24.40
C ARG G 212 -23.35 4.73 25.29
N PRO G 213 -24.66 4.53 25.14
CA PRO G 213 -25.61 5.28 26.00
C PRO G 213 -25.46 4.96 27.48
N GLU G 214 -25.13 3.71 27.81
CA GLU G 214 -24.89 3.37 29.22
C GLU G 214 -23.75 4.16 29.82
N GLU G 215 -22.61 4.28 29.11
CA GLU G 215 -21.52 5.10 29.60
C GLU G 215 -21.92 6.57 29.70
N VAL G 216 -22.75 7.04 28.76
CA VAL G 216 -23.19 8.44 28.80
C VAL G 216 -24.01 8.70 30.07
N THR G 217 -25.00 7.85 30.34
CA THR G 217 -25.85 8.07 31.51
C THR G 217 -25.10 7.78 32.80
N GLU G 218 -24.03 6.98 32.71
CA GLU G 218 -23.17 6.78 33.88
C GLU G 218 -22.37 8.04 34.19
N MET G 219 -21.72 8.61 33.17
CA MET G 219 -20.94 9.83 33.38
C MET G 219 -21.82 10.99 33.79
N GLN G 220 -23.06 11.04 33.27
CA GLN G 220 -23.95 12.15 33.60
C GLN G 220 -24.38 12.11 35.06
N ARG G 221 -24.48 10.92 35.65
CA ARG G 221 -24.90 10.77 37.03
C ARG G 221 -23.74 10.56 37.99
N LEU G 222 -22.50 10.78 37.54
CA LEU G 222 -21.32 10.57 38.37
C LEU G 222 -20.52 11.84 38.61
N VAL G 223 -20.32 12.66 37.60
CA VAL G 223 -19.52 13.87 37.72
C VAL G 223 -20.40 15.03 38.13
N LYS G 224 -19.80 16.01 38.79
CA LYS G 224 -20.52 17.21 39.24
C LYS G 224 -20.25 18.34 38.27
N GLY G 225 -20.95 18.28 37.14
CA GLY G 225 -20.79 19.29 36.12
C GLY G 225 -21.71 19.06 34.95
N GLU G 226 -21.39 19.71 33.83
CA GLU G 226 -22.17 19.61 32.61
C GLU G 226 -21.64 18.48 31.75
N VAL G 227 -22.55 17.68 31.19
CA VAL G 227 -22.20 16.54 30.35
C VAL G 227 -22.96 16.68 29.04
N VAL G 228 -22.23 16.93 27.96
CA VAL G 228 -22.78 16.99 26.61
C VAL G 228 -22.20 15.83 25.81
N ALA G 229 -23.05 14.89 25.41
CA ALA G 229 -22.60 13.68 24.75
C ALA G 229 -23.45 13.40 23.52
N SER G 230 -22.94 12.52 22.66
CA SER G 230 -23.62 12.14 21.43
C SER G 230 -23.27 10.67 21.15
N THR G 231 -24.26 9.80 21.35
CA THR G 231 -24.04 8.37 21.19
C THR G 231 -23.77 8.03 19.71
N PHE G 232 -23.34 6.78 19.50
CA PHE G 232 -23.03 6.31 18.16
C PHE G 232 -24.26 6.19 17.27
N ASP G 233 -25.46 6.17 17.85
CA ASP G 233 -26.69 6.09 17.06
C ASP G 233 -26.95 7.35 16.24
N GLU G 234 -26.19 8.42 16.47
CA GLU G 234 -26.36 9.66 15.74
C GLU G 234 -25.32 9.77 14.64
N PRO G 235 -25.66 10.43 13.53
CA PRO G 235 -24.70 10.58 12.43
C PRO G 235 -23.56 11.51 12.81
N ALA G 236 -22.54 11.52 11.96
CA ALA G 236 -21.36 12.35 12.22
C ALA G 236 -21.69 13.84 12.13
N SER G 237 -22.78 14.18 11.43
CA SER G 237 -23.19 15.58 11.34
C SER G 237 -23.54 16.14 12.72
N ARG G 238 -24.27 15.37 13.51
CA ARG G 238 -24.60 15.80 14.87
C ARG G 238 -23.33 15.89 15.72
N HIS G 239 -22.38 14.98 15.50
CA HIS G 239 -21.11 15.06 16.22
C HIS G 239 -20.40 16.37 15.91
N VAL G 240 -20.30 16.73 14.64
CA VAL G 240 -19.65 17.98 14.25
C VAL G 240 -20.40 19.17 14.83
N GLN G 241 -21.73 19.13 14.79
CA GLN G 241 -22.52 20.24 15.32
C GLN G 241 -22.30 20.41 16.83
N VAL G 242 -22.29 19.30 17.56
CA VAL G 242 -22.08 19.35 19.01
C VAL G 242 -20.69 19.87 19.32
N ALA G 243 -19.67 19.41 18.58
CA ALA G 243 -18.32 19.89 18.82
C ALA G 243 -18.22 21.39 18.56
N GLU G 244 -18.83 21.86 17.48
CA GLU G 244 -18.80 23.29 17.16
C GLU G 244 -19.51 24.11 18.24
N MET G 245 -20.69 23.65 18.68
CA MET G 245 -21.41 24.37 19.71
C MET G 245 -20.62 24.43 21.02
N VAL G 246 -19.99 23.31 21.39
CA VAL G 246 -19.21 23.27 22.63
C VAL G 246 -18.02 24.20 22.55
N ILE G 247 -17.29 24.17 21.43
CA ILE G 247 -16.10 25.01 21.34
C ILE G 247 -16.49 26.49 21.24
N GLU G 248 -17.63 26.81 20.61
CA GLU G 248 -18.07 28.19 20.54
C GLU G 248 -18.49 28.69 21.92
N LYS G 249 -19.20 27.86 22.68
CA LYS G 249 -19.57 28.24 24.04
C LYS G 249 -18.34 28.41 24.91
N ALA G 250 -17.33 27.55 24.73
CA ALA G 250 -16.09 27.69 25.49
C ALA G 250 -15.38 28.99 25.16
N LYS G 251 -15.33 29.34 23.87
CA LYS G 251 -14.70 30.60 23.47
C LYS G 251 -15.46 31.79 24.04
N ARG G 252 -16.80 31.75 23.98
CA ARG G 252 -17.58 32.86 24.51
C ARG G 252 -17.42 33.00 26.01
N LEU G 253 -17.26 31.88 26.72
CA LEU G 253 -17.02 31.96 28.16
C LEU G 253 -15.62 32.50 28.47
N VAL G 254 -14.62 32.05 27.72
CA VAL G 254 -13.26 32.54 27.93
C VAL G 254 -13.18 34.04 27.64
N GLU G 255 -13.97 34.52 26.66
CA GLU G 255 -14.00 35.94 26.37
C GLU G 255 -14.46 36.77 27.55
N HIS G 256 -15.21 36.17 28.49
CA HIS G 256 -15.64 36.85 29.70
C HIS G 256 -14.77 36.50 30.90
N LYS G 257 -13.51 36.11 30.66
CA LYS G 257 -12.55 35.81 31.71
C LYS G 257 -13.03 34.65 32.60
N LYS G 258 -13.45 33.56 31.97
CA LYS G 258 -13.88 32.36 32.69
C LYS G 258 -12.89 31.22 32.45
N ASP G 259 -12.80 30.32 33.42
CA ASP G 259 -11.90 29.18 33.36
C ASP G 259 -12.71 27.98 32.88
N VAL G 260 -12.56 27.64 31.61
CA VAL G 260 -13.28 26.52 30.99
C VAL G 260 -12.37 25.31 30.95
N ILE G 261 -12.92 24.14 31.29
CA ILE G 261 -12.20 22.88 31.25
C ILE G 261 -13.00 21.90 30.41
N ILE G 262 -12.39 21.38 29.35
CA ILE G 262 -13.04 20.45 28.44
C ILE G 262 -12.30 19.12 28.51
N LEU G 263 -13.01 18.08 28.93
CA LEU G 263 -12.44 16.72 29.03
C LEU G 263 -12.97 15.93 27.84
N LEU G 264 -12.20 15.94 26.74
CA LEU G 264 -12.57 15.23 25.53
C LEU G 264 -12.12 13.78 25.63
N ASP G 265 -12.98 12.85 25.20
CA ASP G 265 -12.68 11.43 25.22
C ASP G 265 -12.81 10.80 23.84
N SER G 266 -12.94 11.59 22.79
CA SER G 266 -13.22 11.06 21.47
C SER G 266 -12.52 11.83 20.35
N ILE G 267 -11.31 12.34 20.58
CA ILE G 267 -10.57 13.09 19.57
C ILE G 267 -10.43 12.24 18.31
N THR G 268 -10.16 10.94 18.48
CA THR G 268 -10.08 10.04 17.34
C THR G 268 -11.45 9.89 16.67
N ARG G 269 -12.50 9.74 17.47
CA ARG G 269 -13.84 9.64 16.91
C ARG G 269 -14.26 10.95 16.24
N LEU G 270 -13.84 12.07 16.81
CA LEU G 270 -14.15 13.36 16.19
C LEU G 270 -13.42 13.51 14.84
N ALA G 271 -12.17 13.06 14.78
CA ALA G 271 -11.44 13.10 13.51
C ALA G 271 -12.09 12.17 12.49
N ARG G 272 -12.55 11.00 12.92
CA ARG G 272 -13.26 10.11 12.02
C ARG G 272 -14.55 10.74 11.50
N ALA G 273 -15.28 11.42 12.38
CA ALA G 273 -16.50 12.10 11.96
C ALA G 273 -16.21 13.19 10.95
N TYR G 274 -15.15 13.97 11.18
CA TYR G 274 -14.79 15.04 10.25
C TYR G 274 -14.32 14.46 8.91
N ASN G 275 -13.61 13.34 8.95
CA ASN G 275 -13.21 12.68 7.70
C ASN G 275 -14.39 12.07 6.98
N THR G 276 -15.46 11.73 7.69
CA THR G 276 -16.65 11.20 7.05
C THR G 276 -17.52 12.30 6.45
N VAL G 277 -17.61 13.47 7.11
CA VAL G 277 -18.48 14.54 6.63
C VAL G 277 -17.83 15.40 5.56
N VAL G 278 -16.53 15.25 5.33
CA VAL G 278 -15.84 16.07 4.33
C VAL G 278 -16.10 15.50 2.95
N PRO G 279 -16.42 16.32 1.95
CA PRO G 279 -16.65 15.79 0.60
C PRO G 279 -15.38 15.19 0.02
N ALA G 280 -15.55 14.13 -0.77
CA ALA G 280 -14.42 13.46 -1.39
C ALA G 280 -13.76 14.37 -2.44
N SER G 281 -12.44 14.43 -2.42
CA SER G 281 -11.68 15.26 -3.34
C SER G 281 -10.84 14.43 -4.31
N GLY G 282 -11.04 13.11 -4.35
CA GLY G 282 -10.29 12.26 -5.24
C GLY G 282 -8.85 12.02 -4.83
N LYS G 283 -8.45 12.44 -3.64
CA LYS G 283 -7.09 12.24 -3.15
C LYS G 283 -7.16 11.68 -1.74
N VAL G 284 -6.68 10.45 -1.56
CA VAL G 284 -6.72 9.77 -0.27
C VAL G 284 -5.28 9.47 0.15
N LEU G 285 -4.94 9.83 1.39
CA LEU G 285 -3.62 9.59 1.91
C LEU G 285 -3.51 8.17 2.48
N THR G 286 -2.35 7.88 3.07
CA THR G 286 -2.12 6.57 3.64
C THR G 286 -3.02 6.35 4.86
N GLY G 287 -3.77 5.24 4.83
CA GLY G 287 -4.66 4.90 5.92
C GLY G 287 -6.10 5.31 5.73
N GLY G 288 -6.42 6.03 4.65
CA GLY G 288 -7.78 6.47 4.42
C GLY G 288 -8.14 7.80 5.04
N VAL G 289 -7.17 8.71 5.13
CA VAL G 289 -7.38 10.04 5.72
C VAL G 289 -7.35 11.07 4.61
N ASP G 290 -8.34 11.95 4.59
CA ASP G 290 -8.38 13.01 3.59
C ASP G 290 -7.36 14.09 3.94
N ALA G 291 -6.91 14.82 2.91
CA ALA G 291 -5.90 15.85 3.12
C ALA G 291 -6.43 17.02 3.93
N ASN G 292 -7.72 17.33 3.80
CA ASN G 292 -8.33 18.44 4.49
C ASN G 292 -9.31 18.00 5.59
N ALA G 293 -9.17 16.76 6.05
CA ALA G 293 -10.08 16.25 7.08
C ALA G 293 -9.57 16.57 8.49
N LEU G 294 -8.27 16.61 8.68
CA LEU G 294 -7.68 16.83 9.99
C LEU G 294 -7.57 18.31 10.36
N HIS G 295 -7.96 19.22 9.46
CA HIS G 295 -7.83 20.65 9.74
C HIS G 295 -8.80 21.09 10.83
N ARG G 296 -10.05 20.64 10.75
CA ARG G 296 -11.04 21.01 11.77
C ARG G 296 -10.70 20.44 13.14
N PRO G 297 -10.34 19.16 13.30
CA PRO G 297 -9.87 18.71 14.62
C PRO G 297 -8.60 19.40 15.06
N LYS G 298 -7.72 19.75 14.12
CA LYS G 298 -6.51 20.51 14.46
C LYS G 298 -6.87 21.84 15.11
N ARG G 299 -7.80 22.58 14.50
CA ARG G 299 -8.22 23.85 15.09
C ARG G 299 -8.96 23.65 16.40
N PHE G 300 -9.82 22.62 16.49
CA PHE G 300 -10.53 22.35 17.73
C PHE G 300 -9.54 22.07 18.87
N PHE G 301 -8.46 21.36 18.58
CA PHE G 301 -7.46 21.07 19.59
C PHE G 301 -6.66 22.33 19.94
N GLY G 302 -6.22 23.07 18.93
CA GLY G 302 -5.43 24.26 19.15
C GLY G 302 -6.19 25.43 19.74
N ALA G 303 -7.52 25.33 19.83
CA ALA G 303 -8.30 26.40 20.45
C ALA G 303 -7.90 26.59 21.91
N ALA G 304 -7.47 25.53 22.57
CA ALA G 304 -7.05 25.62 23.96
C ALA G 304 -5.82 26.51 24.09
N ARG G 305 -5.89 27.47 25.02
CA ARG G 305 -4.81 28.41 25.25
C ARG G 305 -5.06 29.14 26.56
N ASN G 306 -4.00 29.69 27.12
CA ASN G 306 -4.08 30.48 28.34
C ASN G 306 -4.07 31.96 27.98
N VAL G 307 -5.02 32.71 28.55
CA VAL G 307 -5.20 34.12 28.24
C VAL G 307 -4.56 34.95 29.34
N GLU G 308 -3.78 35.96 28.94
CA GLU G 308 -3.16 36.85 29.92
C GLU G 308 -4.14 37.84 30.51
N GLU G 309 -5.10 38.33 29.71
CA GLU G 309 -6.07 39.28 30.22
C GLU G 309 -7.01 38.65 31.24
N GLY G 310 -7.26 37.36 31.14
CA GLY G 310 -8.14 36.68 32.07
C GLY G 310 -8.76 35.43 31.51
N GLY G 311 -8.93 34.40 32.35
CA GLY G 311 -9.51 33.16 31.92
C GLY G 311 -8.50 32.23 31.27
N SER G 312 -8.97 31.03 30.96
CA SER G 312 -8.13 30.00 30.34
C SER G 312 -9.05 28.95 29.72
N LEU G 313 -8.47 28.12 28.87
CA LEU G 313 -9.19 27.05 28.19
C LEU G 313 -8.32 25.80 28.20
N THR G 314 -8.75 24.78 28.93
CA THR G 314 -8.02 23.52 29.04
C THR G 314 -8.78 22.43 28.30
N ILE G 315 -8.05 21.71 27.44
CA ILE G 315 -8.63 20.62 26.65
C ILE G 315 -7.76 19.39 26.85
N ILE G 316 -8.32 18.35 27.46
CA ILE G 316 -7.63 17.10 27.70
C ILE G 316 -8.33 16.04 26.85
N ALA G 317 -7.72 15.67 25.73
CA ALA G 317 -8.27 14.70 24.81
C ALA G 317 -7.58 13.34 24.99
N THR G 318 -8.35 12.27 24.86
CA THR G 318 -7.83 10.91 24.98
C THR G 318 -7.77 10.29 23.59
N ALA G 319 -6.56 10.03 23.11
CA ALA G 319 -6.36 9.45 21.79
C ALA G 319 -6.33 7.92 21.87
N LEU G 320 -6.78 7.29 20.80
CA LEU G 320 -6.83 5.83 20.71
C LEU G 320 -5.71 5.32 19.81
N ILE G 321 -4.99 4.30 20.29
CA ILE G 321 -3.92 3.66 19.54
C ILE G 321 -4.10 2.16 19.61
N ASP G 322 -3.43 1.45 18.69
CA ASP G 322 -3.46 -0.01 18.65
C ASP G 322 -4.88 -0.54 18.51
N THR G 323 -5.70 0.18 17.75
CA THR G 323 -7.08 -0.21 17.52
C THR G 323 -7.27 -1.08 16.30
N GLY G 324 -6.19 -1.45 15.62
CA GLY G 324 -6.27 -2.27 14.43
C GLY G 324 -6.54 -1.51 13.15
N SER G 325 -6.83 -0.22 13.22
CA SER G 325 -7.10 0.61 12.05
C SER G 325 -5.94 1.56 11.82
N LYS G 326 -5.43 1.59 10.59
CA LYS G 326 -4.30 2.45 10.28
C LYS G 326 -4.70 3.93 10.29
N MET G 327 -5.99 4.22 10.08
CA MET G 327 -6.45 5.61 10.09
C MET G 327 -6.25 6.23 11.48
N ASP G 328 -6.62 5.49 12.53
CA ASP G 328 -6.41 5.98 13.89
C ASP G 328 -4.93 6.15 14.19
N GLU G 329 -4.09 5.24 13.68
CA GLU G 329 -2.65 5.38 13.89
C GLU G 329 -2.11 6.63 13.23
N VAL G 330 -2.72 7.02 12.10
CA VAL G 330 -2.33 8.32 11.48
C VAL G 330 -3.14 9.42 12.18
N ILE G 331 -4.42 9.17 12.46
CA ILE G 331 -5.34 10.20 13.06
C ILE G 331 -4.92 10.49 14.50
N TYR G 332 -4.90 9.47 15.36
CA TYR G 332 -4.42 9.68 16.75
C TYR G 332 -3.06 10.38 16.66
N GLU G 333 -2.18 9.84 15.80
CA GLU G 333 -0.87 10.52 15.61
C GLU G 333 -1.12 11.74 14.73
N GLU G 334 -0.09 12.28 14.07
CA GLU G 334 -0.29 13.57 13.37
C GLU G 334 -0.67 14.53 14.49
N PHE G 335 -1.37 14.02 15.52
CA PHE G 335 -1.68 14.83 16.69
C PHE G 335 -0.61 14.72 17.77
N LYS G 336 0.35 13.80 17.63
CA LYS G 336 1.37 13.65 18.67
C LYS G 336 2.27 14.88 18.76
N GLY G 337 2.72 15.38 17.60
CA GLY G 337 3.58 16.55 17.58
C GLY G 337 2.88 17.87 17.77
N THR G 338 1.62 17.87 18.20
CA THR G 338 0.84 19.08 18.36
C THR G 338 0.71 19.54 19.81
N GLY G 339 0.30 18.65 20.71
CA GLY G 339 0.13 18.99 22.10
C GLY G 339 1.45 19.13 22.84
N ASN G 340 1.32 19.45 24.13
CA ASN G 340 2.50 19.61 24.98
C ASN G 340 2.44 18.76 26.24
N MET G 341 1.65 17.68 26.23
CA MET G 341 1.56 16.79 27.38
C MET G 341 1.05 15.45 26.90
N GLU G 342 1.79 14.39 27.21
CA GLU G 342 1.42 13.02 26.83
C GLU G 342 1.44 12.15 28.07
N LEU G 343 0.30 11.53 28.38
CA LEU G 343 0.16 10.62 29.50
C LEU G 343 -0.14 9.23 28.93
N HIS G 344 0.91 8.44 28.71
CA HIS G 344 0.75 7.14 28.09
C HIS G 344 0.35 6.10 29.13
N LEU G 345 -0.50 5.16 28.70
CA LEU G 345 -0.93 4.04 29.53
C LEU G 345 -0.51 2.75 28.85
N SER G 346 -0.02 1.81 29.66
CA SER G 346 0.53 0.55 29.16
C SER G 346 -0.52 -0.55 29.27
N ARG G 347 -0.73 -1.27 28.17
CA ARG G 347 -1.66 -2.40 28.19
C ARG G 347 -1.09 -3.57 28.97
N LYS G 348 0.23 -3.75 28.94
CA LYS G 348 0.86 -4.85 29.66
C LYS G 348 0.65 -4.70 31.16
N ILE G 349 0.69 -3.47 31.67
CA ILE G 349 0.44 -3.25 33.09
C ILE G 349 -1.04 -3.42 33.42
N ALA G 350 -1.92 -3.05 32.48
CA ALA G 350 -3.36 -3.21 32.73
C ALA G 350 -3.77 -4.67 32.74
N GLU G 351 -3.07 -5.51 31.96
CA GLU G 351 -3.37 -6.93 31.96
C GLU G 351 -3.01 -7.60 33.28
N LYS G 352 -2.04 -7.04 34.02
CA LYS G 352 -1.66 -7.54 35.32
C LYS G 352 -2.58 -7.04 36.44
N ARG G 353 -3.64 -6.32 36.09
CA ARG G 353 -4.60 -5.77 37.06
C ARG G 353 -3.91 -4.86 38.07
N VAL G 354 -2.97 -4.05 37.58
CA VAL G 354 -2.26 -3.09 38.41
C VAL G 354 -2.78 -1.71 38.03
N PHE G 355 -3.71 -1.19 38.83
CA PHE G 355 -4.33 0.10 38.58
C PHE G 355 -3.74 1.15 39.51
N PRO G 356 -3.37 2.33 38.99
CA PRO G 356 -3.48 2.68 37.58
C PRO G 356 -2.32 2.17 36.73
N ALA G 357 -2.57 1.88 35.46
CA ALA G 357 -1.56 1.40 34.54
C ALA G 357 -1.05 2.58 33.73
N ILE G 358 -0.16 3.36 34.33
CA ILE G 358 0.37 4.58 33.74
C ILE G 358 1.83 4.35 33.36
N ASP G 359 2.20 4.73 32.14
CA ASP G 359 3.59 4.65 31.69
C ASP G 359 4.31 5.89 32.19
N TYR G 360 4.98 5.77 33.34
CA TYR G 360 5.63 6.92 33.95
C TYR G 360 6.84 7.37 33.14
N ASN G 361 7.46 6.44 32.40
CA ASN G 361 8.68 6.78 31.66
C ASN G 361 8.39 7.75 30.52
N ARG G 362 7.40 7.44 29.68
CA ARG G 362 7.10 8.29 28.53
C ARG G 362 6.25 9.50 28.88
N SER G 363 5.71 9.56 30.09
CA SER G 363 4.93 10.72 30.50
C SER G 363 5.85 11.90 30.80
N GLY G 364 5.25 13.06 30.95
CA GLY G 364 6.00 14.27 31.22
C GLY G 364 5.24 15.50 30.78
N THR G 365 5.73 16.66 31.22
CA THR G 365 5.15 17.95 30.90
C THR G 365 6.26 18.94 30.57
N ARG G 366 6.08 19.68 29.48
CA ARG G 366 7.04 20.70 29.10
C ARG G 366 6.82 21.97 29.90
N LYS G 367 7.93 22.65 30.22
CA LYS G 367 7.90 23.86 31.04
C LYS G 367 7.24 23.59 32.40
N GLU G 368 7.58 22.45 33.00
CA GLU G 368 6.99 22.07 34.28
C GLU G 368 7.47 22.95 35.43
N GLU G 369 8.57 23.69 35.24
CA GLU G 369 9.09 24.55 36.29
C GLU G 369 8.17 25.74 36.56
N LEU G 370 7.25 26.05 35.64
CA LEU G 370 6.32 27.15 35.83
C LEU G 370 5.13 26.78 36.70
N LEU G 371 4.98 25.51 37.06
CA LEU G 371 3.88 25.04 37.90
C LEU G 371 4.34 24.42 39.20
N THR G 372 5.63 24.22 39.39
CA THR G 372 6.16 23.60 40.60
C THR G 372 7.31 24.45 41.13
N THR G 373 7.58 24.30 42.42
CA THR G 373 8.66 25.03 43.06
C THR G 373 10.00 24.39 42.72
N GLN G 374 11.08 25.00 43.21
CA GLN G 374 12.42 24.50 42.92
C GLN G 374 12.66 23.16 43.59
N GLU G 375 12.36 23.06 44.90
CA GLU G 375 12.58 21.81 45.61
C GLU G 375 11.65 20.71 45.09
N GLU G 376 10.41 21.06 44.74
CA GLU G 376 9.50 20.06 44.18
C GLU G 376 10.00 19.56 42.85
N LEU G 377 10.50 20.46 41.99
CA LEU G 377 11.04 20.04 40.70
C LEU G 377 12.28 19.17 40.88
N GLN G 378 13.13 19.51 41.85
CA GLN G 378 14.32 18.69 42.11
C GLN G 378 13.93 17.30 42.60
N LYS G 379 12.94 17.22 43.50
CA LYS G 379 12.47 15.92 43.97
C LYS G 379 11.85 15.10 42.86
N MET G 380 11.08 15.74 41.96
CA MET G 380 10.52 15.02 40.83
C MET G 380 11.62 14.53 39.88
N TRP G 381 12.65 15.34 39.67
CA TRP G 381 13.77 14.91 38.83
C TRP G 381 14.50 13.72 39.45
N ILE G 382 14.72 13.75 40.77
CA ILE G 382 15.36 12.63 41.44
C ILE G 382 14.50 11.38 41.34
N LEU G 383 13.18 11.52 41.53
CA LEU G 383 12.29 10.39 41.43
C LEU G 383 12.29 9.80 40.03
N ARG G 384 12.34 10.65 39.01
CA ARG G 384 12.39 10.16 37.64
C ARG G 384 13.72 9.46 37.35
N LYS G 385 14.82 10.00 37.87
CA LYS G 385 16.12 9.36 37.65
C LYS G 385 16.23 8.04 38.40
N ILE G 386 15.50 7.89 39.51
CA ILE G 386 15.50 6.60 40.21
C ILE G 386 14.57 5.60 39.53
N ILE G 387 13.44 6.08 39.00
CA ILE G 387 12.46 5.19 38.38
C ILE G 387 12.91 4.71 37.01
N HIS G 388 13.61 5.56 36.26
CA HIS G 388 13.98 5.26 34.88
C HIS G 388 14.71 3.93 34.70
N PRO G 389 15.70 3.55 35.52
CA PRO G 389 16.35 2.25 35.29
C PRO G 389 15.43 1.06 35.45
N MET G 390 14.50 1.12 36.40
CA MET G 390 13.61 -0.01 36.65
C MET G 390 12.61 -0.17 35.51
N GLY G 391 12.09 -1.38 35.37
CA GLY G 391 11.09 -1.66 34.37
C GLY G 391 9.75 -1.02 34.69
N GLU G 392 8.87 -1.01 33.69
CA GLU G 392 7.58 -0.34 33.84
C GLU G 392 6.76 -0.94 34.96
N ILE G 393 6.55 -2.26 34.92
CA ILE G 393 5.76 -2.93 35.94
C ILE G 393 6.43 -2.82 37.30
N ASP G 394 7.75 -3.01 37.33
CA ASP G 394 8.48 -2.90 38.60
C ASP G 394 8.41 -1.48 39.16
N ALA G 395 8.54 -0.47 38.30
CA ALA G 395 8.47 0.92 38.76
C ALA G 395 7.07 1.23 39.28
N MET G 396 6.04 0.74 38.61
CA MET G 396 4.67 0.97 39.06
C MET G 396 4.42 0.30 40.41
N GLU G 397 4.90 -0.94 40.57
CA GLU G 397 4.74 -1.62 41.86
C GLU G 397 5.48 -0.88 42.96
N PHE G 398 6.70 -0.42 42.68
CA PHE G 398 7.46 0.34 43.67
C PHE G 398 6.74 1.62 44.05
N LEU G 399 6.24 2.36 43.06
CA LEU G 399 5.53 3.61 43.34
C LEU G 399 4.27 3.35 44.16
N ILE G 400 3.52 2.31 43.83
CA ILE G 400 2.30 2.01 44.58
C ILE G 400 2.64 1.63 46.01
N ASN G 401 3.66 0.78 46.20
CA ASN G 401 4.01 0.34 47.55
C ASN G 401 4.57 1.49 48.38
N LYS G 402 5.21 2.47 47.73
CA LYS G 402 5.74 3.60 48.48
C LYS G 402 4.69 4.67 48.74
N LEU G 403 3.69 4.80 47.88
CA LEU G 403 2.63 5.76 48.13
C LEU G 403 1.57 5.22 49.08
N ALA G 404 1.46 3.88 49.21
CA ALA G 404 0.52 3.32 50.15
C ALA G 404 0.96 3.50 51.60
N MET G 405 2.24 3.77 51.84
CA MET G 405 2.73 3.91 53.20
C MET G 405 2.30 5.22 53.82
N THR G 406 2.21 6.29 53.03
CA THR G 406 1.87 7.62 53.53
C THR G 406 0.63 8.15 52.81
N LYS G 407 0.19 9.32 53.25
CA LYS G 407 -0.98 9.97 52.65
C LYS G 407 -0.59 11.05 51.64
N THR G 408 0.46 11.83 51.93
CA THR G 408 0.91 12.89 51.06
C THR G 408 2.22 12.53 50.41
N ASN G 409 2.46 13.09 49.22
CA ASN G 409 3.69 12.82 48.49
C ASN G 409 4.89 13.53 49.10
N ASP G 410 4.64 14.57 49.91
CA ASP G 410 5.74 15.26 50.57
C ASP G 410 6.47 14.34 51.54
N ASP G 411 5.73 13.53 52.28
CA ASP G 411 6.36 12.56 53.17
C ASP G 411 7.17 11.53 52.41
N PHE G 412 6.67 11.08 51.25
CA PHE G 412 7.43 10.15 50.43
C PHE G 412 8.72 10.79 49.93
N PHE G 413 8.65 12.03 49.46
CA PHE G 413 9.85 12.73 49.00
C PHE G 413 10.85 12.93 50.13
N GLU G 414 10.35 13.23 51.34
CA GLU G 414 11.25 13.42 52.47
C GLU G 414 11.89 12.10 52.90
N MET G 415 11.16 10.98 52.77
CA MET G 415 11.72 9.68 53.14
C MET G 415 12.66 9.14 52.07
N MET G 416 12.52 9.60 50.82
CA MET G 416 13.43 9.14 49.77
C MET G 416 14.85 9.64 50.01
N LYS G 417 14.99 10.83 50.56
CA LYS G 417 16.32 11.39 50.85
C LYS G 417 16.94 10.73 52.06
PB ADP H . -13.45 -22.12 15.27
O1B ADP H . -14.92 -21.92 15.54
O2B ADP H . -13.13 -22.44 13.81
O3B ADP H . -12.56 -21.08 15.90
PA ADP H . -14.10 -24.68 16.31
O1A ADP H . -14.93 -24.34 17.55
O2A ADP H . -14.74 -25.02 14.98
O3A ADP H . -13.07 -23.47 16.07
O5' ADP H . -13.12 -25.90 16.67
C5' ADP H . -12.55 -26.67 15.61
C4' ADP H . -12.09 -28.00 16.17
O4' ADP H . -11.39 -27.83 17.39
C3' ADP H . -13.29 -28.87 16.50
O3' ADP H . -13.64 -29.69 15.38
C2' ADP H . -12.83 -29.69 17.69
O2' ADP H . -12.34 -30.97 17.24
C1' ADP H . -11.70 -28.89 18.30
N9 ADP H . -12.21 -28.34 19.57
C8 ADP H . -12.63 -27.08 19.78
N7 ADP H . -13.05 -26.91 21.05
C5 ADP H . -12.91 -28.09 21.68
C6 ADP H . -13.17 -28.62 23.05
N6 ADP H . -13.68 -27.84 24.04
N1 ADP H . -12.88 -29.91 23.28
C2 ADP H . -12.37 -30.72 22.33
N3 ADP H . -12.11 -30.31 21.07
C4 ADP H . -12.36 -29.03 20.70
MG MG I . -16.38 -21.66 13.86
BE BEF J . -13.50 -21.26 12.58
F1 BEF J . -12.93 -21.77 11.25
F2 BEF J . -13.27 -19.72 12.77
F3 BEF J . -15.03 -21.45 12.61
PB ADP K . 3.64 -29.10 -5.91
O1B ADP K . 2.43 -29.83 -6.45
O2B ADP K . 4.30 -28.16 -6.90
O3B ADP K . 3.44 -28.54 -4.52
PA ADP K . 4.83 -31.60 -6.58
O1A ADP K . 3.83 -32.60 -6.02
O2A ADP K . 4.81 -31.17 -8.03
O3A ADP K . 4.74 -30.26 -5.68
O5' ADP K . 6.32 -32.11 -6.29
C5' ADP K . 7.40 -31.57 -7.04
C4' ADP K . 8.58 -32.53 -6.95
O4' ADP K . 8.78 -32.95 -5.60
C3' ADP K . 8.31 -33.79 -7.74
O3' ADP K . 8.79 -33.65 -9.07
C2' ADP K . 9.04 -34.87 -6.98
O2' ADP K . 10.33 -35.09 -7.54
C1' ADP K . 9.19 -34.33 -5.57
N9 ADP K . 8.26 -35.11 -4.72
C8 ADP K . 7.06 -34.70 -4.28
N7 ADP K . 6.47 -35.66 -3.53
C5 ADP K . 7.30 -36.72 -3.49
C6 ADP K . 7.30 -38.07 -2.87
N6 ADP K . 6.26 -38.52 -2.13
N1 ADP K . 8.39 -38.85 -3.09
C2 ADP K . 9.44 -38.44 -3.82
N3 ADP K . 9.50 -37.23 -4.40
C4 ADP K . 8.49 -36.34 -4.27
MG MG L . 1.45 -29.17 -8.36
BE BEF M . 3.37 -26.79 -7.50
F1 BEF M . 4.32 -25.93 -8.34
F2 BEF M . 2.44 -25.92 -6.59
F3 BEF M . 2.44 -27.60 -8.42
PB ADP N . 10.13 20.24 20.14
O1B ADP N . 8.69 19.81 20.34
O2B ADP N . 10.28 21.63 19.60
O3B ADP N . 11.02 19.22 19.46
PA ADP N . 10.67 21.64 22.55
O1A ADP N . 9.25 22.15 22.52
O2A ADP N . 11.85 22.52 22.18
O3A ADP N . 10.73 20.32 21.63
O5' ADP N . 10.91 21.04 24.02
C5' ADP N . 9.80 20.54 24.76
C4' ADP N . 10.16 20.50 26.24
O4' ADP N . 11.47 19.96 26.42
C3' ADP N . 10.23 21.91 26.79
O3' ADP N . 8.96 22.29 27.32
C2' ADP N . 11.30 21.83 27.87
O2' ADP N . 10.70 21.62 29.15
C1' ADP N . 12.16 20.64 27.49
N9 ADP N . 13.43 21.18 26.99
C8 ADP N . 13.80 21.30 25.71
N7 ADP N . 15.05 21.84 25.61
C5 ADP N . 15.48 22.08 26.86
C6 ADP N . 16.70 22.65 27.49
N6 ADP N . 17.75 23.09 26.73
N1 ADP N . 16.75 22.72 28.84
C2 ADP N . 15.73 22.29 29.60
N3 ADP N . 14.59 21.78 29.11
C4 ADP N . 14.42 21.64 27.77
MG MG O . 8.54 22.73 18.72
BE BEF P . 7.65 19.70 18.94
F1 BEF P . 6.31 19.10 19.39
F2 BEF P . 8.10 19.12 17.55
F3 BEF P . 7.49 21.22 18.72
PB ADP Q . 27.05 13.03 -1.08
O1B ADP Q . 26.85 11.54 -1.00
O2B ADP Q . 25.94 13.86 -0.45
O3B ADP Q . 27.48 13.51 -2.44
PA ADP Q . 29.38 14.49 -0.37
O1A ADP Q . 30.39 14.02 -1.39
O2A ADP Q . 28.58 15.76 -0.53
O3A ADP Q . 28.33 13.28 -0.14
O5' ADP Q . 30.10 14.58 1.07
C5' ADP Q . 29.49 15.36 2.10
C4' ADP Q . 30.55 15.70 3.14
O4' ADP Q . 31.34 14.55 3.45
C3' ADP Q . 31.54 16.71 2.58
O3' ADP Q . 31.10 18.04 2.89
C2' ADP Q . 32.84 16.37 3.25
O2' ADP Q . 33.04 17.19 4.40
C1' ADP Q . 32.71 14.91 3.67
N9 ADP Q . 33.58 14.13 2.77
C8 ADP Q . 33.19 13.42 1.70
N7 ADP Q . 34.24 12.83 1.10
C5 ADP Q . 35.35 13.19 1.77
C6 ADP Q . 36.82 12.94 1.67
N6 ADP Q . 37.33 12.16 0.69
N1 ADP Q . 37.61 13.51 2.59
C2 ADP Q . 37.13 14.30 3.57
N3 ADP Q . 35.83 14.56 3.73
C4 ADP Q . 34.91 14.06 2.87
MG MG R . 26.24 15.01 -3.57
BE BEF S . 24.37 13.93 -1.24
F1 BEF S . 23.43 14.70 -0.31
F2 BEF S . 23.69 12.70 -1.92
F3 BEF S . 24.82 14.85 -2.40
PB ADP T . 24.06 -11.72 -13.95
O1B ADP T . 23.31 -12.42 -12.85
O2B ADP T . 24.04 -10.20 -13.90
O3B ADP T . 23.79 -12.28 -15.32
PA ADP T . 26.72 -12.24 -14.80
O1A ADP T . 26.62 -13.64 -15.38
O2A ADP T . 26.65 -11.00 -15.65
O3A ADP T . 25.60 -12.10 -13.65
O5' ADP T . 28.09 -12.12 -13.94
C5' ADP T . 28.60 -10.83 -13.65
C4' ADP T . 30.08 -10.96 -13.30
O4' ADP T . 30.30 -12.07 -12.41
C3' ADP T . 30.89 -11.30 -14.55
O3' ADP T . 31.35 -10.09 -15.16
C2' ADP T . 32.02 -12.16 -14.03
O2' ADP T . 33.18 -11.35 -13.80
C1' ADP T . 31.52 -12.73 -12.73
N9 ADP T . 31.25 -14.17 -12.97
C8 ADP T . 30.05 -14.74 -13.18
N7 ADP T . 30.18 -16.06 -13.39
C5 ADP T . 31.49 -16.38 -13.32
C6 ADP T . 32.31 -17.60 -13.45
N6 ADP T . 31.77 -18.82 -13.70
N1 ADP T . 33.65 -17.46 -13.31
C2 ADP T . 34.23 -16.27 -13.06
N3 ADP T . 33.55 -15.13 -12.94
C4 ADP T . 32.20 -15.12 -13.05
MG MG U . 22.97 -10.99 -16.97
BE BEF V . 22.54 -9.36 -14.26
F1 BEF V . 22.76 -7.88 -13.97
F2 BEF V . 21.13 -9.87 -13.81
F3 BEF V . 22.59 -9.61 -15.79
PB ADP W . -10.37 2.63 28.11
O1B ADP W . -11.11 1.65 27.22
O2B ADP W . -11.14 3.89 28.40
O3B ADP W . -8.93 2.88 27.73
PA ADP W . -11.37 2.00 30.69
O1A ADP W . -12.72 1.72 30.06
O2A ADP W . -11.09 3.26 31.47
O3A ADP W . -10.25 1.89 29.53
O5' ADP W . -11.03 0.72 31.61
C5' ADP W . -11.59 -0.55 31.26
C4' ADP W . -11.55 -1.44 32.50
O4' ADP W . -10.29 -1.34 33.16
C3' ADP W . -12.57 -0.98 33.51
O3' ADP W . -13.81 -1.65 33.29
C2' ADP W . -11.95 -1.32 34.85
O2' ADP W . -12.43 -2.59 35.30
C1' ADP W . -10.47 -1.41 34.58
N9 ADP W . -9.85 -0.22 35.21
C8 ADP W . -9.46 0.91 34.57
N7 ADP W . -8.95 1.80 35.45
C5 ADP W . -9.02 1.26 36.68
C6 ADP W . -8.67 1.67 38.06
N6 ADP W . -8.11 2.87 38.33
N1 ADP W . -8.92 0.78 39.06
C2 ADP W . -9.47 -0.43 38.82
N3 ADP W . -9.82 -0.85 37.60
C4 ADP W . -9.62 -0.07 36.51
MG MG X . -12.97 4.42 27.24
BE BEF Y . -11.53 2.13 25.59
F1 BEF Y . -12.12 0.90 24.89
F2 BEF Y . -10.58 2.94 24.66
F3 BEF Y . -12.66 3.10 25.98
#